data_7CQX
#
_entry.id   7CQX
#
_cell.length_a   113.446
_cell.length_b   177.555
_cell.length_c   190.524
_cell.angle_alpha   90.000
_cell.angle_beta   90.000
_cell.angle_gamma   90.000
#
_symmetry.space_group_name_H-M   'I 2 2 2'
#
loop_
_entity.id
_entity.type
_entity.pdbx_description
1 polymer 'Type III glutamate--ammonia ligase'
2 non-polymer "ADENOSINE-5'-DIPHOSPHATE"
3 water water
#
_entity_poly.entity_id   1
_entity_poly.type   'polypeptide(L)'
_entity_poly.pdbx_seq_one_letter_code
;MGSSHHHHHHSSGLVPRGSHMTDLASIAREKGIEFFLISFTDLLGVQRAKLVPARAIADMAVNGAGFAGFAAWLDMSPAD
ADILAIPDPESLIQLPWKPSVGWLAADVHFEGRPFPKAPRVALKSVLARAAGKDMHLKHGVECEFFLIQPDGSAISDPAD
TQAKPCYDQDALMRRFDVIAEICSYMVDLGWGPYQNDHEDANGQFEMNWDYADALVTADRHAFFKFMVKSVAERHGLRAT
FMPKPFAHLTGNGCHTHLSMWTAAGDNLFEGDGELGLSPTAYAFLGGLIGHAKGLTAVVNPTVNSYKRLNAPVTVSGATW
SPNTITYGGNNRTHMVRIPDAGRLELRLPDGAANPYLMPAAILAAGLDGIETQADPGQRLDIDMYVEGHSVEAEQLPLNL
LDAVRALEADEVLAGGLGAAAAAFAKFKRAEWADYKSQLTEWERRTTLDC
;
_entity_poly.pdbx_strand_id   A,B,C
#
loop_
_chem_comp.id
_chem_comp.type
_chem_comp.name
_chem_comp.formula
ADP non-polymer ADENOSINE-5'-DIPHOSPHATE 'C10 H15 N5 O10 P2'
#
# COMPACT_ATOMS: atom_id res chain seq x y z
N MET A 21 42.80 21.99 4.07
CA MET A 21 41.83 20.96 4.39
C MET A 21 42.17 19.63 3.72
N THR A 22 42.50 18.62 4.53
CA THR A 22 42.75 17.27 4.01
C THR A 22 41.45 16.60 3.55
N ASP A 23 41.56 15.39 3.01
CA ASP A 23 40.37 14.70 2.56
C ASP A 23 39.67 14.02 3.73
N LEU A 24 38.36 13.81 3.58
CA LEU A 24 37.57 13.14 4.60
C LEU A 24 38.03 11.70 4.80
N ALA A 25 38.52 11.06 3.74
CA ALA A 25 39.02 9.69 3.85
C ALA A 25 40.23 9.64 4.78
N SER A 26 41.10 10.63 4.67
CA SER A 26 42.28 10.69 5.51
C SER A 26 41.93 11.04 6.96
N ILE A 27 40.97 11.96 7.12
CA ILE A 27 40.48 12.32 8.45
C ILE A 27 39.81 11.11 9.11
N ALA A 28 39.06 10.35 8.31
CA ALA A 28 38.40 9.16 8.83
C ALA A 28 39.42 8.19 9.43
N ARG A 29 40.53 8.00 8.73
CA ARG A 29 41.57 7.07 9.18
C ARG A 29 42.22 7.55 10.46
N GLU A 30 42.44 8.86 10.54
CA GLU A 30 43.17 9.47 11.64
C GLU A 30 42.33 9.60 12.92
N LYS A 31 41.05 9.95 12.77
CA LYS A 31 40.23 10.20 13.95
C LYS A 31 39.29 9.04 14.31
N GLY A 32 39.42 7.93 13.59
CA GLY A 32 38.66 6.73 13.89
C GLY A 32 37.19 6.82 13.51
N ILE A 33 36.92 7.44 12.37
CA ILE A 33 35.55 7.55 11.86
C ILE A 33 35.24 6.39 10.91
N GLU A 34 34.21 5.60 11.26
CA GLU A 34 33.84 4.40 10.50
C GLU A 34 32.67 4.63 9.55
N PHE A 35 31.82 5.60 9.89
CA PHE A 35 30.68 5.94 9.06
C PHE A 35 30.53 7.44 9.01
N PHE A 36 30.03 7.94 7.90
CA PHE A 36 29.67 9.34 7.78
C PHE A 36 28.16 9.42 7.61
N LEU A 37 27.56 10.38 8.28
CA LEU A 37 26.16 10.70 8.02
C LEU A 37 26.18 11.89 7.08
N ILE A 38 25.85 11.67 5.82
CA ILE A 38 25.75 12.79 4.89
C ILE A 38 24.33 13.32 4.91
N SER A 39 24.18 14.59 5.26
CA SER A 39 22.90 15.10 5.70
C SER A 39 22.51 16.39 4.97
N PHE A 40 21.21 16.54 4.72
CA PHE A 40 20.70 17.84 4.29
C PHE A 40 19.32 18.09 4.88
N THR A 41 18.94 19.36 4.89
CA THR A 41 17.68 19.79 5.45
C THR A 41 16.70 20.07 4.33
N ASP A 42 15.53 19.44 4.38
CA ASP A 42 14.51 19.73 3.36
C ASP A 42 13.64 20.92 3.73
N LEU A 43 12.60 21.17 2.94
CA LEU A 43 11.78 22.36 3.09
C LEU A 43 11.03 22.38 4.42
N LEU A 44 10.79 21.21 5.00
CA LEU A 44 10.07 21.15 6.25
C LEU A 44 11.04 21.09 7.43
N GLY A 45 12.33 21.22 7.15
CA GLY A 45 13.31 21.24 8.21
C GLY A 45 13.75 19.84 8.60
N VAL A 46 13.19 18.83 7.94
CA VAL A 46 13.50 17.45 8.28
C VAL A 46 14.94 17.14 7.87
N GLN A 47 15.69 16.54 8.78
CA GLN A 47 17.07 16.14 8.50
C GLN A 47 17.06 14.83 7.71
N ARG A 48 17.53 14.88 6.47
CA ARG A 48 17.62 13.68 5.63
C ARG A 48 19.07 13.25 5.56
N ALA A 49 19.35 12.00 5.87
CA ALA A 49 20.74 11.60 5.88
C ALA A 49 20.90 10.20 5.34
N LYS A 50 22.15 9.89 5.04
CA LYS A 50 22.54 8.60 4.52
C LYS A 50 23.76 8.18 5.35
N LEU A 51 23.81 6.93 5.76
CA LEU A 51 24.97 6.42 6.50
C LEU A 51 25.93 5.67 5.58
N VAL A 52 27.10 6.26 5.35
CA VAL A 52 28.05 5.70 4.39
C VAL A 52 29.31 5.21 5.10
N PRO A 53 29.74 3.97 4.82
CA PRO A 53 30.99 3.52 5.45
C PRO A 53 32.15 4.39 4.96
N ALA A 54 33.18 4.53 5.79
CA ALA A 54 34.36 5.32 5.42
C ALA A 54 34.94 4.94 4.07
N ARG A 55 34.87 3.65 3.71
CA ARG A 55 35.45 3.22 2.43
C ARG A 55 34.85 3.97 1.24
N ALA A 56 33.68 4.57 1.42
CA ALA A 56 32.99 5.18 0.30
C ALA A 56 32.94 6.72 0.35
N ILE A 57 33.58 7.31 1.36
CA ILE A 57 33.42 8.75 1.56
C ILE A 57 34.12 9.59 0.49
N ALA A 58 35.23 9.08 -0.03
CA ALA A 58 36.04 9.83 -0.99
C ALA A 58 35.23 10.14 -2.25
N ASP A 59 34.59 9.10 -2.80
CA ASP A 59 33.78 9.28 -3.99
C ASP A 59 32.61 10.23 -3.72
N MET A 60 32.01 10.10 -2.54
CA MET A 60 30.81 10.87 -2.23
C MET A 60 31.10 12.33 -1.90
N ALA A 61 32.26 12.57 -1.28
CA ALA A 61 32.69 13.93 -1.03
C ALA A 61 32.79 14.70 -2.34
N VAL A 62 33.29 14.05 -3.39
CA VAL A 62 33.47 14.70 -4.68
C VAL A 62 32.20 14.66 -5.54
N ASN A 63 31.58 13.50 -5.63
CA ASN A 63 30.42 13.28 -6.50
C ASN A 63 29.06 13.49 -5.84
N GLY A 64 29.03 13.42 -4.51
CA GLY A 64 27.80 13.62 -3.78
C GLY A 64 27.10 12.31 -3.49
N ALA A 65 26.30 12.31 -2.42
CA ALA A 65 25.42 11.18 -2.13
C ALA A 65 24.13 11.32 -2.92
N GLY A 66 23.74 10.25 -3.62
CA GLY A 66 22.50 10.24 -4.37
C GLY A 66 21.27 10.00 -3.49
N PHE A 67 20.26 10.87 -3.65
CA PHE A 67 18.97 10.72 -3.00
C PHE A 67 17.89 10.95 -4.05
N ALA A 68 16.77 10.25 -3.94
CA ALA A 68 15.60 10.56 -4.75
C ALA A 68 14.87 11.74 -4.12
N GLY A 69 15.05 12.92 -4.71
CA GLY A 69 14.58 14.15 -4.11
C GLY A 69 13.08 14.18 -3.88
N PHE A 70 12.34 13.45 -4.70
CA PHE A 70 10.88 13.46 -4.59
C PHE A 70 10.42 12.88 -3.27
N ALA A 71 11.27 12.06 -2.65
CA ALA A 71 10.93 11.39 -1.39
C ALA A 71 11.18 12.27 -0.18
N ALA A 72 11.79 13.42 -0.38
CA ALA A 72 11.99 14.40 0.69
C ALA A 72 11.07 15.57 0.40
N TRP A 73 11.04 16.58 1.27
CA TRP A 73 10.25 17.77 1.00
C TRP A 73 11.06 18.75 0.12
N LEU A 74 11.08 18.49 -1.18
CA LEU A 74 11.87 19.29 -2.12
C LEU A 74 11.05 19.68 -3.34
N ASP A 75 9.80 19.26 -3.38
CA ASP A 75 8.90 19.57 -4.49
C ASP A 75 9.46 19.02 -5.81
N MET A 76 9.77 17.73 -5.81
CA MET A 76 10.33 17.07 -6.98
C MET A 76 9.50 15.89 -7.46
N SER A 77 9.81 15.39 -8.64
CA SER A 77 9.10 14.26 -9.21
C SER A 77 9.92 12.98 -9.11
N PRO A 78 9.21 11.84 -9.00
CA PRO A 78 9.88 10.54 -9.09
C PRO A 78 10.57 10.37 -10.45
N ALA A 79 10.11 11.10 -11.46
CA ALA A 79 10.70 11.01 -12.79
C ALA A 79 12.00 11.81 -12.94
N ASP A 80 12.32 12.62 -11.93
CA ASP A 80 13.54 13.43 -11.97
C ASP A 80 14.76 12.58 -11.67
N ALA A 81 15.91 12.96 -12.23
CA ALA A 81 17.17 12.35 -11.83
C ALA A 81 17.39 12.53 -10.32
N ASP A 82 18.13 11.60 -9.71
CA ASP A 82 18.49 11.69 -8.31
C ASP A 82 19.26 12.98 -8.09
N ILE A 83 19.00 13.63 -6.96
CA ILE A 83 19.84 14.76 -6.56
C ILE A 83 21.14 14.22 -5.99
N LEU A 84 22.16 15.06 -6.00
CA LEU A 84 23.43 14.71 -5.39
C LEU A 84 23.72 15.68 -4.26
N ALA A 85 23.76 15.14 -3.04
CA ALA A 85 24.06 15.97 -1.88
C ALA A 85 25.56 15.99 -1.68
N ILE A 86 26.14 17.16 -1.86
CA ILE A 86 27.59 17.31 -1.78
C ILE A 86 27.96 17.86 -0.42
N PRO A 87 28.73 17.07 0.33
CA PRO A 87 29.10 17.38 1.72
C PRO A 87 30.01 18.59 1.79
N ASP A 88 29.74 19.48 2.75
CA ASP A 88 30.65 20.56 3.08
C ASP A 88 31.62 20.02 4.11
N PRO A 89 32.84 19.68 3.69
CA PRO A 89 33.81 19.05 4.60
C PRO A 89 34.11 19.91 5.83
N GLU A 90 33.87 21.22 5.73
CA GLU A 90 34.09 22.13 6.83
C GLU A 90 33.04 22.00 7.91
N SER A 91 31.97 21.29 7.61
CA SER A 91 30.87 21.14 8.56
C SER A 91 31.06 19.92 9.45
N LEU A 92 32.05 19.09 9.12
CA LEU A 92 32.26 17.81 9.80
C LEU A 92 32.15 17.87 11.31
N ILE A 93 31.29 17.02 11.88
CA ILE A 93 31.18 16.88 13.32
C ILE A 93 31.16 15.42 13.73
N GLN A 94 32.22 14.95 14.38
CA GLN A 94 32.19 13.63 14.97
C GLN A 94 31.14 13.66 16.06
N LEU A 95 30.12 12.80 15.97
CA LEU A 95 29.06 12.82 16.98
C LEU A 95 29.72 12.73 18.35
N PRO A 96 29.51 13.75 19.18
CA PRO A 96 30.21 13.68 20.47
C PRO A 96 29.81 12.47 21.31
N TRP A 97 28.58 12.00 21.19
CA TRP A 97 28.12 10.84 21.94
C TRP A 97 28.46 9.53 21.20
N LYS A 98 28.97 9.67 19.97
CA LYS A 98 29.34 8.49 19.17
C LYS A 98 30.37 8.88 18.11
N PRO A 99 31.62 9.10 18.53
CA PRO A 99 32.61 9.76 17.68
C PRO A 99 33.02 8.95 16.45
N SER A 100 32.69 7.66 16.41
CA SER A 100 32.97 6.86 15.21
C SER A 100 32.02 7.20 14.05
N VAL A 101 31.12 8.14 14.26
CA VAL A 101 30.26 8.61 13.17
C VAL A 101 30.53 10.09 12.90
N GLY A 102 30.73 10.42 11.62
CA GLY A 102 30.99 11.79 11.22
C GLY A 102 29.81 12.41 10.48
N TRP A 103 29.23 13.44 11.08
CA TRP A 103 28.11 14.16 10.49
C TRP A 103 28.58 15.29 9.56
N LEU A 104 27.93 15.40 8.40
CA LEU A 104 28.24 16.44 7.43
C LEU A 104 26.96 17.08 6.94
N ALA A 105 26.95 18.41 6.87
CA ALA A 105 25.87 19.12 6.19
C ALA A 105 26.19 19.18 4.70
N ALA A 106 25.16 19.19 3.87
CA ALA A 106 25.36 19.11 2.44
C ALA A 106 24.48 20.04 1.64
N ASP A 107 24.98 20.45 0.48
CA ASP A 107 24.19 21.19 -0.50
C ASP A 107 23.63 20.17 -1.48
N VAL A 108 22.31 20.21 -1.67
CA VAL A 108 21.67 19.39 -2.67
C VAL A 108 21.93 19.97 -4.06
N HIS A 109 22.50 19.15 -4.94
CA HIS A 109 22.72 19.56 -6.34
C HIS A 109 21.77 18.78 -7.26
N PHE A 110 21.32 19.43 -8.32
CA PHE A 110 20.46 18.79 -9.32
C PHE A 110 20.90 19.21 -10.72
N GLU A 111 21.18 18.24 -11.57
CA GLU A 111 21.66 18.50 -12.93
C GLU A 111 22.85 19.45 -12.92
N GLY A 112 23.83 19.16 -12.08
CA GLY A 112 25.11 19.84 -12.09
C GLY A 112 25.17 21.18 -11.40
N ARG A 113 24.09 21.60 -10.78
CA ARG A 113 24.04 22.90 -10.12
C ARG A 113 23.34 22.79 -8.76
N PRO A 114 23.69 23.67 -7.80
CA PRO A 114 22.95 23.66 -6.53
C PRO A 114 21.46 23.80 -6.83
N PHE A 115 20.63 23.04 -6.12
CA PHE A 115 19.20 23.03 -6.36
C PHE A 115 18.54 24.15 -5.55
N PRO A 116 17.99 25.16 -6.23
CA PRO A 116 17.51 26.37 -5.54
C PRO A 116 16.38 26.10 -4.55
N LYS A 117 15.74 24.93 -4.61
CA LYS A 117 14.68 24.64 -3.64
C LYS A 117 15.21 24.10 -2.29
N ALA A 118 16.47 23.67 -2.24
CA ALA A 118 17.04 23.20 -0.98
C ALA A 118 17.38 24.39 -0.07
N PRO A 119 16.79 24.41 1.13
CA PRO A 119 17.01 25.48 2.12
C PRO A 119 18.44 25.99 2.22
N ARG A 120 19.43 25.11 2.38
CA ARG A 120 20.80 25.56 2.60
C ARG A 120 21.38 26.24 1.36
N VAL A 121 20.96 25.79 0.18
CA VAL A 121 21.35 26.41 -1.08
C VAL A 121 20.68 27.78 -1.22
N ALA A 122 19.43 27.86 -0.79
CA ALA A 122 18.74 29.15 -0.80
C ALA A 122 19.49 30.14 0.11
N LEU A 123 19.82 29.71 1.32
CA LEU A 123 20.52 30.57 2.25
C LEU A 123 21.85 31.04 1.66
N LYS A 124 22.60 30.13 1.04
CA LYS A 124 23.91 30.48 0.51
C LYS A 124 23.80 31.51 -0.62
N SER A 125 22.69 31.49 -1.34
CA SER A 125 22.49 32.42 -2.43
C SER A 125 22.29 33.85 -1.90
N VAL A 126 21.42 33.99 -0.91
CA VAL A 126 21.18 35.30 -0.31
C VAL A 126 22.47 35.82 0.32
N LEU A 127 23.19 34.95 1.02
CA LEU A 127 24.45 35.35 1.63
C LEU A 127 25.42 35.90 0.57
N ALA A 128 25.48 35.25 -0.59
CA ALA A 128 26.37 35.65 -1.67
C ALA A 128 26.02 37.03 -2.24
N ARG A 129 24.73 37.34 -2.29
CA ARG A 129 24.29 38.67 -2.68
C ARG A 129 24.73 39.71 -1.66
N ALA A 130 24.51 39.44 -0.37
CA ALA A 130 24.92 40.36 0.68
C ALA A 130 26.44 40.48 0.69
N ALA A 131 27.09 39.33 0.57
CA ALA A 131 28.55 39.27 0.59
C ALA A 131 29.14 40.13 -0.53
N GLY A 132 28.54 40.06 -1.71
CA GLY A 132 28.96 40.89 -2.84
C GLY A 132 28.98 42.38 -2.50
N LYS A 133 28.06 42.80 -1.64
CA LYS A 133 28.00 44.19 -1.18
C LYS A 133 28.80 44.39 0.11
N ASP A 134 29.69 43.43 0.39
CA ASP A 134 30.50 43.43 1.61
C ASP A 134 29.64 43.51 2.88
N MET A 135 28.52 42.80 2.88
CA MET A 135 27.68 42.70 4.06
C MET A 135 27.54 41.24 4.50
N HIS A 136 27.98 40.95 5.71
CA HIS A 136 28.02 39.57 6.17
C HIS A 136 27.11 39.37 7.36
N LEU A 137 26.06 38.59 7.14
CA LEU A 137 25.08 38.36 8.20
C LEU A 137 25.64 37.43 9.26
N LYS A 138 25.51 37.83 10.52
CA LYS A 138 25.81 36.96 11.64
C LYS A 138 24.58 36.87 12.51
N HIS A 139 24.27 35.67 12.99
CA HIS A 139 23.14 35.52 13.89
C HIS A 139 23.35 34.49 14.99
N GLY A 140 22.54 34.63 16.03
CA GLY A 140 22.50 33.69 17.12
C GLY A 140 21.04 33.31 17.25
N VAL A 141 20.80 32.08 17.68
CA VAL A 141 19.45 31.56 17.81
C VAL A 141 19.23 31.15 19.25
N GLU A 142 18.04 31.44 19.76
CA GLU A 142 17.63 30.98 21.08
C GLU A 142 16.64 29.82 20.93
N CYS A 143 17.17 28.61 20.79
CA CYS A 143 16.33 27.45 20.48
C CYS A 143 15.78 26.83 21.74
N GLU A 144 14.67 27.36 22.24
CA GLU A 144 13.98 26.74 23.36
C GLU A 144 13.48 25.37 22.92
N PHE A 145 13.41 24.45 23.88
CA PHE A 145 12.80 23.14 23.64
C PHE A 145 12.19 22.64 24.95
N PHE A 146 11.34 21.62 24.85
CA PHE A 146 10.81 20.94 26.03
C PHE A 146 11.48 19.60 26.20
N LEU A 147 11.72 19.20 27.43
CA LEU A 147 12.09 17.80 27.69
C LEU A 147 10.81 17.07 28.13
N ILE A 148 10.45 16.03 27.36
CA ILE A 148 9.18 15.33 27.57
C ILE A 148 9.32 13.80 27.70
N GLN A 149 8.25 13.14 28.14
CA GLN A 149 8.19 11.68 28.15
C GLN A 149 8.33 11.15 26.73
N PRO A 150 8.92 9.96 26.59
CA PRO A 150 9.05 9.35 25.26
C PRO A 150 7.73 9.29 24.48
N ASP A 151 6.59 9.04 25.15
CA ASP A 151 5.33 8.96 24.43
C ASP A 151 4.73 10.34 24.14
N GLY A 152 5.41 11.41 24.57
CA GLY A 152 5.02 12.77 24.26
C GLY A 152 3.85 13.34 25.06
N SER A 153 3.33 12.57 26.02
CA SER A 153 2.07 12.92 26.67
C SER A 153 2.21 13.98 27.77
N ALA A 154 3.41 14.13 28.31
CA ALA A 154 3.62 15.07 29.40
C ALA A 154 5.09 15.44 29.41
N ILE A 155 5.45 16.44 30.21
CA ILE A 155 6.86 16.82 30.33
C ILE A 155 7.62 15.73 31.05
N SER A 156 8.94 15.75 30.95
CA SER A 156 9.75 14.69 31.53
C SER A 156 9.82 14.75 33.07
N ASP A 157 9.54 15.91 33.68
CA ASP A 157 9.73 16.06 35.13
C ASP A 157 8.40 16.33 35.84
N PRO A 158 7.80 15.28 36.42
CA PRO A 158 6.50 15.40 37.10
C PRO A 158 6.55 16.35 38.30
N ALA A 159 7.75 16.64 38.82
CA ALA A 159 7.90 17.52 39.98
C ALA A 159 8.08 18.99 39.59
N ASP A 160 8.08 19.27 38.28
CA ASP A 160 8.21 20.65 37.77
C ASP A 160 6.82 21.23 37.52
N THR A 161 6.22 21.84 38.55
CA THR A 161 4.78 22.10 38.55
C THR A 161 4.36 23.53 38.90
N GLN A 162 5.25 24.26 39.58
CA GLN A 162 4.88 25.59 40.07
C GLN A 162 4.49 26.59 38.98
N ALA A 163 3.70 27.59 39.37
CA ALA A 163 3.15 28.59 38.46
C ALA A 163 4.22 29.39 37.70
N LYS A 164 5.27 29.85 38.39
CA LYS A 164 6.38 30.53 37.72
C LYS A 164 7.63 29.69 37.82
N PRO A 165 7.86 28.83 36.82
CA PRO A 165 8.97 27.88 36.87
C PRO A 165 10.24 28.45 36.26
N CYS A 166 10.19 29.64 35.68
CA CYS A 166 11.35 30.13 34.96
C CYS A 166 12.60 30.18 35.85
N TYR A 167 13.72 29.71 35.31
CA TYR A 167 14.99 29.65 36.06
C TYR A 167 14.92 28.80 37.36
N ASP A 168 13.92 27.93 37.48
CA ASP A 168 13.80 27.11 38.68
C ASP A 168 15.06 26.27 38.92
N GLN A 169 15.82 26.64 39.94
CA GLN A 169 17.05 25.92 40.29
C GLN A 169 16.85 24.41 40.51
N ASP A 170 15.78 24.05 41.24
CA ASP A 170 15.51 22.63 41.51
C ASP A 170 15.29 21.85 40.23
N ALA A 171 14.33 22.27 39.42
CA ALA A 171 14.04 21.56 38.17
C ALA A 171 15.21 21.60 37.19
N LEU A 172 15.97 22.70 37.19
CA LEU A 172 17.15 22.77 36.30
C LEU A 172 18.14 21.69 36.67
N MET A 173 18.43 21.58 37.95
CA MET A 173 19.42 20.62 38.41
C MET A 173 18.88 19.19 38.33
N ARG A 174 17.57 19.01 38.32
CA ARG A 174 17.01 17.67 38.14
C ARG A 174 17.34 17.13 36.74
N ARG A 175 17.62 18.03 35.79
CA ARG A 175 17.99 17.64 34.44
C ARG A 175 19.44 18.00 34.13
N PHE A 176 20.24 18.10 35.18
CA PHE A 176 21.66 18.43 35.02
C PHE A 176 22.36 17.42 34.09
N ASP A 177 22.13 16.13 34.28
CA ASP A 177 22.85 15.13 33.49
C ASP A 177 22.71 15.41 31.99
N VAL A 178 21.48 15.55 31.53
CA VAL A 178 21.24 15.76 30.10
C VAL A 178 21.75 17.12 29.61
N ILE A 179 21.41 18.18 30.34
CA ILE A 179 21.84 19.54 29.99
C ILE A 179 23.36 19.70 30.00
N ALA A 180 23.99 19.27 31.08
CA ALA A 180 25.44 19.37 31.23
C ALA A 180 26.19 18.58 30.16
N GLU A 181 25.70 17.38 29.85
CA GLU A 181 26.32 16.58 28.79
C GLU A 181 26.30 17.37 27.48
N ILE A 182 25.14 17.91 27.13
CA ILE A 182 25.03 18.61 25.87
C ILE A 182 25.89 19.88 25.84
N CYS A 183 25.87 20.66 26.90
CA CYS A 183 26.66 21.89 26.97
C CYS A 183 28.15 21.57 26.86
N SER A 184 28.58 20.52 27.53
CA SER A 184 29.97 20.13 27.46
C SER A 184 30.37 19.73 26.04
N TYR A 185 29.45 19.11 25.29
CA TYR A 185 29.71 18.82 23.88
C TYR A 185 29.95 20.13 23.13
N MET A 186 29.10 21.12 23.40
CA MET A 186 29.21 22.41 22.71
C MET A 186 30.50 23.14 23.04
N VAL A 187 30.98 22.99 24.27
CA VAL A 187 32.30 23.50 24.64
C VAL A 187 33.37 22.87 23.73
N ASP A 188 33.39 21.53 23.70
CA ASP A 188 34.38 20.78 22.91
C ASP A 188 34.30 21.10 21.41
N LEU A 189 33.09 21.32 20.90
CA LEU A 189 32.92 21.59 19.47
C LEU A 189 33.33 23.00 19.10
N GLY A 190 33.52 23.84 20.12
CA GLY A 190 33.97 25.20 19.92
C GLY A 190 32.86 26.19 19.62
N TRP A 191 31.63 25.88 20.00
CA TRP A 191 30.50 26.78 19.74
C TRP A 191 30.49 27.97 20.70
N GLY A 192 31.33 27.95 21.73
CA GLY A 192 31.27 28.93 22.80
C GLY A 192 29.92 29.02 23.51
N PRO A 193 29.46 27.92 24.13
CA PRO A 193 28.22 27.99 24.91
C PRO A 193 28.46 28.82 26.18
N TYR A 194 27.48 29.56 26.67
CA TYR A 194 27.72 30.40 27.84
C TYR A 194 26.63 30.35 28.92
N GLN A 195 25.46 29.80 28.62
CA GLN A 195 24.41 29.69 29.63
C GLN A 195 23.36 28.64 29.29
N ASN A 196 22.87 27.95 30.32
CA ASN A 196 21.74 27.04 30.21
C ASN A 196 20.68 27.44 31.21
N ASP A 197 19.45 27.57 30.75
CA ASP A 197 18.37 28.01 31.62
C ASP A 197 17.17 27.09 31.57
N HIS A 198 16.43 27.07 32.66
CA HIS A 198 15.07 26.58 32.64
C HIS A 198 14.23 27.76 32.18
N GLU A 199 13.44 27.57 31.13
CA GLU A 199 12.63 28.65 30.59
C GLU A 199 11.29 28.79 31.31
N ASP A 200 10.37 29.61 30.79
CA ASP A 200 9.20 29.98 31.60
C ASP A 200 7.98 29.05 31.49
N ALA A 201 8.13 27.93 30.81
CA ALA A 201 7.11 26.90 30.87
C ALA A 201 7.68 25.75 31.66
N ASN A 202 6.85 25.04 32.42
CA ASN A 202 7.31 23.80 33.04
C ASN A 202 7.89 22.89 31.97
N GLY A 203 9.05 22.29 32.25
CA GLY A 203 9.65 21.33 31.36
C GLY A 203 10.45 21.92 30.22
N GLN A 204 10.50 23.25 30.13
CA GLN A 204 11.15 23.93 29.01
C GLN A 204 12.56 24.43 29.37
N PHE A 205 13.48 24.29 28.43
CA PHE A 205 14.88 24.66 28.65
C PHE A 205 15.44 25.44 27.45
N GLU A 206 16.56 26.11 27.67
CA GLU A 206 17.26 26.81 26.62
C GLU A 206 18.76 26.74 26.89
N MET A 207 19.54 26.56 25.81
CA MET A 207 20.98 26.49 25.91
C MET A 207 21.57 27.38 24.81
N ASN A 208 22.18 28.50 25.24
CA ASN A 208 22.72 29.49 24.30
C ASN A 208 24.19 29.28 23.95
N TRP A 209 24.55 29.66 22.74
CA TRP A 209 25.95 29.69 22.34
C TRP A 209 26.26 30.90 21.43
N ASP A 210 27.54 31.19 21.22
CA ASP A 210 27.96 32.40 20.52
C ASP A 210 27.38 32.51 19.10
N TYR A 211 27.03 33.73 18.71
CA TYR A 211 26.62 33.98 17.33
C TYR A 211 27.79 33.75 16.39
N ALA A 212 27.49 33.62 15.10
CA ALA A 212 28.53 33.35 14.12
C ALA A 212 28.02 33.75 12.75
N ASP A 213 28.87 33.60 11.74
CA ASP A 213 28.43 33.77 10.36
C ASP A 213 27.17 32.94 10.15
N ALA A 214 26.20 33.51 9.47
CA ALA A 214 24.90 32.86 9.29
C ALA A 214 25.01 31.37 8.91
N LEU A 215 25.86 31.03 7.95
CA LEU A 215 25.94 29.64 7.50
C LEU A 215 26.44 28.74 8.62
N VAL A 216 27.40 29.23 9.39
CA VAL A 216 27.92 28.48 10.53
C VAL A 216 26.81 28.23 11.56
N THR A 217 26.09 29.30 11.90
CA THR A 217 25.01 29.20 12.87
C THR A 217 23.91 28.25 12.37
N ALA A 218 23.53 28.41 11.11
CA ALA A 218 22.53 27.54 10.49
C ALA A 218 22.92 26.05 10.59
N ASP A 219 24.15 25.72 10.20
CA ASP A 219 24.64 24.35 10.34
C ASP A 219 24.58 23.88 11.79
N ARG A 220 24.93 24.78 12.73
CA ARG A 220 24.97 24.44 14.15
C ARG A 220 23.57 24.21 14.69
N HIS A 221 22.67 25.12 14.31
CA HIS A 221 21.27 25.04 14.67
C HIS A 221 20.67 23.71 14.20
N ALA A 222 20.94 23.33 12.95
CA ALA A 222 20.45 22.03 12.44
C ALA A 222 21.04 20.86 13.24
N PHE A 223 22.34 20.93 13.51
CA PHE A 223 22.95 19.85 14.26
C PHE A 223 22.45 19.85 15.71
N PHE A 224 22.29 21.03 16.28
CA PHE A 224 21.89 21.17 17.68
C PHE A 224 20.57 20.45 17.98
N LYS A 225 19.53 20.70 17.18
CA LYS A 225 18.27 20.00 17.36
C LYS A 225 18.47 18.47 17.36
N PHE A 226 19.28 18.00 16.42
CA PHE A 226 19.56 16.57 16.32
C PHE A 226 20.31 16.05 17.54
N MET A 227 21.26 16.84 18.04
CA MET A 227 22.02 16.41 19.20
C MET A 227 21.14 16.35 20.44
N VAL A 228 20.29 17.37 20.61
CA VAL A 228 19.42 17.43 21.78
C VAL A 228 18.43 16.28 21.77
N LYS A 229 17.81 16.03 20.62
CA LYS A 229 16.87 14.92 20.51
C LYS A 229 17.57 13.60 20.75
N SER A 230 18.77 13.45 20.22
CA SER A 230 19.53 12.21 20.35
C SER A 230 19.96 11.95 21.79
N VAL A 231 20.49 12.97 22.43
CA VAL A 231 20.98 12.81 23.79
C VAL A 231 19.84 12.60 24.78
N ALA A 232 18.73 13.32 24.58
CA ALA A 232 17.55 13.11 25.38
C ALA A 232 17.12 11.63 25.33
N GLU A 233 17.06 11.09 24.12
CA GLU A 233 16.68 9.69 23.94
C GLU A 233 17.60 8.74 24.69
N ARG A 234 18.89 9.06 24.73
CA ARG A 234 19.84 8.20 25.41
C ARG A 234 19.58 8.26 26.93
N HIS A 235 18.96 9.34 27.38
CA HIS A 235 18.65 9.46 28.80
C HIS A 235 17.23 8.97 29.10
N GLY A 236 16.61 8.34 28.11
CA GLY A 236 15.26 7.83 28.28
C GLY A 236 14.22 8.94 28.26
N LEU A 237 14.59 10.10 27.73
CA LEU A 237 13.67 11.20 27.57
C LEU A 237 13.46 11.50 26.10
N ARG A 238 12.85 12.65 25.81
CA ARG A 238 12.58 13.08 24.45
C ARG A 238 12.56 14.61 24.43
N ALA A 239 13.04 15.19 23.34
CA ALA A 239 13.03 16.63 23.25
C ALA A 239 12.11 17.04 22.12
N THR A 240 11.40 18.14 22.29
CA THR A 240 10.62 18.67 21.18
C THR A 240 10.81 20.17 21.02
N PHE A 241 10.96 20.61 19.77
CA PHE A 241 11.04 22.03 19.40
C PHE A 241 9.71 22.53 18.86
N MET A 242 8.68 21.72 19.03
CA MET A 242 7.32 22.08 18.64
C MET A 242 6.92 23.44 19.21
N PRO A 243 6.26 24.29 18.40
CA PRO A 243 5.92 25.63 18.86
C PRO A 243 5.03 25.65 20.10
N LYS A 244 3.99 24.81 20.11
CA LYS A 244 3.04 24.82 21.21
C LYS A 244 2.61 23.38 21.51
N PRO A 245 3.49 22.61 22.19
CA PRO A 245 3.26 21.17 22.40
C PRO A 245 2.22 20.82 23.49
N PHE A 246 1.94 21.74 24.39
CA PHE A 246 0.98 21.50 25.48
C PHE A 246 -0.05 22.62 25.58
N ALA A 247 -1.32 22.23 25.69
CA ALA A 247 -2.43 23.18 25.76
C ALA A 247 -2.30 24.19 26.90
N HIS A 248 -1.72 23.77 28.01
CA HIS A 248 -1.74 24.57 29.24
C HIS A 248 -0.43 25.33 29.49
N LEU A 249 0.53 25.20 28.57
CA LEU A 249 1.83 25.83 28.75
C LEU A 249 2.14 26.73 27.57
N THR A 250 2.97 27.74 27.79
CA THR A 250 3.45 28.59 26.70
C THR A 250 4.37 27.75 25.80
N GLY A 251 4.80 28.32 24.68
CA GLY A 251 5.51 27.56 23.66
C GLY A 251 6.99 27.85 23.46
N ASN A 252 7.53 27.26 22.38
CA ASN A 252 8.93 27.34 22.05
C ASN A 252 9.15 28.42 21.00
N GLY A 253 9.96 29.42 21.34
CA GLY A 253 10.38 30.39 20.34
C GLY A 253 11.70 29.98 19.72
N CYS A 254 12.12 30.70 18.70
CA CYS A 254 13.51 30.67 18.26
C CYS A 254 13.91 32.11 17.94
N HIS A 255 13.93 32.96 18.96
CA HIS A 255 14.28 34.37 18.77
C HIS A 255 15.69 34.44 18.20
N THR A 256 15.88 35.33 17.23
CA THR A 256 17.09 35.36 16.43
C THR A 256 17.80 36.71 16.59
N HIS A 257 19.10 36.66 16.85
CA HIS A 257 19.89 37.88 17.01
C HIS A 257 20.70 38.13 15.75
N LEU A 258 20.67 39.38 15.28
CA LEU A 258 21.11 39.71 13.92
C LEU A 258 22.05 40.91 13.89
N SER A 259 23.14 40.78 13.16
CA SER A 259 24.01 41.91 12.87
C SER A 259 24.69 41.69 11.53
N MET A 260 25.16 42.78 10.92
CA MET A 260 25.83 42.71 9.63
C MET A 260 27.25 43.22 9.75
N TRP A 261 28.19 42.53 9.12
CA TRP A 261 29.59 42.86 9.29
C TRP A 261 30.29 43.00 7.95
N THR A 262 31.34 43.82 7.94
CA THR A 262 32.20 43.92 6.76
C THR A 262 33.25 42.81 6.84
N ALA A 263 33.88 42.49 5.72
CA ALA A 263 34.94 41.49 5.74
C ALA A 263 36.09 41.97 6.63
N ALA A 264 36.21 43.28 6.79
CA ALA A 264 37.25 43.86 7.64
C ALA A 264 36.93 43.77 9.14
N GLY A 265 35.79 43.19 9.47
CA GLY A 265 35.44 42.96 10.86
C GLY A 265 34.76 44.11 11.61
N ASP A 266 34.09 45.00 10.88
CA ASP A 266 33.30 46.03 11.54
C ASP A 266 31.80 45.76 11.45
N ASN A 267 31.11 46.00 12.56
CA ASN A 267 29.67 45.77 12.65
C ASN A 267 28.89 46.95 12.11
N LEU A 268 28.42 46.83 10.87
CA LEU A 268 27.65 47.87 10.21
C LEU A 268 26.45 48.36 11.04
N PHE A 269 26.05 47.59 12.03
CA PHE A 269 24.88 47.94 12.84
C PHE A 269 25.23 48.91 13.96
N GLU A 270 26.49 48.94 14.34
CA GLU A 270 26.95 49.86 15.36
C GLU A 270 26.97 51.28 14.81
N GLY A 271 26.35 52.22 15.52
CA GLY A 271 26.30 53.59 15.06
C GLY A 271 25.94 54.62 16.12
N ASP A 272 25.78 55.87 15.70
CA ASP A 272 25.51 56.96 16.64
C ASP A 272 24.06 57.41 16.66
N GLY A 273 23.21 56.72 15.91
CA GLY A 273 21.78 56.96 15.96
C GLY A 273 21.21 56.47 17.28
N GLU A 274 19.88 56.38 17.35
CA GLU A 274 19.22 55.91 18.56
C GLU A 274 19.76 54.57 19.04
N LEU A 275 19.98 54.48 20.35
CA LEU A 275 20.33 53.22 21.01
C LEU A 275 21.61 52.59 20.48
N GLY A 276 22.45 53.40 19.86
CA GLY A 276 23.73 52.93 19.37
C GLY A 276 23.62 52.18 18.06
N LEU A 277 22.50 52.38 17.36
CA LEU A 277 22.29 51.75 16.07
C LEU A 277 22.56 52.72 14.92
N SER A 278 23.03 52.18 13.80
CA SER A 278 23.35 52.97 12.63
C SER A 278 22.16 53.06 11.68
N PRO A 279 22.28 53.89 10.63
CA PRO A 279 21.28 53.96 9.56
C PRO A 279 21.09 52.63 8.82
N THR A 280 22.17 51.89 8.61
CA THR A 280 22.05 50.59 7.97
C THR A 280 21.13 49.66 8.80
N ALA A 281 21.39 49.59 10.10
CA ALA A 281 20.56 48.80 10.99
C ALA A 281 19.08 49.18 10.87
N TYR A 282 18.79 50.48 10.97
CA TYR A 282 17.41 50.93 10.92
C TYR A 282 16.74 50.68 9.57
N ALA A 283 17.51 50.69 8.49
CA ALA A 283 16.98 50.34 7.18
C ALA A 283 16.73 48.82 7.07
N PHE A 284 17.67 48.02 7.58
CA PHE A 284 17.48 46.59 7.71
C PHE A 284 16.19 46.35 8.51
N LEU A 285 16.09 46.99 9.67
CA LEU A 285 14.90 46.91 10.50
C LEU A 285 13.66 47.22 9.68
N GLY A 286 13.72 48.28 8.87
CA GLY A 286 12.60 48.69 8.05
C GLY A 286 12.17 47.61 7.06
N GLY A 287 13.11 46.78 6.64
CA GLY A 287 12.77 45.66 5.78
C GLY A 287 12.03 44.60 6.59
N LEU A 288 12.49 44.40 7.83
CA LEU A 288 11.86 43.44 8.73
C LEU A 288 10.41 43.85 8.94
N ILE A 289 10.21 45.10 9.34
CA ILE A 289 8.88 45.63 9.57
C ILE A 289 8.07 45.57 8.30
N GLY A 290 8.66 46.04 7.20
CA GLY A 290 7.98 46.10 5.92
C GLY A 290 7.56 44.75 5.36
N HIS A 291 8.31 43.70 5.68
CA HIS A 291 8.07 42.39 5.12
C HIS A 291 7.58 41.38 6.17
N ALA A 292 7.15 41.89 7.33
CA ALA A 292 6.82 41.07 8.47
C ALA A 292 5.77 40.01 8.18
N LYS A 293 4.72 40.40 7.48
CA LYS A 293 3.60 39.50 7.21
C LYS A 293 3.98 38.22 6.45
N GLY A 294 4.62 38.37 5.29
CA GLY A 294 5.06 37.21 4.54
C GLY A 294 6.18 36.46 5.25
N LEU A 295 6.98 37.19 6.01
CA LEU A 295 8.07 36.62 6.76
C LEU A 295 7.53 35.63 7.81
N THR A 296 6.35 35.95 8.35
CA THR A 296 5.67 35.09 9.30
C THR A 296 5.47 33.65 8.78
N ALA A 297 5.08 33.52 7.50
CA ALA A 297 4.85 32.21 6.92
C ALA A 297 6.06 31.32 7.07
N VAL A 298 7.24 31.91 6.88
CA VAL A 298 8.49 31.15 6.94
C VAL A 298 8.99 30.89 8.37
N VAL A 299 8.84 31.86 9.26
CA VAL A 299 9.38 31.70 10.60
C VAL A 299 8.34 31.19 11.62
N ASN A 300 7.08 31.13 11.20
CA ASN A 300 6.00 30.41 11.90
C ASN A 300 5.35 29.43 10.90
N PRO A 301 6.09 28.38 10.51
CA PRO A 301 5.76 27.59 9.32
C PRO A 301 4.74 26.44 9.47
N THR A 302 4.13 26.26 10.64
CA THR A 302 3.16 25.17 10.85
C THR A 302 1.80 25.69 11.32
N VAL A 303 0.76 24.90 11.15
CA VAL A 303 -0.55 25.28 11.66
C VAL A 303 -0.43 25.62 13.14
N ASN A 304 0.28 24.76 13.86
CA ASN A 304 0.48 24.87 15.31
C ASN A 304 1.11 26.20 15.74
N SER A 305 2.00 26.73 14.90
CA SER A 305 2.69 27.99 15.14
C SER A 305 1.76 29.12 15.54
N TYR A 306 0.57 29.15 14.95
CA TYR A 306 -0.31 30.31 15.08
C TYR A 306 -1.01 30.48 16.43
N LYS A 307 -0.95 29.43 17.23
CA LYS A 307 -1.46 29.50 18.59
C LYS A 307 -0.74 30.59 19.40
N ARG A 308 0.55 30.78 19.12
CA ARG A 308 1.36 31.78 19.82
C ARG A 308 1.06 33.21 19.39
N LEU A 309 0.35 33.37 18.27
CA LEU A 309 -0.02 34.69 17.79
C LEU A 309 -1.46 35.06 18.15
N ASN A 310 -2.17 34.16 18.81
CA ASN A 310 -3.56 34.42 19.20
C ASN A 310 -3.78 34.37 20.72
N ALA A 311 -2.89 33.70 21.42
CA ALA A 311 -2.83 33.76 22.89
C ALA A 311 -3.43 35.05 23.47
N SER A 321 -3.62 38.22 21.05
CA SER A 321 -3.22 39.44 21.75
C SER A 321 -1.98 40.12 21.14
N PRO A 322 -0.78 39.56 21.39
CA PRO A 322 0.45 40.26 20.99
C PRO A 322 0.83 39.94 19.56
N ASN A 323 0.04 40.40 18.60
CA ASN A 323 0.25 39.98 17.23
C ASN A 323 0.48 41.11 16.24
N THR A 324 0.91 42.27 16.73
CA THR A 324 1.12 43.42 15.85
C THR A 324 2.58 43.63 15.50
N ILE A 325 2.81 44.51 14.53
CA ILE A 325 4.14 44.74 14.00
C ILE A 325 4.71 46.07 14.50
N THR A 326 5.65 45.96 15.45
CA THR A 326 6.30 47.12 16.06
C THR A 326 7.67 46.72 16.60
N TYR A 327 8.47 47.73 16.94
CA TYR A 327 9.66 47.56 17.77
C TYR A 327 9.59 48.68 18.82
N GLY A 328 10.41 48.67 19.86
CA GLY A 328 11.63 47.91 19.98
C GLY A 328 12.27 48.44 21.25
N GLY A 329 13.57 48.65 21.25
CA GLY A 329 14.22 49.04 22.50
C GLY A 329 14.51 47.77 23.28
N ASN A 330 15.15 47.89 24.44
CA ASN A 330 15.45 46.71 25.25
C ASN A 330 14.18 46.23 25.94
N ASN A 331 13.28 45.67 25.15
CA ASN A 331 11.88 45.49 25.52
C ASN A 331 11.37 44.19 24.89
N ARG A 332 11.18 43.17 25.72
CA ARG A 332 10.80 41.83 25.25
C ARG A 332 9.28 41.75 25.03
N THR A 333 8.72 42.79 24.47
CA THR A 333 7.28 42.90 24.32
C THR A 333 6.90 43.25 22.87
N HIS A 334 7.90 43.44 22.02
CA HIS A 334 7.67 43.79 20.62
C HIS A 334 8.19 42.75 19.63
N MET A 335 7.71 42.80 18.40
CA MET A 335 8.15 41.87 17.37
C MET A 335 9.67 41.96 17.17
N VAL A 336 10.20 43.17 17.29
CA VAL A 336 11.64 43.37 17.21
C VAL A 336 12.14 44.06 18.48
N ARG A 337 13.20 43.52 19.07
CA ARG A 337 13.80 44.14 20.23
C ARG A 337 15.20 44.62 19.86
N ILE A 338 15.60 45.75 20.43
CA ILE A 338 16.98 46.19 20.30
C ILE A 338 17.62 45.97 21.67
N PRO A 339 18.36 44.88 21.78
CA PRO A 339 18.96 44.48 23.07
C PRO A 339 20.12 45.39 23.45
N ASP A 340 20.97 45.71 22.48
CA ASP A 340 22.12 46.56 22.72
C ASP A 340 22.55 47.23 21.42
N ALA A 341 23.68 47.91 21.45
CA ALA A 341 24.20 48.59 20.26
C ALA A 341 24.73 47.57 19.25
N GLY A 342 24.38 47.77 17.99
CA GLY A 342 24.86 46.91 16.92
C GLY A 342 24.17 45.56 16.79
N ARG A 343 22.91 45.50 17.19
CA ARG A 343 22.21 44.22 17.31
C ARG A 343 20.70 44.40 17.24
N LEU A 344 20.04 43.60 16.42
CA LEU A 344 18.58 43.49 16.42
C LEU A 344 18.16 42.07 16.84
N GLU A 345 17.07 41.96 17.58
CA GLU A 345 16.51 40.65 17.88
C GLU A 345 15.12 40.53 17.30
N LEU A 346 14.97 39.66 16.33
CA LEU A 346 13.63 39.36 15.80
C LEU A 346 13.00 38.32 16.72
N ARG A 347 11.92 38.71 17.38
CA ARG A 347 11.27 37.85 18.36
C ARG A 347 10.13 37.03 17.76
N LEU A 348 10.12 36.93 16.44
CA LEU A 348 9.01 36.33 15.71
C LEU A 348 9.13 34.80 15.50
N PRO A 349 10.31 34.32 15.06
CA PRO A 349 10.45 32.88 14.73
C PRO A 349 10.13 31.93 15.92
N ASP A 350 9.58 30.76 15.61
CA ASP A 350 9.31 29.77 16.64
C ASP A 350 10.18 28.52 16.45
N GLY A 351 9.96 27.52 17.29
CA GLY A 351 10.79 26.34 17.32
C GLY A 351 10.78 25.53 16.03
N ALA A 352 9.75 25.71 15.21
CA ALA A 352 9.67 24.97 13.95
C ALA A 352 10.43 25.65 12.82
N ALA A 353 10.96 26.85 13.05
CA ALA A 353 11.61 27.59 11.96
C ALA A 353 12.76 26.82 11.31
N ASN A 354 12.73 26.73 9.99
CA ASN A 354 13.84 26.12 9.26
C ASN A 354 15.17 26.82 9.57
N PRO A 355 16.19 26.04 9.97
CA PRO A 355 17.48 26.66 10.32
C PRO A 355 18.15 27.40 9.16
N TYR A 356 17.79 27.08 7.92
CA TYR A 356 18.35 27.76 6.75
C TYR A 356 17.35 28.74 6.14
N LEU A 357 16.12 28.30 5.92
CA LEU A 357 15.12 29.17 5.31
C LEU A 357 14.88 30.42 6.13
N MET A 358 14.94 30.32 7.45
CA MET A 358 14.58 31.50 8.23
C MET A 358 15.65 32.61 8.24
N PRO A 359 16.94 32.28 8.40
CA PRO A 359 17.93 33.35 8.20
C PRO A 359 17.89 33.86 6.75
N ALA A 360 17.66 32.95 5.80
CA ALA A 360 17.56 33.34 4.39
C ALA A 360 16.46 34.36 4.17
N ALA A 361 15.28 34.11 4.74
CA ALA A 361 14.13 34.99 4.56
C ALA A 361 14.33 36.32 5.29
N ILE A 362 14.93 36.25 6.47
CA ILE A 362 15.23 37.45 7.24
C ILE A 362 16.21 38.33 6.46
N LEU A 363 17.23 37.71 5.88
CA LEU A 363 18.24 38.45 5.14
C LEU A 363 17.66 39.09 3.87
N ALA A 364 16.81 38.36 3.17
CA ALA A 364 16.16 38.91 1.99
C ALA A 364 15.36 40.17 2.36
N ALA A 365 14.57 40.10 3.43
CA ALA A 365 13.76 41.23 3.87
C ALA A 365 14.66 42.41 4.28
N GLY A 366 15.72 42.09 5.03
CA GLY A 366 16.64 43.09 5.52
C GLY A 366 17.42 43.77 4.41
N LEU A 367 17.97 42.98 3.49
CA LEU A 367 18.70 43.53 2.35
C LEU A 367 17.82 44.47 1.55
N ASP A 368 16.54 44.13 1.44
CA ASP A 368 15.62 44.96 0.69
C ASP A 368 15.45 46.27 1.43
N GLY A 369 15.31 46.17 2.74
CA GLY A 369 15.19 47.36 3.56
C GLY A 369 16.37 48.29 3.34
N ILE A 370 17.57 47.73 3.30
CA ILE A 370 18.76 48.54 3.14
C ILE A 370 18.74 49.22 1.77
N GLU A 371 18.47 48.45 0.72
CA GLU A 371 18.48 48.97 -0.65
C GLU A 371 17.40 50.03 -0.88
N THR A 372 16.26 49.88 -0.23
CA THR A 372 15.17 50.83 -0.41
C THR A 372 15.19 51.90 0.69
N GLN A 373 16.21 51.87 1.53
CA GLN A 373 16.31 52.81 2.66
C GLN A 373 14.99 52.82 3.42
N ALA A 374 14.47 51.63 3.71
CA ALA A 374 13.18 51.47 4.36
C ALA A 374 13.14 52.13 5.74
N ASP A 375 11.98 52.70 6.08
CA ASP A 375 11.80 53.42 7.33
C ASP A 375 10.91 52.63 8.31
N PRO A 376 11.49 52.23 9.46
CA PRO A 376 10.80 51.35 10.41
C PRO A 376 9.69 52.07 11.15
N GLY A 377 9.72 53.40 11.14
CA GLY A 377 8.76 54.16 11.92
C GLY A 377 9.26 54.38 13.33
N GLN A 378 8.35 54.78 14.23
CA GLN A 378 8.77 55.19 15.56
C GLN A 378 8.95 54.01 16.51
N ARG A 379 10.10 53.96 17.20
CA ARG A 379 10.28 53.00 18.27
C ARG A 379 9.28 53.25 19.39
N LEU A 380 8.61 52.20 19.82
CA LEU A 380 7.64 52.29 20.92
C LEU A 380 8.26 51.79 22.22
N ASP A 381 8.44 52.68 23.19
CA ASP A 381 9.06 52.32 24.46
C ASP A 381 8.01 51.92 25.49
N ILE A 382 7.07 51.08 25.07
CA ILE A 382 5.97 50.71 25.94
C ILE A 382 5.85 49.21 26.10
N ASP A 383 5.03 48.80 27.06
CA ASP A 383 4.73 47.40 27.29
C ASP A 383 3.49 46.99 26.51
N MET A 384 3.69 46.29 25.39
CA MET A 384 2.59 45.93 24.50
C MET A 384 1.53 45.07 25.18
N TYR A 385 1.94 44.30 26.20
CA TYR A 385 0.98 43.44 26.92
C TYR A 385 0.00 44.26 27.77
N VAL A 386 0.33 45.53 28.00
CA VAL A 386 -0.54 46.39 28.80
C VAL A 386 -1.19 47.47 27.96
N GLU A 387 -0.42 48.07 27.07
CA GLU A 387 -0.88 49.22 26.29
C GLU A 387 -0.98 48.94 24.79
N GLY A 388 -0.63 47.73 24.38
CA GLY A 388 -0.68 47.35 22.98
C GLY A 388 -2.03 47.61 22.31
N HIS A 389 -3.11 47.40 23.06
CA HIS A 389 -4.47 47.63 22.58
C HIS A 389 -4.66 49.04 21.99
N SER A 390 -3.89 50.00 22.47
CA SER A 390 -4.10 51.41 22.12
C SER A 390 -3.24 51.85 20.95
N VAL A 391 -2.31 51.01 20.52
CA VAL A 391 -1.39 51.36 19.46
C VAL A 391 -1.92 51.02 18.07
N GLU A 392 -1.87 52.00 17.17
CA GLU A 392 -2.23 51.76 15.78
C GLU A 392 -1.06 51.07 15.09
N ALA A 393 -1.22 49.80 14.79
CA ALA A 393 -0.15 49.03 14.17
C ALA A 393 -0.70 47.98 13.23
N GLU A 394 0.06 47.64 12.20
CA GLU A 394 -0.30 46.54 11.32
C GLU A 394 -0.26 45.20 12.09
N GLN A 395 -1.14 44.28 11.70
CA GLN A 395 -1.26 42.99 12.37
C GLN A 395 -0.63 41.86 11.54
N LEU A 396 0.06 40.95 12.22
CA LEU A 396 0.59 39.75 11.59
C LEU A 396 -0.55 38.83 11.15
N PRO A 397 -0.30 37.98 10.14
CA PRO A 397 -1.30 36.97 9.80
C PRO A 397 -1.54 36.00 10.97
N LEU A 398 -2.79 35.61 11.21
CA LEU A 398 -3.15 34.88 12.43
C LEU A 398 -3.37 33.38 12.25
N ASN A 399 -3.17 32.89 11.03
CA ASN A 399 -3.23 31.44 10.76
C ASN A 399 -2.36 31.10 9.56
N LEU A 400 -2.03 29.82 9.40
CA LEU A 400 -1.12 29.37 8.35
C LEU A 400 -1.57 29.82 6.96
N LEU A 401 -2.87 29.74 6.70
CA LEU A 401 -3.35 29.99 5.34
C LEU A 401 -3.10 31.45 5.00
N ASP A 402 -3.56 32.34 5.89
CA ASP A 402 -3.35 33.77 5.69
C ASP A 402 -1.87 34.12 5.59
N ALA A 403 -1.03 33.42 6.35
CA ALA A 403 0.40 33.72 6.31
C ALA A 403 0.99 33.33 4.96
N VAL A 404 0.55 32.19 4.42
CA VAL A 404 1.02 31.76 3.13
C VAL A 404 0.62 32.81 2.09
N ARG A 405 -0.64 33.24 2.15
CA ARG A 405 -1.11 34.28 1.26
C ARG A 405 -0.21 35.51 1.35
N ALA A 406 0.17 35.89 2.57
CA ALA A 406 1.05 37.04 2.73
C ALA A 406 2.40 36.77 2.05
N LEU A 407 2.91 35.54 2.17
CA LEU A 407 4.18 35.20 1.53
C LEU A 407 4.05 35.31 0.01
N GLU A 408 2.96 34.78 -0.54
CA GLU A 408 2.74 34.77 -1.99
C GLU A 408 2.58 36.18 -2.55
N ALA A 409 2.00 37.08 -1.77
CA ALA A 409 1.82 38.47 -2.21
C ALA A 409 3.09 39.29 -2.05
N ASP A 410 4.09 38.75 -1.35
CA ASP A 410 5.32 39.49 -1.10
C ASP A 410 6.39 39.12 -2.13
N GLU A 411 6.37 39.82 -3.26
CA GLU A 411 7.23 39.49 -4.41
C GLU A 411 8.71 39.59 -4.06
N VAL A 412 9.07 40.64 -3.33
CA VAL A 412 10.47 40.86 -2.98
C VAL A 412 11.00 39.71 -2.15
N LEU A 413 10.16 39.19 -1.26
CA LEU A 413 10.55 38.11 -0.35
C LEU A 413 10.60 36.78 -1.09
N ALA A 414 9.59 36.51 -1.91
CA ALA A 414 9.58 35.30 -2.71
C ALA A 414 10.80 35.25 -3.66
N GLY A 415 11.11 36.40 -4.26
CA GLY A 415 12.25 36.50 -5.15
C GLY A 415 13.56 36.31 -4.41
N GLY A 416 13.61 36.73 -3.15
CA GLY A 416 14.81 36.58 -2.34
C GLY A 416 15.12 35.15 -1.94
N LEU A 417 14.09 34.31 -1.89
CA LEU A 417 14.25 32.91 -1.55
C LEU A 417 14.29 32.03 -2.78
N GLY A 418 14.03 32.62 -3.93
CA GLY A 418 14.01 31.86 -5.17
C GLY A 418 12.89 30.83 -5.18
N ALA A 419 13.10 29.76 -5.94
CA ALA A 419 12.09 28.72 -6.13
C ALA A 419 11.66 28.04 -4.83
N ALA A 420 12.45 28.20 -3.78
CA ALA A 420 12.12 27.61 -2.50
C ALA A 420 10.80 28.18 -1.98
N ALA A 421 10.56 29.46 -2.27
CA ALA A 421 9.37 30.12 -1.74
C ALA A 421 8.08 29.44 -2.18
N ALA A 422 7.91 29.25 -3.49
CA ALA A 422 6.68 28.68 -4.02
C ALA A 422 6.56 27.21 -3.64
N ALA A 423 7.68 26.54 -3.43
CA ALA A 423 7.63 25.13 -3.05
C ALA A 423 7.16 25.04 -1.60
N PHE A 424 7.65 25.98 -0.79
CA PHE A 424 7.28 26.10 0.60
C PHE A 424 5.79 26.39 0.72
N ALA A 425 5.31 27.35 -0.06
CA ALA A 425 3.90 27.71 -0.01
C ALA A 425 3.02 26.54 -0.41
N LYS A 426 3.45 25.79 -1.43
CA LYS A 426 2.71 24.60 -1.85
C LYS A 426 2.52 23.61 -0.71
N PHE A 427 3.62 23.23 -0.06
CA PHE A 427 3.59 22.25 1.02
C PHE A 427 2.74 22.74 2.18
N LYS A 428 2.90 24.00 2.57
CA LYS A 428 2.14 24.50 3.70
C LYS A 428 0.65 24.58 3.41
N ARG A 429 0.29 24.85 2.17
CA ARG A 429 -1.11 24.87 1.78
C ARG A 429 -1.71 23.46 1.92
N ALA A 430 -0.94 22.44 1.55
CA ALA A 430 -1.41 21.06 1.68
C ALA A 430 -1.52 20.66 3.15
N GLU A 431 -0.55 21.09 3.96
CA GLU A 431 -0.61 20.89 5.40
C GLU A 431 -1.89 21.51 5.95
N TRP A 432 -2.18 22.72 5.48
CA TRP A 432 -3.38 23.43 5.91
C TRP A 432 -4.64 22.63 5.61
N ALA A 433 -4.75 22.16 4.37
CA ALA A 433 -5.93 21.39 3.98
C ALA A 433 -5.97 20.06 4.72
N ASP A 434 -4.80 19.49 5.00
CA ASP A 434 -4.72 18.24 5.75
C ASP A 434 -5.28 18.47 7.16
N TYR A 435 -4.77 19.50 7.83
CA TYR A 435 -5.27 19.89 9.15
C TYR A 435 -6.79 20.11 9.16
N LYS A 436 -7.31 20.88 8.21
CA LYS A 436 -8.71 21.23 8.26
C LYS A 436 -9.63 20.03 8.01
N SER A 437 -9.11 19.04 7.30
CA SER A 437 -9.89 17.84 7.00
C SER A 437 -10.05 16.93 8.24
N GLN A 438 -9.24 17.14 9.25
CA GLN A 438 -9.33 16.33 10.48
C GLN A 438 -10.63 16.65 11.23
N LEU A 439 -11.36 15.60 11.62
CA LEU A 439 -12.55 15.71 12.47
C LEU A 439 -12.11 15.82 13.93
N THR A 440 -12.30 16.97 14.54
CA THR A 440 -11.84 17.17 15.92
C THR A 440 -12.95 16.96 16.97
N GLU A 441 -12.56 16.72 18.22
CA GLU A 441 -13.51 16.59 19.30
C GLU A 441 -14.31 17.88 19.53
N TRP A 442 -13.63 19.01 19.43
CA TRP A 442 -14.28 20.30 19.56
C TRP A 442 -15.47 20.41 18.61
N GLU A 443 -15.26 20.03 17.35
CA GLU A 443 -16.33 20.06 16.34
C GLU A 443 -17.54 19.24 16.78
N ARG A 444 -17.30 18.03 17.25
CA ARG A 444 -18.39 17.13 17.61
C ARG A 444 -19.08 17.66 18.86
N ARG A 445 -18.27 18.10 19.82
CA ARG A 445 -18.82 18.65 21.05
C ARG A 445 -19.66 19.90 20.77
N THR A 446 -19.21 20.75 19.86
CA THR A 446 -19.93 22.01 19.65
C THR A 446 -21.01 21.95 18.55
N THR A 447 -21.02 20.90 17.75
CA THR A 447 -21.92 20.86 16.58
C THR A 447 -22.95 19.73 16.56
N LEU A 448 -22.72 18.69 17.36
CA LEU A 448 -23.57 17.51 17.34
C LEU A 448 -25.02 17.87 17.63
N ASP A 449 -25.22 18.93 18.38
CA ASP A 449 -26.56 19.36 18.76
C ASP A 449 -27.06 20.57 17.94
N CYS A 450 -26.46 20.81 16.78
CA CYS A 450 -26.85 21.99 15.99
C CYS A 450 -28.29 21.89 15.43
N MET B 21 43.46 -26.30 -4.59
CA MET B 21 42.40 -25.81 -3.71
C MET B 21 42.59 -26.34 -2.29
N THR B 22 42.98 -25.45 -1.38
CA THR B 22 43.14 -25.82 0.02
C THR B 22 41.82 -26.37 0.56
N ASP B 23 41.78 -27.67 0.81
CA ASP B 23 40.57 -28.32 1.28
C ASP B 23 39.88 -27.52 2.38
N LEU B 24 38.56 -27.68 2.50
CA LEU B 24 37.79 -27.00 3.52
C LEU B 24 38.21 -27.50 4.90
N ALA B 25 38.67 -28.74 4.96
CA ALA B 25 39.14 -29.32 6.22
C ALA B 25 40.38 -28.60 6.72
N SER B 26 41.27 -28.24 5.80
CA SER B 26 42.46 -27.52 6.17
C SER B 26 42.09 -26.12 6.64
N ILE B 27 41.16 -25.50 5.93
CA ILE B 27 40.69 -24.15 6.27
C ILE B 27 39.98 -24.16 7.62
N ALA B 28 39.20 -25.21 7.86
CA ALA B 28 38.55 -25.37 9.14
C ALA B 28 39.55 -25.30 10.29
N ARG B 29 40.69 -25.97 10.12
CA ARG B 29 41.70 -26.04 11.18
C ARG B 29 42.36 -24.69 11.43
N GLU B 30 42.76 -24.01 10.37
CA GLU B 30 43.52 -22.78 10.56
C GLU B 30 42.61 -21.63 11.00
N LYS B 31 41.40 -21.58 10.45
CA LYS B 31 40.49 -20.46 10.72
C LYS B 31 39.59 -20.72 11.92
N GLY B 32 39.64 -21.91 12.49
CA GLY B 32 38.84 -22.24 13.65
C GLY B 32 37.35 -22.45 13.39
N ILE B 33 37.03 -23.12 12.29
CA ILE B 33 35.64 -23.43 11.96
C ILE B 33 35.26 -24.80 12.51
N GLU B 34 34.24 -24.84 13.36
CA GLU B 34 33.84 -26.10 14.01
C GLU B 34 32.70 -26.81 13.30
N PHE B 35 31.89 -26.02 12.58
CA PHE B 35 30.75 -26.54 11.85
C PHE B 35 30.62 -25.81 10.54
N PHE B 36 30.09 -26.49 9.53
CA PHE B 36 29.75 -25.87 8.26
C PHE B 36 28.25 -25.92 8.04
N LEU B 37 27.71 -24.85 7.46
CA LEU B 37 26.33 -24.84 7.01
C LEU B 37 26.35 -25.08 5.53
N ILE B 38 26.07 -26.30 5.12
CA ILE B 38 25.97 -26.61 3.71
C ILE B 38 24.55 -26.28 3.26
N SER B 39 24.47 -25.30 2.36
CA SER B 39 23.21 -24.62 2.09
C SER B 39 22.86 -24.67 0.61
N PHE B 40 21.57 -24.83 0.30
CA PHE B 40 21.10 -24.57 -1.04
C PHE B 40 19.76 -23.84 -0.97
N THR B 41 19.41 -23.19 -2.06
CA THR B 41 18.19 -22.44 -2.17
C THR B 41 17.19 -23.21 -3.01
N ASP B 42 15.96 -23.37 -2.52
CA ASP B 42 14.94 -24.07 -3.31
C ASP B 42 14.09 -23.12 -4.15
N LEU B 43 13.09 -23.67 -4.83
CA LEU B 43 12.31 -22.92 -5.81
C LEU B 43 11.57 -21.78 -5.16
N LEU B 44 11.28 -21.90 -3.87
CA LEU B 44 10.57 -20.83 -3.17
C LEU B 44 11.54 -19.85 -2.52
N GLY B 45 12.83 -20.05 -2.72
CA GLY B 45 13.82 -19.16 -2.14
C GLY B 45 14.21 -19.56 -0.72
N VAL B 46 13.60 -20.60 -0.20
CA VAL B 46 13.90 -21.02 1.16
C VAL B 46 15.34 -21.53 1.28
N GLN B 47 16.06 -21.04 2.29
CA GLN B 47 17.40 -21.55 2.59
C GLN B 47 17.33 -22.91 3.30
N ARG B 48 17.83 -23.94 2.62
CA ARG B 48 17.88 -25.28 3.20
C ARG B 48 19.33 -25.60 3.54
N ALA B 49 19.60 -25.92 4.80
CA ALA B 49 20.97 -26.21 5.18
C ALA B 49 21.07 -27.38 6.13
N LYS B 50 22.26 -27.97 6.13
CA LYS B 50 22.63 -29.03 7.02
C LYS B 50 23.83 -28.51 7.81
N LEU B 51 23.88 -28.80 9.10
CA LEU B 51 24.99 -28.36 9.93
C LEU B 51 25.94 -29.54 10.16
N VAL B 52 27.13 -29.48 9.58
CA VAL B 52 28.06 -30.60 9.68
C VAL B 52 29.31 -30.26 10.47
N PRO B 53 29.70 -31.15 11.38
CA PRO B 53 30.93 -30.92 12.16
C PRO B 53 32.14 -30.93 11.21
N ALA B 54 33.15 -30.10 11.50
CA ALA B 54 34.36 -30.04 10.69
C ALA B 54 34.90 -31.42 10.35
N ARG B 55 34.79 -32.36 11.30
CA ARG B 55 35.36 -33.69 11.06
C ARG B 55 34.76 -34.38 9.84
N ALA B 56 33.61 -33.93 9.37
CA ALA B 56 32.96 -34.58 8.24
C ALA B 56 33.01 -33.81 6.93
N ILE B 57 33.63 -32.63 6.93
CA ILE B 57 33.54 -31.74 5.77
C ILE B 57 34.24 -32.29 4.52
N ALA B 58 35.39 -32.92 4.71
CA ALA B 58 36.19 -33.41 3.58
C ALA B 58 35.36 -34.32 2.68
N ASP B 59 34.66 -35.28 3.28
CA ASP B 59 33.85 -36.20 2.51
C ASP B 59 32.67 -35.52 1.81
N MET B 60 32.07 -34.53 2.47
CA MET B 60 30.88 -33.86 1.92
C MET B 60 31.21 -32.83 0.84
N ALA B 61 32.37 -32.20 0.96
CA ALA B 61 32.83 -31.30 -0.08
C ALA B 61 32.99 -32.04 -1.41
N VAL B 62 33.44 -33.29 -1.33
CA VAL B 62 33.69 -34.05 -2.55
C VAL B 62 32.43 -34.76 -3.04
N ASN B 63 31.70 -35.38 -2.11
CA ASN B 63 30.56 -36.23 -2.46
C ASN B 63 29.20 -35.57 -2.27
N GLY B 64 29.19 -34.40 -1.63
CA GLY B 64 27.97 -33.66 -1.39
C GLY B 64 27.28 -34.05 -0.10
N ALA B 65 26.42 -33.18 0.40
CA ALA B 65 25.59 -33.50 1.56
C ALA B 65 24.26 -34.05 1.07
N GLY B 66 23.83 -35.16 1.66
CA GLY B 66 22.58 -35.78 1.27
C GLY B 66 21.36 -35.08 1.83
N PHE B 67 20.37 -34.83 0.98
CA PHE B 67 19.08 -34.28 1.38
C PHE B 67 17.97 -35.04 0.67
N ALA B 68 16.83 -35.17 1.32
CA ALA B 68 15.65 -35.70 0.64
C ALA B 68 14.93 -34.57 -0.09
N GLY B 69 15.11 -34.53 -1.40
CA GLY B 69 14.68 -33.40 -2.21
C GLY B 69 13.20 -33.10 -2.16
N PHE B 70 12.39 -34.14 -1.99
CA PHE B 70 10.95 -33.95 -1.92
C PHE B 70 10.56 -33.13 -0.69
N ALA B 71 11.45 -33.06 0.30
CA ALA B 71 11.16 -32.32 1.54
C ALA B 71 11.40 -30.82 1.37
N ALA B 72 12.09 -30.45 0.30
CA ALA B 72 12.28 -29.06 -0.05
C ALA B 72 11.38 -28.71 -1.23
N TRP B 73 11.31 -27.44 -1.60
CA TRP B 73 10.56 -27.07 -2.80
C TRP B 73 11.38 -27.35 -4.07
N LEU B 74 11.45 -28.63 -4.43
CA LEU B 74 12.22 -29.05 -5.59
C LEU B 74 11.39 -29.88 -6.60
N ASP B 75 10.11 -30.08 -6.31
CA ASP B 75 9.24 -30.87 -7.17
C ASP B 75 9.78 -32.29 -7.37
N MET B 76 10.12 -32.96 -6.27
CA MET B 76 10.61 -34.33 -6.34
C MET B 76 9.69 -35.29 -5.59
N SER B 77 9.97 -36.57 -5.74
CA SER B 77 9.20 -37.61 -5.10
C SER B 77 9.99 -38.17 -3.94
N PRO B 78 9.30 -38.62 -2.88
CA PRO B 78 9.98 -39.34 -1.79
C PRO B 78 10.64 -40.63 -2.30
N ALA B 79 10.17 -41.14 -3.45
CA ALA B 79 10.75 -42.35 -4.00
C ALA B 79 12.10 -42.12 -4.70
N ASP B 80 12.45 -40.86 -4.94
CA ASP B 80 13.70 -40.56 -5.63
C ASP B 80 14.87 -40.75 -4.69
N ALA B 81 16.04 -41.07 -5.25
CA ALA B 81 17.26 -41.05 -4.47
C ALA B 81 17.47 -39.66 -3.90
N ASP B 82 18.13 -39.58 -2.75
CA ASP B 82 18.48 -38.31 -2.14
C ASP B 82 19.31 -37.50 -3.11
N ILE B 83 19.07 -36.20 -3.15
CA ILE B 83 19.95 -35.35 -3.92
C ILE B 83 21.25 -35.18 -3.15
N LEU B 84 22.30 -34.74 -3.83
CA LEU B 84 23.56 -34.51 -3.17
C LEU B 84 23.96 -33.06 -3.38
N ALA B 85 24.07 -32.31 -2.29
CA ALA B 85 24.38 -30.88 -2.40
C ALA B 85 25.89 -30.68 -2.32
N ILE B 86 26.48 -30.30 -3.43
CA ILE B 86 27.93 -30.14 -3.50
C ILE B 86 28.31 -28.69 -3.25
N PRO B 87 29.07 -28.46 -2.19
CA PRO B 87 29.45 -27.10 -1.78
C PRO B 87 30.38 -26.44 -2.81
N ASP B 88 30.12 -25.20 -3.15
CA ASP B 88 31.06 -24.38 -3.89
C ASP B 88 32.01 -23.79 -2.87
N PRO B 89 33.24 -24.33 -2.78
CA PRO B 89 34.15 -23.91 -1.70
C PRO B 89 34.52 -22.43 -1.80
N GLU B 90 34.40 -21.86 -3.00
CA GLU B 90 34.69 -20.46 -3.20
C GLU B 90 33.60 -19.57 -2.57
N SER B 91 32.47 -20.16 -2.21
CA SER B 91 31.39 -19.40 -1.59
C SER B 91 31.55 -19.26 -0.07
N LEU B 92 32.58 -19.87 0.47
CA LEU B 92 32.68 -20.03 1.92
C LEU B 92 32.59 -18.69 2.62
N ILE B 93 31.73 -18.60 3.63
CA ILE B 93 31.67 -17.42 4.50
C ILE B 93 31.65 -17.85 5.96
N GLN B 94 32.67 -17.47 6.72
CA GLN B 94 32.60 -17.60 8.18
C GLN B 94 31.59 -16.60 8.68
N LEU B 95 30.51 -17.07 9.31
CA LEU B 95 29.45 -16.17 9.78
C LEU B 95 30.06 -15.08 10.66
N PRO B 96 29.96 -13.83 10.21
CA PRO B 96 30.69 -12.78 10.93
C PRO B 96 30.23 -12.64 12.38
N TRP B 97 28.98 -12.99 12.68
CA TRP B 97 28.49 -12.94 14.06
C TRP B 97 28.75 -14.24 14.82
N LYS B 98 29.27 -15.26 14.14
CA LYS B 98 29.56 -16.54 14.76
C LYS B 98 30.53 -17.30 13.88
N PRO B 99 31.80 -16.87 13.91
CA PRO B 99 32.83 -17.31 12.95
C PRO B 99 33.23 -18.78 13.10
N SER B 100 32.81 -19.45 14.18
CA SER B 100 33.04 -20.88 14.31
C SER B 100 32.15 -21.67 13.33
N VAL B 101 31.26 -20.97 12.64
CA VAL B 101 30.41 -21.61 11.64
C VAL B 101 30.68 -21.07 10.24
N GLY B 102 30.82 -21.99 9.29
CA GLY B 102 31.17 -21.63 7.93
C GLY B 102 30.04 -21.97 6.96
N TRP B 103 29.51 -20.96 6.29
CA TRP B 103 28.42 -21.14 5.37
C TRP B 103 28.94 -21.40 3.96
N LEU B 104 28.27 -22.29 3.25
CA LEU B 104 28.59 -22.61 1.87
C LEU B 104 27.33 -22.71 1.02
N ALA B 105 27.35 -22.06 -0.14
CA ALA B 105 26.31 -22.28 -1.13
C ALA B 105 26.62 -23.54 -1.93
N ALA B 106 25.58 -24.24 -2.38
CA ALA B 106 25.79 -25.50 -3.05
C ALA B 106 24.87 -25.72 -4.25
N ASP B 107 25.33 -26.58 -5.16
CA ASP B 107 24.57 -27.02 -6.31
C ASP B 107 23.95 -28.36 -5.98
N VAL B 108 22.65 -28.46 -6.16
CA VAL B 108 21.93 -29.72 -5.99
C VAL B 108 22.24 -30.63 -7.16
N HIS B 109 22.83 -31.79 -6.88
CA HIS B 109 23.02 -32.84 -7.89
C HIS B 109 22.00 -33.95 -7.67
N PHE B 110 21.56 -34.58 -8.74
CA PHE B 110 20.63 -35.69 -8.70
C PHE B 110 21.04 -36.71 -9.76
N GLU B 111 21.18 -37.96 -9.34
CA GLU B 111 21.58 -39.02 -10.27
C GLU B 111 22.85 -38.63 -11.03
N GLY B 112 23.82 -38.09 -10.30
CA GLY B 112 25.15 -37.82 -10.82
C GLY B 112 25.33 -36.54 -11.64
N ARG B 113 24.27 -35.75 -11.81
CA ARG B 113 24.35 -34.51 -12.60
C ARG B 113 23.70 -33.34 -11.86
N PRO B 114 24.12 -32.09 -12.14
CA PRO B 114 23.39 -30.97 -11.54
C PRO B 114 21.90 -31.09 -11.83
N PHE B 115 21.07 -30.82 -10.82
CA PHE B 115 19.61 -30.98 -10.94
C PHE B 115 19.00 -29.69 -11.48
N PRO B 116 18.45 -29.75 -12.70
CA PRO B 116 17.98 -28.54 -13.39
C PRO B 116 16.86 -27.79 -12.67
N LYS B 117 16.17 -28.42 -11.71
CA LYS B 117 15.13 -27.69 -10.99
C LYS B 117 15.65 -26.86 -9.80
N ALA B 118 16.94 -26.98 -9.51
CA ALA B 118 17.53 -26.23 -8.40
C ALA B 118 17.95 -24.83 -8.88
N PRO B 119 17.38 -23.77 -8.31
CA PRO B 119 17.66 -22.41 -8.79
C PRO B 119 19.14 -22.13 -9.11
N ARG B 120 20.07 -22.46 -8.22
CA ARG B 120 21.46 -22.12 -8.50
C ARG B 120 21.97 -22.82 -9.74
N VAL B 121 21.51 -24.05 -9.96
CA VAL B 121 21.91 -24.83 -11.12
C VAL B 121 21.31 -24.22 -12.40
N ALA B 122 20.03 -23.85 -12.31
CA ALA B 122 19.36 -23.24 -13.43
C ALA B 122 20.09 -21.96 -13.85
N LEU B 123 20.49 -21.17 -12.86
CA LEU B 123 21.22 -19.94 -13.15
C LEU B 123 22.56 -20.23 -13.81
N LYS B 124 23.31 -21.19 -13.27
CA LYS B 124 24.61 -21.49 -13.85
C LYS B 124 24.48 -21.95 -15.31
N SER B 125 23.38 -22.59 -15.66
CA SER B 125 23.13 -23.04 -17.04
C SER B 125 22.92 -21.88 -18.00
N VAL B 126 22.08 -20.93 -17.60
CA VAL B 126 21.83 -19.77 -18.45
C VAL B 126 23.12 -18.97 -18.58
N LEU B 127 23.82 -18.77 -17.47
CA LEU B 127 25.11 -18.08 -17.50
C LEU B 127 26.08 -18.76 -18.47
N ALA B 128 26.08 -20.08 -18.50
CA ALA B 128 26.95 -20.84 -19.39
C ALA B 128 26.64 -20.64 -20.88
N ARG B 129 25.37 -20.60 -21.24
CA ARG B 129 24.99 -20.24 -22.61
C ARG B 129 25.54 -18.87 -22.97
N ALA B 130 25.35 -17.91 -22.06
CA ALA B 130 25.77 -16.54 -22.31
C ALA B 130 27.30 -16.43 -22.35
N ALA B 131 27.95 -17.08 -21.41
CA ALA B 131 29.40 -17.08 -21.37
C ALA B 131 29.96 -17.64 -22.67
N GLY B 132 29.22 -18.54 -23.29
CA GLY B 132 29.66 -19.18 -24.52
C GLY B 132 29.67 -18.20 -25.68
N LYS B 133 28.99 -17.07 -25.50
CA LYS B 133 28.96 -16.01 -26.49
C LYS B 133 29.87 -14.88 -26.07
N ASP B 134 30.65 -15.13 -25.02
CA ASP B 134 31.48 -14.09 -24.40
C ASP B 134 30.63 -12.94 -23.87
N MET B 135 29.47 -13.29 -23.30
CA MET B 135 28.63 -12.31 -22.62
C MET B 135 28.48 -12.69 -21.15
N HIS B 136 29.04 -11.89 -20.26
CA HIS B 136 28.99 -12.23 -18.84
C HIS B 136 28.10 -11.27 -18.08
N LEU B 137 27.03 -11.79 -17.51
CA LEU B 137 26.07 -10.97 -16.79
C LEU B 137 26.62 -10.55 -15.43
N LYS B 138 26.51 -9.26 -15.13
CA LYS B 138 26.79 -8.74 -13.80
C LYS B 138 25.55 -8.02 -13.30
N HIS B 139 25.19 -8.23 -12.04
CA HIS B 139 24.08 -7.48 -11.48
C HIS B 139 24.29 -7.06 -10.03
N GLY B 140 23.47 -6.10 -9.62
CA GLY B 140 23.47 -5.58 -8.27
C GLY B 140 22.00 -5.54 -7.88
N VAL B 141 21.72 -5.75 -6.60
CA VAL B 141 20.34 -5.80 -6.13
C VAL B 141 20.10 -4.78 -5.04
N GLU B 142 18.94 -4.14 -5.08
CA GLU B 142 18.52 -3.26 -4.00
C GLU B 142 17.49 -3.98 -3.11
N CYS B 143 17.97 -4.79 -2.17
CA CYS B 143 17.08 -5.57 -1.31
C CYS B 143 16.56 -4.79 -0.14
N GLU B 144 15.52 -4.01 -0.35
CA GLU B 144 14.82 -3.33 0.72
C GLU B 144 14.28 -4.38 1.69
N PHE B 145 14.17 -4.02 2.95
CA PHE B 145 13.54 -4.87 3.94
C PHE B 145 12.97 -4.00 5.04
N PHE B 146 12.05 -4.54 5.82
CA PHE B 146 11.55 -3.84 7.00
C PHE B 146 12.21 -4.38 8.25
N LEU B 147 12.45 -3.51 9.22
CA LEU B 147 12.77 -3.96 10.56
C LEU B 147 11.48 -3.90 11.38
N ILE B 148 11.09 -5.05 11.93
CA ILE B 148 9.80 -5.21 12.59
C ILE B 148 9.91 -5.86 13.97
N GLN B 149 8.82 -5.81 14.74
CA GLN B 149 8.74 -6.50 16.03
C GLN B 149 8.83 -8.00 15.81
N PRO B 150 9.42 -8.73 16.79
CA PRO B 150 9.47 -10.19 16.70
C PRO B 150 8.12 -10.83 16.33
N ASP B 151 7.00 -10.34 16.84
CA ASP B 151 5.72 -10.99 16.53
C ASP B 151 5.17 -10.58 15.17
N GLY B 152 5.89 -9.70 14.46
CA GLY B 152 5.50 -9.33 13.11
C GLY B 152 4.36 -8.34 13.02
N SER B 153 3.88 -7.86 14.14
CA SER B 153 2.64 -7.07 14.20
C SER B 153 2.78 -5.59 13.82
N ALA B 154 4.00 -5.08 13.89
CA ALA B 154 4.26 -3.66 13.65
C ALA B 154 5.73 -3.51 13.37
N ILE B 155 6.14 -2.35 12.88
CA ILE B 155 7.55 -2.10 12.64
C ILE B 155 8.29 -2.02 13.96
N SER B 156 9.61 -2.15 13.92
CA SER B 156 10.43 -2.17 15.14
C SER B 156 10.47 -0.83 15.88
N ASP B 157 10.25 0.28 15.16
CA ASP B 157 10.43 1.61 15.77
C ASP B 157 9.15 2.48 15.81
N PRO B 158 8.46 2.48 16.97
CA PRO B 158 7.16 3.17 17.10
C PRO B 158 7.31 4.69 16.94
N ALA B 159 8.53 5.20 17.01
CA ALA B 159 8.76 6.63 16.84
C ALA B 159 8.95 7.03 15.36
N ASP B 160 9.01 6.03 14.48
CA ASP B 160 9.16 6.25 13.03
C ASP B 160 7.76 6.36 12.38
N THR B 161 7.22 7.58 12.34
CA THR B 161 5.78 7.79 12.06
C THR B 161 5.41 8.82 10.99
N GLN B 162 6.33 9.74 10.69
CA GLN B 162 6.04 10.80 9.72
C GLN B 162 5.64 10.32 8.34
N ALA B 163 4.89 11.18 7.63
CA ALA B 163 4.33 10.87 6.32
C ALA B 163 5.39 10.60 5.25
N LYS B 164 6.48 11.36 5.29
CA LYS B 164 7.57 11.15 4.35
C LYS B 164 8.84 10.78 5.10
N PRO B 165 9.03 9.48 5.36
CA PRO B 165 10.11 9.03 6.23
C PRO B 165 11.43 8.73 5.52
N CYS B 166 11.45 8.83 4.19
CA CYS B 166 12.64 8.44 3.44
C CYS B 166 13.89 9.20 3.88
N TYR B 167 14.98 8.47 4.07
CA TYR B 167 16.23 9.09 4.50
C TYR B 167 16.14 9.79 5.87
N ASP B 168 15.13 9.44 6.68
CA ASP B 168 14.96 10.10 7.98
C ASP B 168 16.17 9.86 8.85
N GLN B 169 16.90 10.93 9.15
CA GLN B 169 18.12 10.85 9.94
C GLN B 169 17.89 10.25 11.34
N ASP B 170 16.82 10.70 11.99
CA ASP B 170 16.54 10.22 13.34
C ASP B 170 16.31 8.73 13.34
N ALA B 171 15.41 8.25 12.47
CA ALA B 171 15.03 6.84 12.47
C ALA B 171 16.20 5.99 11.99
N LEU B 172 16.99 6.52 11.05
CA LEU B 172 18.19 5.81 10.60
C LEU B 172 19.13 5.55 11.78
N MET B 173 19.47 6.60 12.52
CA MET B 173 20.40 6.47 13.64
C MET B 173 19.81 5.70 14.83
N ARG B 174 18.49 5.64 14.92
CA ARG B 174 17.87 4.86 15.98
C ARG B 174 18.14 3.36 15.76
N ARG B 175 18.36 2.99 14.50
CA ARG B 175 18.73 1.61 14.18
C ARG B 175 20.19 1.47 13.77
N PHE B 176 21.03 2.38 14.27
CA PHE B 176 22.45 2.37 13.91
C PHE B 176 23.12 1.07 14.29
N ASP B 177 22.85 0.60 15.51
CA ASP B 177 23.55 -0.58 16.00
C ASP B 177 23.42 -1.78 15.05
N VAL B 178 22.18 -2.09 14.65
CA VAL B 178 21.93 -3.20 13.74
C VAL B 178 22.48 -2.93 12.32
N ILE B 179 22.15 -1.77 11.77
CA ILE B 179 22.60 -1.43 10.42
C ILE B 179 24.13 -1.37 10.30
N ALA B 180 24.76 -0.59 11.17
CA ALA B 180 26.20 -0.48 11.21
C ALA B 180 26.90 -1.84 11.38
N GLU B 181 26.32 -2.72 12.21
CA GLU B 181 26.92 -4.04 12.44
C GLU B 181 26.96 -4.87 11.14
N ILE B 182 25.82 -4.92 10.47
CA ILE B 182 25.71 -5.63 9.21
C ILE B 182 26.60 -5.02 8.12
N CYS B 183 26.64 -3.69 8.05
CA CYS B 183 27.44 -3.02 7.03
C CYS B 183 28.93 -3.33 7.24
N SER B 184 29.36 -3.27 8.50
CA SER B 184 30.76 -3.55 8.78
C SER B 184 31.11 -4.99 8.38
N TYR B 185 30.14 -5.91 8.48
CA TYR B 185 30.33 -7.29 8.02
C TYR B 185 30.57 -7.35 6.52
N MET B 186 29.73 -6.66 5.77
CA MET B 186 29.87 -6.60 4.33
C MET B 186 31.22 -5.98 3.92
N VAL B 187 31.69 -5.00 4.68
CA VAL B 187 33.02 -4.44 4.44
C VAL B 187 34.07 -5.54 4.58
N ASP B 188 34.01 -6.24 5.71
CA ASP B 188 34.97 -7.30 6.01
C ASP B 188 34.89 -8.42 5.00
N LEU B 189 33.69 -8.69 4.48
CA LEU B 189 33.49 -9.79 3.55
C LEU B 189 34.01 -9.50 2.13
N GLY B 190 34.30 -8.22 1.84
CA GLY B 190 34.77 -7.84 0.52
C GLY B 190 33.67 -7.48 -0.46
N TRP B 191 32.46 -7.21 0.03
CA TRP B 191 31.33 -6.90 -0.86
C TRP B 191 31.33 -5.46 -1.39
N GLY B 192 32.17 -4.62 -0.82
CA GLY B 192 32.12 -3.20 -1.11
C GLY B 192 30.76 -2.59 -0.87
N PRO B 193 30.30 -2.59 0.40
CA PRO B 193 29.10 -1.82 0.75
C PRO B 193 29.44 -0.33 0.62
N TYR B 194 28.47 0.53 0.32
CA TYR B 194 28.80 1.94 0.11
C TYR B 194 27.74 2.90 0.65
N GLN B 195 26.53 2.40 0.92
CA GLN B 195 25.50 3.24 1.50
C GLN B 195 24.39 2.47 2.20
N ASN B 196 23.88 3.06 3.27
CA ASN B 196 22.76 2.52 4.01
C ASN B 196 21.71 3.60 4.16
N ASP B 197 20.47 3.27 3.84
CA ASP B 197 19.43 4.26 3.81
C ASP B 197 18.20 3.80 4.58
N HIS B 198 17.51 4.76 5.18
CA HIS B 198 16.12 4.54 5.53
C HIS B 198 15.36 4.70 4.23
N GLU B 199 14.48 3.76 3.91
CA GLU B 199 13.74 3.84 2.66
C GLU B 199 12.44 4.63 2.84
N ASP B 200 11.53 4.56 1.87
CA ASP B 200 10.43 5.54 1.88
C ASP B 200 9.18 5.09 2.65
N ALA B 201 9.26 3.95 3.30
CA ALA B 201 8.20 3.57 4.23
C ALA B 201 8.74 3.54 5.66
N ASN B 202 7.93 3.94 6.63
CA ASN B 202 8.33 3.79 8.02
C ASN B 202 8.78 2.34 8.24
N GLY B 203 9.91 2.17 8.94
CA GLY B 203 10.42 0.85 9.27
C GLY B 203 11.28 0.23 8.19
N GLN B 204 11.32 0.84 7.00
CA GLN B 204 12.04 0.26 5.86
C GLN B 204 13.47 0.78 5.69
N PHE B 205 14.39 -0.13 5.38
CA PHE B 205 15.79 0.20 5.17
C PHE B 205 16.38 -0.47 3.92
N GLU B 206 17.54 0.00 3.51
CA GLU B 206 18.24 -0.58 2.38
C GLU B 206 19.75 -0.40 2.56
N MET B 207 20.50 -1.45 2.25
CA MET B 207 21.95 -1.45 2.36
C MET B 207 22.54 -1.96 1.04
N ASN B 208 23.21 -1.06 0.30
CA ASN B 208 23.74 -1.37 -1.02
C ASN B 208 25.21 -1.77 -1.02
N TRP B 209 25.56 -2.66 -1.94
CA TRP B 209 26.94 -3.06 -2.14
C TRP B 209 27.23 -3.26 -3.64
N ASP B 210 28.51 -3.33 -3.98
CA ASP B 210 28.98 -3.39 -5.37
C ASP B 210 28.41 -4.56 -6.16
N TYR B 211 28.01 -4.27 -7.40
CA TYR B 211 27.60 -5.31 -8.32
C TYR B 211 28.78 -6.25 -8.58
N ALA B 212 28.49 -7.41 -9.16
CA ALA B 212 29.51 -8.41 -9.44
C ALA B 212 28.96 -9.40 -10.43
N ASP B 213 29.76 -10.38 -10.81
CA ASP B 213 29.26 -11.47 -11.65
C ASP B 213 27.96 -11.99 -11.07
N ALA B 214 27.02 -12.34 -11.94
CA ALA B 214 25.71 -12.78 -11.49
C ALA B 214 25.78 -13.83 -10.36
N LEU B 215 26.60 -14.85 -10.52
CA LEU B 215 26.66 -15.94 -9.54
C LEU B 215 27.14 -15.43 -8.19
N VAL B 216 28.13 -14.53 -8.22
CA VAL B 216 28.64 -13.95 -6.98
C VAL B 216 27.54 -13.14 -6.30
N THR B 217 26.90 -12.27 -7.07
CA THR B 217 25.79 -11.47 -6.57
C THR B 217 24.67 -12.35 -6.03
N ALA B 218 24.32 -13.41 -6.75
CA ALA B 218 23.28 -14.33 -6.31
C ALA B 218 23.61 -14.98 -4.96
N ASP B 219 24.82 -15.51 -4.81
CA ASP B 219 25.22 -16.09 -3.53
C ASP B 219 25.13 -15.05 -2.40
N ARG B 220 25.58 -13.83 -2.67
CA ARG B 220 25.62 -12.75 -1.68
C ARG B 220 24.22 -12.34 -1.28
N HIS B 221 23.33 -12.33 -2.27
CA HIS B 221 21.94 -11.95 -2.06
C HIS B 221 21.29 -12.99 -1.13
N ALA B 222 21.55 -14.27 -1.40
CA ALA B 222 21.01 -15.33 -0.56
C ALA B 222 21.56 -15.24 0.87
N PHE B 223 22.86 -15.01 1.00
CA PHE B 223 23.45 -14.92 2.30
C PHE B 223 23.00 -13.65 3.05
N PHE B 224 22.87 -12.55 2.30
CA PHE B 224 22.48 -11.27 2.86
C PHE B 224 21.15 -11.31 3.63
N LYS B 225 20.12 -11.89 3.01
CA LYS B 225 18.83 -12.00 3.69
C LYS B 225 18.98 -12.80 4.98
N PHE B 226 19.76 -13.87 4.91
CA PHE B 226 20.06 -14.67 6.08
C PHE B 226 20.75 -13.83 7.18
N MET B 227 21.76 -13.09 6.79
CA MET B 227 22.50 -12.27 7.74
C MET B 227 21.62 -11.17 8.35
N VAL B 228 20.84 -10.49 7.53
CA VAL B 228 19.98 -9.44 8.06
C VAL B 228 18.97 -10.03 9.06
N LYS B 229 18.31 -11.12 8.67
CA LYS B 229 17.37 -11.78 9.57
C LYS B 229 18.03 -12.23 10.86
N SER B 230 19.25 -12.77 10.74
CA SER B 230 19.97 -13.30 11.92
C SER B 230 20.40 -12.20 12.87
N VAL B 231 21.02 -11.15 12.34
CA VAL B 231 21.50 -10.07 13.17
C VAL B 231 20.36 -9.30 13.80
N ALA B 232 19.29 -9.05 13.04
CA ALA B 232 18.12 -8.38 13.61
C ALA B 232 17.62 -9.16 14.83
N GLU B 233 17.53 -10.47 14.69
CA GLU B 233 17.03 -11.33 15.76
C GLU B 233 17.93 -11.24 16.99
N ARG B 234 19.23 -11.15 16.77
CA ARG B 234 20.18 -10.97 17.87
C ARG B 234 19.95 -9.65 18.62
N HIS B 235 19.40 -8.66 17.93
CA HIS B 235 19.12 -7.37 18.55
C HIS B 235 17.70 -7.29 19.09
N GLY B 236 17.02 -8.44 19.14
CA GLY B 236 15.64 -8.47 19.61
C GLY B 236 14.65 -7.95 18.58
N LEU B 237 15.04 -7.92 17.32
CA LEU B 237 14.16 -7.43 16.25
C LEU B 237 13.87 -8.54 15.27
N ARG B 238 13.27 -8.18 14.15
CA ARG B 238 13.03 -9.14 13.11
C ARG B 238 13.09 -8.42 11.76
N ALA B 239 13.62 -9.07 10.74
CA ALA B 239 13.64 -8.47 9.41
C ALA B 239 12.68 -9.20 8.50
N THR B 240 12.01 -8.47 7.61
CA THR B 240 11.20 -9.13 6.60
C THR B 240 11.45 -8.55 5.21
N PHE B 241 11.50 -9.45 4.22
CA PHE B 241 11.63 -9.09 2.81
C PHE B 241 10.31 -9.27 2.07
N MET B 242 9.24 -9.49 2.82
CA MET B 242 7.91 -9.62 2.27
C MET B 242 7.55 -8.45 1.35
N PRO B 243 6.95 -8.73 0.19
CA PRO B 243 6.64 -7.63 -0.76
C PRO B 243 5.77 -6.54 -0.18
N LYS B 244 4.72 -6.89 0.57
CA LYS B 244 3.81 -5.92 1.15
C LYS B 244 3.37 -6.40 2.54
N PRO B 245 4.23 -6.21 3.56
CA PRO B 245 4.00 -6.72 4.92
C PRO B 245 2.96 -5.94 5.72
N PHE B 246 2.69 -4.69 5.35
CA PHE B 246 1.72 -3.85 6.09
C PHE B 246 0.73 -3.17 5.14
N ALA B 247 -0.55 -3.23 5.49
CA ALA B 247 -1.63 -2.71 4.66
C ALA B 247 -1.48 -1.22 4.40
N HIS B 248 -0.96 -0.48 5.38
CA HIS B 248 -0.91 0.98 5.32
C HIS B 248 0.43 1.53 4.85
N LEU B 249 1.38 0.65 4.55
CA LEU B 249 2.70 1.08 4.11
C LEU B 249 3.05 0.51 2.73
N THR B 250 3.92 1.21 2.00
CA THR B 250 4.42 0.69 0.72
C THR B 250 5.31 -0.53 0.96
N GLY B 251 5.73 -1.20 -0.11
CA GLY B 251 6.39 -2.50 0.02
C GLY B 251 7.86 -2.60 -0.30
N ASN B 252 8.37 -3.84 -0.31
CA ASN B 252 9.77 -4.12 -0.58
C ASN B 252 9.95 -4.46 -2.04
N GLY B 253 10.75 -3.67 -2.76
CA GLY B 253 11.17 -4.08 -4.08
C GLY B 253 12.49 -4.79 -3.98
N CYS B 254 12.91 -5.41 -5.08
CA CYS B 254 14.29 -5.83 -5.23
C CYS B 254 14.78 -5.36 -6.60
N HIS B 255 14.90 -4.04 -6.75
CA HIS B 255 15.28 -3.50 -8.04
C HIS B 255 16.67 -4.02 -8.43
N THR B 256 16.81 -4.44 -9.68
CA THR B 256 18.03 -5.10 -10.13
C THR B 256 18.75 -4.37 -11.26
N HIS B 257 20.03 -4.10 -11.06
CA HIS B 257 20.85 -3.41 -12.05
C HIS B 257 21.69 -4.39 -12.85
N LEU B 258 21.68 -4.22 -14.16
CA LEU B 258 22.13 -5.26 -15.10
C LEU B 258 23.14 -4.72 -16.11
N SER B 259 24.21 -5.47 -16.34
CA SER B 259 25.12 -5.17 -17.44
C SER B 259 25.79 -6.44 -17.95
N MET B 260 26.21 -6.43 -19.22
CA MET B 260 26.86 -7.58 -19.84
C MET B 260 28.29 -7.25 -20.27
N TRP B 261 29.23 -8.12 -19.93
CA TRP B 261 30.64 -7.83 -20.16
C TRP B 261 31.29 -8.96 -20.94
N THR B 262 32.36 -8.64 -21.68
CA THR B 262 33.18 -9.67 -22.29
C THR B 262 34.20 -10.13 -21.26
N ALA B 263 34.81 -11.28 -21.49
CA ALA B 263 35.83 -11.77 -20.55
C ALA B 263 36.99 -10.79 -20.45
N ALA B 264 37.23 -10.02 -21.52
CA ALA B 264 38.32 -9.05 -21.56
C ALA B 264 38.05 -7.81 -20.70
N GLY B 265 36.82 -7.68 -20.20
CA GLY B 265 36.52 -6.61 -19.26
C GLY B 265 35.83 -5.40 -19.84
N ASP B 266 35.16 -5.58 -20.97
CA ASP B 266 34.43 -4.46 -21.55
CA ASP B 266 34.43 -4.51 -21.67
C ASP B 266 32.92 -4.61 -21.45
N ASN B 267 32.26 -3.49 -21.19
CA ASN B 267 30.82 -3.46 -20.96
C ASN B 267 30.07 -3.37 -22.28
N LEU B 268 29.54 -4.50 -22.72
CA LEU B 268 28.76 -4.57 -23.94
C LEU B 268 27.61 -3.55 -23.98
N PHE B 269 27.06 -3.17 -22.82
CA PHE B 269 25.91 -2.28 -22.80
C PHE B 269 26.29 -0.82 -23.14
N GLU B 270 27.56 -0.50 -22.96
CA GLU B 270 28.06 0.85 -23.21
C GLU B 270 28.23 1.03 -24.72
N GLY B 271 27.68 2.10 -25.27
CA GLY B 271 27.79 2.33 -26.70
C GLY B 271 27.47 3.75 -27.14
N ASP B 272 27.19 3.89 -28.44
CA ASP B 272 27.10 5.19 -29.10
C ASP B 272 25.67 5.69 -29.30
N GLY B 273 24.69 4.88 -28.92
CA GLY B 273 23.30 5.23 -29.13
C GLY B 273 22.76 6.17 -28.07
N GLU B 274 21.44 6.28 -27.99
CA GLU B 274 20.84 7.17 -27.01
C GLU B 274 21.16 6.76 -25.57
N LEU B 275 21.49 7.75 -24.74
CA LEU B 275 21.80 7.53 -23.33
C LEU B 275 23.09 6.73 -23.11
N GLY B 276 23.89 6.59 -24.15
CA GLY B 276 25.18 5.92 -24.03
C GLY B 276 25.08 4.40 -24.08
N LEU B 277 23.95 3.93 -24.57
CA LEU B 277 23.66 2.49 -24.68
C LEU B 277 23.91 1.97 -26.08
N SER B 278 24.31 0.71 -26.17
CA SER B 278 24.59 0.04 -27.44
C SER B 278 23.38 -0.70 -27.97
N PRO B 279 23.46 -1.17 -29.23
CA PRO B 279 22.37 -1.98 -29.78
C PRO B 279 22.18 -3.28 -29.00
N THR B 280 23.27 -3.81 -28.45
CA THR B 280 23.19 -4.98 -27.60
C THR B 280 22.29 -4.68 -26.39
N ALA B 281 22.52 -3.53 -25.75
CA ALA B 281 21.73 -3.14 -24.59
C ALA B 281 20.26 -2.93 -24.94
N TYR B 282 20.00 -2.28 -26.07
CA TYR B 282 18.62 -2.10 -26.48
C TYR B 282 17.94 -3.41 -26.87
N ALA B 283 18.69 -4.36 -27.43
CA ALA B 283 18.09 -5.64 -27.78
C ALA B 283 17.87 -6.53 -26.55
N PHE B 284 18.77 -6.45 -25.58
CA PHE B 284 18.55 -7.04 -24.27
C PHE B 284 17.27 -6.42 -23.66
N LEU B 285 17.23 -5.08 -23.62
CA LEU B 285 16.06 -4.38 -23.13
C LEU B 285 14.79 -4.88 -23.84
N GLY B 286 14.90 -5.10 -25.15
CA GLY B 286 13.77 -5.60 -25.91
C GLY B 286 13.30 -6.97 -25.44
N GLY B 287 14.22 -7.78 -24.94
CA GLY B 287 13.88 -9.10 -24.45
C GLY B 287 13.07 -8.95 -23.17
N LEU B 288 13.52 -8.02 -22.33
CA LEU B 288 12.81 -7.70 -21.09
C LEU B 288 11.36 -7.27 -21.37
N ILE B 289 11.19 -6.31 -22.27
CA ILE B 289 9.85 -5.80 -22.61
C ILE B 289 9.00 -6.92 -23.19
N GLY B 290 9.59 -7.67 -24.12
CA GLY B 290 8.85 -8.70 -24.85
C GLY B 290 8.40 -9.82 -23.93
N HIS B 291 9.20 -10.10 -22.91
CA HIS B 291 8.95 -11.23 -22.02
C HIS B 291 8.47 -10.80 -20.64
N ALA B 292 8.04 -9.54 -20.52
CA ALA B 292 7.73 -8.94 -19.22
C ALA B 292 6.64 -9.70 -18.47
N LYS B 293 5.57 -10.08 -19.17
CA LYS B 293 4.45 -10.76 -18.56
C LYS B 293 4.87 -12.06 -17.86
N GLY B 294 5.52 -12.95 -18.60
CA GLY B 294 5.97 -14.20 -18.01
C GLY B 294 7.01 -13.95 -16.94
N LEU B 295 7.85 -12.94 -17.16
CA LEU B 295 8.90 -12.58 -16.22
C LEU B 295 8.32 -12.21 -14.84
N THR B 296 7.19 -11.52 -14.83
CA THR B 296 6.51 -11.13 -13.60
C THR B 296 6.26 -12.29 -12.64
N ALA B 297 5.89 -13.44 -13.20
CA ALA B 297 5.64 -14.63 -12.37
C ALA B 297 6.86 -14.98 -11.55
N VAL B 298 8.03 -14.92 -12.15
CA VAL B 298 9.26 -15.31 -11.45
C VAL B 298 9.76 -14.23 -10.49
N VAL B 299 9.67 -12.97 -10.89
CA VAL B 299 10.20 -11.87 -10.06
C VAL B 299 9.16 -11.25 -9.11
N ASN B 300 7.89 -11.60 -9.31
CA ASN B 300 6.80 -11.32 -8.36
C ASN B 300 6.11 -12.65 -8.00
N PRO B 301 6.82 -13.50 -7.25
CA PRO B 301 6.45 -14.92 -7.15
C PRO B 301 5.38 -15.27 -6.10
N THR B 302 4.78 -14.29 -5.44
CA THR B 302 3.78 -14.59 -4.41
C THR B 302 2.42 -13.93 -4.64
N VAL B 303 1.38 -14.48 -4.03
CA VAL B 303 0.07 -13.84 -4.10
C VAL B 303 0.22 -12.41 -3.64
N ASN B 304 0.94 -12.23 -2.52
CA ASN B 304 1.15 -10.92 -1.89
C ASN B 304 1.88 -9.91 -2.80
N SER B 305 2.73 -10.41 -3.69
CA SER B 305 3.45 -9.58 -4.66
C SER B 305 2.54 -8.65 -5.46
N TYR B 306 1.33 -9.09 -5.76
CA TYR B 306 0.51 -8.37 -6.74
C TYR B 306 -0.13 -7.09 -6.21
N LYS B 307 -0.09 -6.93 -4.90
CA LYS B 307 -0.59 -5.71 -4.29
C LYS B 307 0.18 -4.48 -4.79
N ARG B 308 1.47 -4.65 -5.05
CA ARG B 308 2.32 -3.56 -5.54
C ARG B 308 2.03 -3.22 -7.00
N LEU B 309 1.34 -4.11 -7.70
CA LEU B 309 0.93 -3.85 -9.07
C LEU B 309 -0.48 -3.29 -9.19
N ASN B 310 -1.22 -3.23 -8.08
CA ASN B 310 -2.60 -2.75 -8.14
C ASN B 310 -2.82 -1.49 -7.33
N ALA B 311 -1.84 -1.16 -6.48
CA ALA B 311 -1.73 0.19 -5.90
C ALA B 311 -2.48 1.23 -6.72
N SER B 321 -2.14 0.73 -10.31
CA SER B 321 -1.76 1.93 -11.07
C SER B 321 -0.51 1.73 -11.94
N PRO B 322 0.68 1.62 -11.32
CA PRO B 322 1.94 1.55 -12.09
C PRO B 322 2.22 0.14 -12.59
N ASN B 323 1.45 -0.31 -13.57
CA ASN B 323 1.56 -1.71 -13.95
C ASN B 323 1.63 -1.97 -15.44
N THR B 324 2.05 -0.99 -16.22
CA THR B 324 2.22 -1.19 -17.65
C THR B 324 3.69 -1.46 -18.00
N ILE B 325 3.90 -1.90 -19.22
CA ILE B 325 5.22 -2.30 -19.68
C ILE B 325 5.84 -1.18 -20.53
N THR B 326 6.70 -0.38 -19.91
CA THR B 326 7.36 0.75 -20.58
C THR B 326 8.76 0.95 -20.02
N TYR B 327 9.57 1.73 -20.72
CA TYR B 327 10.88 2.11 -20.21
C TYR B 327 11.13 3.59 -20.41
N GLY B 328 11.86 4.18 -19.49
CA GLY B 328 12.19 5.57 -19.56
C GLY B 328 13.69 5.71 -19.54
N GLY B 329 14.17 6.94 -19.39
CA GLY B 329 15.58 7.19 -19.21
C GLY B 329 15.90 7.07 -17.73
N ASN B 330 16.61 8.06 -17.21
CA ASN B 330 16.91 8.11 -15.78
C ASN B 330 15.66 8.56 -15.02
N ASN B 331 14.74 7.63 -14.87
CA ASN B 331 13.36 7.92 -14.55
C ASN B 331 12.75 6.75 -13.75
N ARG B 332 12.56 6.96 -12.45
CA ARG B 332 12.15 5.88 -11.53
C ARG B 332 10.65 5.63 -11.60
N THR B 333 10.10 5.80 -12.78
CA THR B 333 8.66 5.80 -12.95
C THR B 333 8.24 4.70 -13.92
N HIS B 334 9.21 4.00 -14.51
CA HIS B 334 8.93 2.94 -15.48
C HIS B 334 9.37 1.53 -15.05
N MET B 335 8.88 0.53 -15.76
CA MET B 335 9.28 -0.85 -15.47
C MET B 335 10.79 -1.01 -15.63
N VAL B 336 11.34 -0.33 -16.63
CA VAL B 336 12.78 -0.31 -16.82
C VAL B 336 13.30 1.12 -16.81
N ARG B 337 14.35 1.35 -16.03
CA ARG B 337 15.00 2.64 -16.01
C ARG B 337 16.42 2.48 -16.56
N ILE B 338 16.90 3.51 -17.26
CA ILE B 338 18.27 3.57 -17.69
C ILE B 338 18.95 4.63 -16.84
N PRO B 339 19.72 4.19 -15.84
CA PRO B 339 20.26 5.11 -14.83
C PRO B 339 21.43 5.93 -15.38
N ASP B 340 22.12 5.34 -16.34
CA ASP B 340 23.41 5.83 -16.78
C ASP B 340 23.82 4.97 -17.97
N ALA B 341 24.88 5.39 -18.66
CA ALA B 341 25.42 4.61 -19.75
C ALA B 341 25.85 3.21 -19.27
N GLY B 342 25.63 2.21 -20.11
CA GLY B 342 26.08 0.87 -19.78
C GLY B 342 25.37 0.09 -18.67
N ARG B 343 24.15 0.48 -18.32
CA ARG B 343 23.34 -0.39 -17.47
C ARG B 343 21.84 -0.16 -17.56
N LEU B 344 21.09 -1.20 -17.25
CA LEU B 344 19.64 -1.15 -17.21
C LEU B 344 19.19 -1.49 -15.81
N GLU B 345 18.13 -0.83 -15.35
CA GLU B 345 17.57 -1.16 -14.06
C GLU B 345 16.20 -1.75 -14.27
N LEU B 346 16.03 -3.02 -13.90
CA LEU B 346 14.70 -3.62 -13.93
C LEU B 346 14.00 -3.31 -12.60
N ARG B 347 12.98 -2.47 -12.66
CA ARG B 347 12.27 -2.05 -11.45
C ARG B 347 11.01 -2.89 -11.27
N LEU B 348 11.14 -4.18 -11.56
CA LEU B 348 10.00 -5.09 -11.49
C LEU B 348 10.06 -6.07 -10.31
N PRO B 349 11.25 -6.65 -10.03
CA PRO B 349 11.31 -7.70 -8.99
C PRO B 349 11.01 -7.17 -7.58
N ASP B 350 10.42 -8.00 -6.73
CA ASP B 350 10.14 -7.59 -5.34
C ASP B 350 10.99 -8.38 -4.36
N GLY B 351 10.75 -8.15 -3.06
CA GLY B 351 11.58 -8.70 -2.00
C GLY B 351 11.55 -10.21 -1.93
N ALA B 352 10.54 -10.81 -2.55
CA ALA B 352 10.36 -12.27 -2.54
C ALA B 352 11.10 -12.95 -3.69
N ALA B 353 11.64 -12.16 -4.63
CA ALA B 353 12.28 -12.75 -5.81
C ALA B 353 13.42 -13.68 -5.44
N ASN B 354 13.41 -14.87 -6.06
CA ASN B 354 14.48 -15.84 -5.85
C ASN B 354 15.84 -15.26 -6.29
N PRO B 355 16.84 -15.32 -5.41
CA PRO B 355 18.13 -14.69 -5.74
C PRO B 355 18.84 -15.35 -6.93
N TYR B 356 18.50 -16.58 -7.28
CA TYR B 356 19.06 -17.25 -8.45
C TYR B 356 18.08 -17.29 -9.62
N LEU B 357 16.84 -17.68 -9.34
CA LEU B 357 15.83 -17.77 -10.37
C LEU B 357 15.59 -16.42 -11.05
N MET B 358 15.62 -15.34 -10.29
CA MET B 358 15.32 -14.06 -10.90
C MET B 358 16.39 -13.57 -11.91
N PRO B 359 17.68 -13.62 -11.56
CA PRO B 359 18.69 -13.28 -12.57
C PRO B 359 18.64 -14.25 -13.74
N ALA B 360 18.45 -15.54 -13.45
CA ALA B 360 18.32 -16.56 -14.48
C ALA B 360 17.21 -16.23 -15.48
N ALA B 361 16.05 -15.84 -14.96
CA ALA B 361 14.92 -15.51 -15.83
C ALA B 361 15.19 -14.22 -16.61
N ILE B 362 15.73 -13.24 -15.91
CA ILE B 362 16.06 -11.98 -16.53
C ILE B 362 17.05 -12.21 -17.67
N LEU B 363 18.09 -12.97 -17.40
CA LEU B 363 19.11 -13.27 -18.39
C LEU B 363 18.52 -14.06 -19.55
N ALA B 364 17.66 -15.03 -19.25
CA ALA B 364 16.97 -15.78 -20.30
C ALA B 364 16.21 -14.82 -21.24
N ALA B 365 15.47 -13.89 -20.65
CA ALA B 365 14.70 -12.94 -21.43
C ALA B 365 15.62 -12.04 -22.25
N GLY B 366 16.72 -11.61 -21.64
CA GLY B 366 17.64 -10.71 -22.30
C GLY B 366 18.41 -11.33 -23.45
N LEU B 367 18.87 -12.56 -23.26
CA LEU B 367 19.56 -13.29 -24.32
C LEU B 367 18.64 -13.46 -25.51
N ASP B 368 17.38 -13.79 -25.25
CA ASP B 368 16.44 -13.93 -26.34
C ASP B 368 16.29 -12.60 -27.06
N GLY B 369 16.28 -11.52 -26.29
CA GLY B 369 16.20 -10.19 -26.86
C GLY B 369 17.35 -9.98 -27.82
N ILE B 370 18.55 -10.30 -27.34
CA ILE B 370 19.76 -10.17 -28.14
C ILE B 370 19.71 -11.05 -29.38
N GLU B 371 19.30 -12.30 -29.23
CA GLU B 371 19.27 -13.26 -30.34
C GLU B 371 18.26 -12.90 -31.43
N THR B 372 17.19 -12.21 -31.06
CA THR B 372 16.13 -11.88 -32.00
C THR B 372 16.16 -10.40 -32.35
N GLN B 373 17.15 -9.70 -31.81
CA GLN B 373 17.28 -8.28 -32.06
C GLN B 373 15.97 -7.60 -31.72
N ALA B 374 15.44 -7.92 -30.54
CA ALA B 374 14.15 -7.40 -30.10
C ALA B 374 14.13 -5.86 -30.01
N ASP B 375 13.03 -5.27 -30.47
CA ASP B 375 12.82 -3.83 -30.42
C ASP B 375 12.02 -3.50 -29.16
N PRO B 376 12.62 -2.72 -28.26
CA PRO B 376 11.93 -2.36 -27.00
C PRO B 376 10.83 -1.31 -27.17
N GLY B 377 10.74 -0.68 -28.34
CA GLY B 377 9.74 0.35 -28.57
C GLY B 377 10.29 1.69 -28.19
N GLN B 378 9.43 2.71 -28.11
CA GLN B 378 9.87 4.08 -27.84
C GLN B 378 10.12 4.36 -26.35
N ARG B 379 11.26 4.96 -26.04
CA ARG B 379 11.52 5.42 -24.68
C ARG B 379 10.56 6.54 -24.28
N LEU B 380 10.02 6.46 -23.08
CA LEU B 380 9.06 7.46 -22.62
C LEU B 380 9.67 8.37 -21.54
N ASP B 381 9.84 9.64 -21.88
CA ASP B 381 10.37 10.62 -20.93
C ASP B 381 9.24 11.35 -20.22
N ILE B 382 8.46 10.61 -19.46
CA ILE B 382 7.35 11.19 -18.73
C ILE B 382 7.24 10.53 -17.36
N ASP B 383 6.55 11.23 -16.46
CA ASP B 383 6.19 10.71 -15.15
C ASP B 383 4.96 9.86 -15.34
N MET B 384 5.11 8.54 -15.28
CA MET B 384 3.96 7.64 -15.46
C MET B 384 2.88 7.83 -14.39
N TYR B 385 3.29 8.23 -13.19
CA TYR B 385 2.33 8.46 -12.11
C TYR B 385 1.36 9.59 -12.44
N VAL B 386 1.79 10.50 -13.31
CA VAL B 386 0.97 11.66 -13.65
C VAL B 386 0.37 11.54 -15.04
N GLU B 387 1.15 10.99 -15.97
CA GLU B 387 0.79 10.95 -17.40
C GLU B 387 0.51 9.54 -17.91
N GLY B 388 0.76 8.53 -17.07
CA GLY B 388 0.65 7.14 -17.48
C GLY B 388 -0.70 6.71 -18.01
N HIS B 389 -1.76 7.39 -17.55
CA HIS B 389 -3.13 7.10 -18.00
C HIS B 389 -3.29 7.17 -19.52
N SER B 390 -2.61 8.15 -20.14
CA SER B 390 -2.81 8.47 -21.54
C SER B 390 -1.79 7.82 -22.47
N VAL B 391 -1.21 6.71 -22.02
CA VAL B 391 -0.16 6.04 -22.78
C VAL B 391 -0.62 4.65 -23.18
N GLU B 392 -0.47 4.32 -24.47
CA GLU B 392 -0.80 2.99 -24.95
C GLU B 392 0.32 2.03 -24.60
N ALA B 393 0.02 1.05 -23.75
CA ALA B 393 1.04 0.10 -23.34
C ALA B 393 0.43 -1.23 -22.90
N GLU B 394 1.17 -2.30 -23.10
CA GLU B 394 0.80 -3.62 -22.59
C GLU B 394 0.82 -3.59 -21.06
N GLN B 395 -0.11 -4.30 -20.44
CA GLN B 395 -0.18 -4.33 -18.99
C GLN B 395 0.38 -5.65 -18.44
N LEU B 396 1.09 -5.55 -17.32
CA LEU B 396 1.57 -6.73 -16.61
C LEU B 396 0.39 -7.56 -16.09
N PRO B 397 0.62 -8.84 -15.83
CA PRO B 397 -0.46 -9.64 -15.21
C PRO B 397 -0.70 -9.11 -13.79
N LEU B 398 -1.94 -9.14 -13.32
CA LEU B 398 -2.31 -8.39 -12.10
C LEU B 398 -2.56 -9.25 -10.85
N ASN B 399 -2.41 -10.57 -11.01
CA ASN B 399 -2.50 -11.52 -9.90
C ASN B 399 -1.62 -12.73 -10.21
N LEU B 400 -1.30 -13.52 -9.18
CA LEU B 400 -0.40 -14.65 -9.33
C LEU B 400 -0.82 -15.63 -10.43
N LEU B 401 -2.14 -15.85 -10.54
CA LEU B 401 -2.65 -16.87 -11.46
C LEU B 401 -2.38 -16.43 -12.89
N ASP B 402 -2.72 -15.17 -13.19
CA ASP B 402 -2.52 -14.65 -14.54
C ASP B 402 -1.03 -14.62 -14.86
N ALA B 403 -0.19 -14.35 -13.87
CA ALA B 403 1.24 -14.28 -14.11
C ALA B 403 1.78 -15.66 -14.49
N VAL B 404 1.38 -16.68 -13.74
CA VAL B 404 1.79 -18.04 -14.03
C VAL B 404 1.31 -18.49 -15.41
N ARG B 405 0.08 -18.15 -15.76
CA ARG B 405 -0.43 -18.40 -17.11
C ARG B 405 0.49 -17.78 -18.16
N ALA B 406 0.98 -16.58 -17.88
CA ALA B 406 1.84 -15.86 -18.81
C ALA B 406 3.19 -16.56 -18.93
N LEU B 407 3.72 -17.08 -17.81
CA LEU B 407 4.95 -17.84 -17.82
C LEU B 407 4.76 -19.06 -18.73
N GLU B 408 3.65 -19.75 -18.54
CA GLU B 408 3.37 -20.99 -19.23
C GLU B 408 3.17 -20.80 -20.73
N ALA B 409 2.62 -19.65 -21.12
CA ALA B 409 2.46 -19.32 -22.53
C ALA B 409 3.79 -18.84 -23.15
N ASP B 410 4.75 -18.45 -22.31
CA ASP B 410 6.01 -17.94 -22.84
C ASP B 410 7.02 -19.08 -22.95
N GLU B 411 6.97 -19.79 -24.07
CA GLU B 411 7.80 -20.99 -24.23
C GLU B 411 9.28 -20.66 -24.26
N VAL B 412 9.61 -19.53 -24.87
CA VAL B 412 11.00 -19.12 -24.96
C VAL B 412 11.58 -18.88 -23.58
N LEU B 413 10.82 -18.17 -22.74
CA LEU B 413 11.21 -17.91 -21.36
C LEU B 413 11.27 -19.16 -20.53
N ALA B 414 10.23 -19.99 -20.58
CA ALA B 414 10.25 -21.23 -19.82
C ALA B 414 11.40 -22.12 -20.28
N GLY B 415 11.57 -22.26 -21.58
CA GLY B 415 12.66 -23.05 -22.12
C GLY B 415 14.03 -22.55 -21.67
N GLY B 416 14.16 -21.24 -21.53
CA GLY B 416 15.40 -20.65 -21.05
C GLY B 416 15.70 -20.99 -19.61
N LEU B 417 14.66 -21.15 -18.80
CA LEU B 417 14.83 -21.52 -17.40
C LEU B 417 14.91 -23.02 -17.20
N GLY B 418 14.57 -23.80 -18.23
CA GLY B 418 14.61 -25.24 -18.10
C GLY B 418 13.48 -25.77 -17.22
N ALA B 419 13.66 -26.98 -16.70
CA ALA B 419 12.60 -27.66 -15.96
C ALA B 419 12.18 -26.94 -14.65
N ALA B 420 12.95 -25.95 -14.22
CA ALA B 420 12.55 -25.12 -13.08
C ALA B 420 11.25 -24.35 -13.34
N ALA B 421 11.01 -23.97 -14.58
CA ALA B 421 9.84 -23.15 -14.91
C ALA B 421 8.54 -23.90 -14.59
N ALA B 422 8.43 -25.13 -15.08
CA ALA B 422 7.22 -25.92 -14.89
C ALA B 422 7.00 -26.28 -13.43
N ALA B 423 8.10 -26.54 -12.72
CA ALA B 423 8.01 -26.86 -11.30
C ALA B 423 7.57 -25.64 -10.48
N PHE B 424 8.16 -24.49 -10.82
CA PHE B 424 7.81 -23.22 -10.20
C PHE B 424 6.33 -22.95 -10.39
N ALA B 425 5.85 -23.10 -11.64
CA ALA B 425 4.44 -22.87 -11.95
C ALA B 425 3.53 -23.83 -11.18
N LYS B 426 3.99 -25.06 -10.98
CA LYS B 426 3.20 -26.03 -10.23
C LYS B 426 2.99 -25.55 -8.80
N PHE B 427 4.08 -25.12 -8.18
CA PHE B 427 4.05 -24.62 -6.80
C PHE B 427 3.20 -23.35 -6.63
N LYS B 428 3.34 -22.42 -7.57
CA LYS B 428 2.59 -21.17 -7.48
C LYS B 428 1.08 -21.36 -7.67
N ARG B 429 0.69 -22.34 -8.49
CA ARG B 429 -0.73 -22.61 -8.71
C ARG B 429 -1.35 -23.20 -7.46
N ALA B 430 -0.60 -24.07 -6.77
CA ALA B 430 -1.02 -24.62 -5.48
C ALA B 430 -1.13 -23.53 -4.39
N GLU B 431 -0.17 -22.61 -4.32
CA GLU B 431 -0.25 -21.48 -3.41
C GLU B 431 -1.50 -20.64 -3.71
N TRP B 432 -1.73 -20.38 -4.99
CA TRP B 432 -2.92 -19.65 -5.41
C TRP B 432 -4.20 -20.31 -4.91
N ALA B 433 -4.36 -21.60 -5.20
CA ALA B 433 -5.53 -22.35 -4.73
C ALA B 433 -5.63 -22.34 -3.20
N ASP B 434 -4.50 -22.41 -2.52
CA ASP B 434 -4.46 -22.38 -1.06
C ASP B 434 -4.93 -21.02 -0.55
N TYR B 435 -4.39 -19.96 -1.13
CA TYR B 435 -4.86 -18.61 -0.83
C TYR B 435 -6.37 -18.45 -1.02
N LYS B 436 -6.87 -18.84 -2.20
CA LYS B 436 -8.29 -18.65 -2.53
C LYS B 436 -9.23 -19.43 -1.60
N SER B 437 -8.77 -20.56 -1.08
CA SER B 437 -9.59 -21.36 -0.18
C SER B 437 -9.76 -20.76 1.23
N GLN B 438 -8.91 -19.80 1.59
CA GLN B 438 -9.02 -19.14 2.89
C GLN B 438 -10.27 -18.26 2.97
N LEU B 439 -11.05 -18.42 4.04
CA LEU B 439 -12.24 -17.61 4.28
C LEU B 439 -11.79 -16.32 4.94
N THR B 440 -11.92 -15.20 4.24
CA THR B 440 -11.46 -13.92 4.76
C THR B 440 -12.56 -13.09 5.40
N GLU B 441 -12.16 -12.23 6.35
CA GLU B 441 -13.04 -11.25 6.96
C GLU B 441 -13.79 -10.41 5.92
N TRP B 442 -13.06 -9.94 4.91
CA TRP B 442 -13.66 -9.12 3.88
C TRP B 442 -14.85 -9.84 3.25
N GLU B 443 -14.68 -11.14 2.99
CA GLU B 443 -15.75 -11.94 2.41
C GLU B 443 -16.97 -11.93 3.32
N ARG B 444 -16.74 -12.14 4.62
CA ARG B 444 -17.84 -12.25 5.56
C ARG B 444 -18.50 -10.88 5.70
N ARG B 445 -17.69 -9.84 5.85
CA ARG B 445 -18.24 -8.49 6.00
C ARG B 445 -19.09 -8.08 4.79
N THR B 446 -18.66 -8.47 3.59
CA THR B 446 -19.33 -8.01 2.38
C THR B 446 -20.36 -8.98 1.83
N THR B 447 -20.40 -10.20 2.35
CA THR B 447 -21.30 -11.21 1.76
C THR B 447 -22.35 -11.77 2.74
N LEU B 448 -22.15 -11.53 4.03
CA LEU B 448 -23.02 -12.11 5.05
C LEU B 448 -24.48 -11.73 4.80
N ASP B 449 -24.67 -10.52 4.28
CA ASP B 449 -26.01 -9.99 4.06
C ASP B 449 -26.49 -10.06 2.59
N CYS B 450 -25.83 -10.87 1.77
CA CYS B 450 -26.18 -10.93 0.33
C CYS B 450 -27.64 -11.33 0.09
N MET C 21 -59.20 -2.94 -11.12
CA MET C 21 -58.10 -2.86 -10.15
C MET C 21 -58.43 -1.94 -8.98
N THR C 22 -58.93 -2.51 -7.88
CA THR C 22 -59.04 -1.75 -6.64
C THR C 22 -57.66 -1.17 -6.36
N ASP C 23 -57.56 0.16 -6.34
CA ASP C 23 -56.27 0.83 -6.21
C ASP C 23 -55.61 0.65 -4.84
N LEU C 24 -54.30 0.90 -4.81
CA LEU C 24 -53.54 0.80 -3.57
C LEU C 24 -54.04 1.73 -2.46
N ALA C 25 -54.48 2.93 -2.81
CA ALA C 25 -55.04 3.85 -1.82
C ALA C 25 -56.28 3.24 -1.16
N SER C 26 -57.12 2.63 -1.99
CA SER C 26 -58.35 2.01 -1.51
C SER C 26 -58.03 0.77 -0.69
N ILE C 27 -57.10 -0.03 -1.20
CA ILE C 27 -56.71 -1.24 -0.49
C ILE C 27 -56.07 -0.88 0.85
N ALA C 28 -55.33 0.21 0.87
CA ALA C 28 -54.76 0.72 2.13
C ALA C 28 -55.85 1.04 3.15
N ARG C 29 -56.92 1.70 2.72
CA ARG C 29 -58.02 2.03 3.61
C ARG C 29 -58.69 0.78 4.18
N GLU C 30 -58.98 -0.19 3.31
CA GLU C 30 -59.73 -1.36 3.76
C GLU C 30 -58.90 -2.38 4.53
N LYS C 31 -57.61 -2.49 4.18
CA LYS C 31 -56.76 -3.49 4.82
C LYS C 31 -56.02 -2.91 6.02
N GLY C 32 -56.10 -1.60 6.21
CA GLY C 32 -55.41 -0.95 7.31
C GLY C 32 -53.90 -0.88 7.11
N ILE C 33 -53.49 -0.53 5.89
CA ILE C 33 -52.06 -0.34 5.59
C ILE C 33 -51.72 1.14 5.75
N GLU C 34 -50.77 1.43 6.63
CA GLU C 34 -50.38 2.81 6.93
C GLU C 34 -49.13 3.24 6.16
N PHE C 35 -48.30 2.27 5.77
CA PHE C 35 -47.12 2.56 4.99
C PHE C 35 -46.89 1.53 3.90
N PHE C 36 -46.30 1.97 2.80
CA PHE C 36 -45.88 1.05 1.76
C PHE C 36 -44.37 1.09 1.70
N LEU C 37 -43.77 -0.07 1.48
CA LEU C 37 -42.37 -0.15 1.14
C LEU C 37 -42.30 -0.32 -0.36
N ILE C 38 -41.92 0.73 -1.08
CA ILE C 38 -41.71 0.56 -2.50
C ILE C 38 -40.28 0.10 -2.68
N SER C 39 -40.13 -1.10 -3.19
CA SER C 39 -38.84 -1.73 -3.20
C SER C 39 -38.42 -2.16 -4.61
N PHE C 40 -37.12 -2.11 -4.88
CA PHE C 40 -36.56 -2.74 -6.07
C PHE C 40 -35.25 -3.43 -5.71
N THR C 41 -34.83 -4.37 -6.56
CA THR C 41 -33.61 -5.11 -6.36
C THR C 41 -32.53 -4.58 -7.28
N ASP C 42 -31.37 -4.25 -6.74
CA ASP C 42 -30.29 -3.75 -7.59
C ASP C 42 -29.42 -4.90 -8.10
N LEU C 43 -28.34 -4.55 -8.80
CA LEU C 43 -27.51 -5.52 -9.50
C LEU C 43 -26.81 -6.48 -8.55
N LEU C 44 -26.62 -6.05 -7.31
CA LEU C 44 -25.99 -6.93 -6.32
C LEU C 44 -27.04 -7.66 -5.49
N GLY C 45 -28.31 -7.53 -5.88
CA GLY C 45 -29.36 -8.23 -5.16
C GLY C 45 -29.86 -7.49 -3.93
N VAL C 46 -29.20 -6.37 -3.61
CA VAL C 46 -29.59 -5.54 -2.46
C VAL C 46 -31.01 -5.01 -2.62
N GLN C 47 -31.84 -5.19 -1.60
CA GLN C 47 -33.18 -4.61 -1.59
C GLN C 47 -33.12 -3.13 -1.23
N ARG C 48 -33.61 -2.31 -2.17
CA ARG C 48 -33.67 -0.88 -1.99
C ARG C 48 -35.14 -0.51 -1.88
N ALA C 49 -35.48 0.24 -0.84
CA ALA C 49 -36.87 0.59 -0.63
C ALA C 49 -37.02 1.99 -0.05
N LYS C 50 -38.21 2.54 -0.23
CA LYS C 50 -38.59 3.80 0.33
C LYS C 50 -39.85 3.54 1.15
N LEU C 51 -39.95 4.13 2.33
CA LEU C 51 -41.14 3.97 3.17
C LEU C 51 -42.08 5.14 2.94
N VAL C 52 -43.25 4.87 2.35
CA VAL C 52 -44.19 5.93 2.01
C VAL C 52 -45.52 5.83 2.76
N PRO C 53 -45.96 6.94 3.36
CA PRO C 53 -47.24 6.91 4.05
C PRO C 53 -48.38 6.64 3.07
N ALA C 54 -49.42 5.95 3.52
CA ALA C 54 -50.57 5.65 2.66
C ALA C 54 -51.05 6.88 1.90
N ARG C 55 -51.04 8.05 2.54
CA ARG C 55 -51.57 9.27 1.91
C ARG C 55 -50.84 9.63 0.63
N ALA C 56 -49.72 8.99 0.37
CA ALA C 56 -48.92 9.33 -0.82
C ALA C 56 -48.87 8.23 -1.87
N ILE C 57 -49.51 7.09 -1.59
CA ILE C 57 -49.38 5.95 -2.48
C ILE C 57 -49.97 6.17 -3.87
N ALA C 58 -51.12 6.83 -3.95
CA ALA C 58 -51.80 7.01 -5.24
C ALA C 58 -50.85 7.60 -6.28
N ASP C 59 -50.20 8.70 -5.93
CA ASP C 59 -49.30 9.38 -6.86
C ASP C 59 -48.07 8.52 -7.20
N MET C 60 -47.48 7.89 -6.19
CA MET C 60 -46.30 7.06 -6.41
C MET C 60 -46.62 5.82 -7.23
N ALA C 61 -47.82 5.27 -7.09
CA ALA C 61 -48.19 4.08 -7.84
C ALA C 61 -48.21 4.41 -9.34
N VAL C 62 -48.66 5.63 -9.66
CA VAL C 62 -48.84 6.02 -11.04
C VAL C 62 -47.54 6.54 -11.62
N ASN C 63 -46.92 7.47 -10.90
CA ASN C 63 -45.72 8.13 -11.37
C ASN C 63 -44.41 7.45 -10.93
N GLY C 64 -44.47 6.69 -9.84
CA GLY C 64 -43.28 6.01 -9.34
C GLY C 64 -42.62 6.76 -8.19
N ALA C 65 -41.83 6.03 -7.41
CA ALA C 65 -41.02 6.63 -6.35
C ALA C 65 -39.64 6.98 -6.89
N GLY C 66 -39.20 8.21 -6.63
CA GLY C 66 -37.91 8.68 -7.08
C GLY C 66 -36.76 8.21 -6.22
N PHE C 67 -35.69 7.75 -6.86
CA PHE C 67 -34.47 7.34 -6.18
C PHE C 67 -33.28 7.89 -6.97
N ALA C 68 -32.19 8.25 -6.28
CA ALA C 68 -30.96 8.55 -6.97
C ALA C 68 -30.24 7.24 -7.28
N GLY C 69 -30.38 6.80 -8.54
CA GLY C 69 -29.91 5.49 -8.95
C GLY C 69 -28.42 5.23 -8.81
N PHE C 70 -27.61 6.29 -8.81
CA PHE C 70 -26.18 6.10 -8.64
C PHE C 70 -25.88 5.61 -7.21
N ALA C 71 -26.82 5.82 -6.29
CA ALA C 71 -26.62 5.44 -4.89
C ALA C 71 -26.89 3.96 -4.66
N ALA C 72 -27.43 3.29 -5.67
CA ALA C 72 -27.64 1.85 -5.59
C ALA C 72 -26.70 1.20 -6.59
N TRP C 73 -26.72 -0.13 -6.70
CA TRP C 73 -25.88 -0.79 -7.67
C TRP C 73 -26.62 -0.89 -9.01
N LEU C 74 -26.57 0.22 -9.77
CA LEU C 74 -27.28 0.34 -11.04
C LEU C 74 -26.37 0.91 -12.13
N ASP C 75 -25.12 1.19 -11.78
CA ASP C 75 -24.14 1.71 -12.72
C ASP C 75 -24.59 3.04 -13.33
N MET C 76 -24.87 4.00 -12.47
CA MET C 76 -25.30 5.31 -12.92
C MET C 76 -24.42 6.41 -12.32
N SER C 77 -24.73 7.66 -12.67
CA SER C 77 -23.99 8.82 -12.19
C SER C 77 -24.89 9.74 -11.37
N PRO C 78 -24.28 10.50 -10.44
CA PRO C 78 -25.04 11.50 -9.69
C PRO C 78 -25.64 12.56 -10.64
N ALA C 79 -25.07 12.70 -11.83
CA ALA C 79 -25.58 13.69 -12.80
C ALA C 79 -26.85 13.22 -13.49
N ASP C 80 -27.12 11.92 -13.43
CA ASP C 80 -28.31 11.37 -14.06
C ASP C 80 -29.55 11.85 -13.34
N ALA C 81 -30.66 11.99 -14.07
CA ALA C 81 -31.94 12.22 -13.43
C ALA C 81 -32.27 11.03 -12.53
N ASP C 82 -32.98 11.28 -11.43
CA ASP C 82 -33.47 10.19 -10.58
C ASP C 82 -34.18 9.15 -11.42
N ILE C 83 -34.07 7.89 -11.03
CA ILE C 83 -34.92 6.87 -11.64
C ILE C 83 -36.28 6.94 -10.96
N LEU C 84 -37.30 6.38 -11.60
CA LEU C 84 -38.59 6.26 -10.95
C LEU C 84 -38.90 4.79 -10.79
N ALA C 85 -39.06 4.34 -9.54
CA ALA C 85 -39.43 2.96 -9.33
C ALA C 85 -40.94 2.89 -9.37
N ILE C 86 -41.48 2.18 -10.36
CA ILE C 86 -42.92 2.05 -10.48
C ILE C 86 -43.37 0.70 -9.95
N PRO C 87 -44.24 0.71 -8.93
CA PRO C 87 -44.63 -0.52 -8.24
C PRO C 87 -45.59 -1.38 -9.05
N ASP C 88 -45.41 -2.70 -8.97
CA ASP C 88 -46.36 -3.66 -9.49
C ASP C 88 -47.37 -3.97 -8.40
N PRO C 89 -48.57 -3.39 -8.52
CA PRO C 89 -49.62 -3.55 -7.49
C PRO C 89 -49.97 -5.01 -7.23
N GLU C 90 -49.72 -5.88 -8.21
CA GLU C 90 -50.00 -7.30 -8.04
C GLU C 90 -48.97 -8.01 -7.15
N SER C 91 -47.89 -7.31 -6.83
CA SER C 91 -46.84 -7.90 -6.00
C SER C 91 -47.12 -7.60 -4.53
N LEU C 92 -48.15 -6.80 -4.27
CA LEU C 92 -48.39 -6.30 -2.92
C LEU C 92 -48.36 -7.41 -1.89
N ILE C 93 -47.56 -7.24 -0.85
CA ILE C 93 -47.60 -8.14 0.29
C ILE C 93 -47.68 -7.35 1.59
N GLN C 94 -48.75 -7.52 2.36
CA GLN C 94 -48.76 -6.96 3.71
C GLN C 94 -47.80 -7.78 4.57
N LEU C 95 -46.75 -7.14 5.09
CA LEU C 95 -45.75 -7.88 5.87
C LEU C 95 -46.47 -8.72 6.92
N PRO C 96 -46.35 -10.05 6.82
CA PRO C 96 -47.13 -10.89 7.74
C PRO C 96 -46.82 -10.65 9.21
N TRP C 97 -45.60 -10.20 9.54
CA TRP C 97 -45.25 -9.88 10.92
C TRP C 97 -45.55 -8.41 11.27
N LYS C 98 -45.95 -7.63 10.28
CA LYS C 98 -46.24 -6.22 10.50
C LYS C 98 -47.18 -5.70 9.41
N PRO C 99 -48.45 -6.12 9.46
CA PRO C 99 -49.41 -6.00 8.35
C PRO C 99 -49.82 -4.56 8.03
N SER C 100 -49.48 -3.62 8.91
CA SER C 100 -49.72 -2.21 8.63
C SER C 100 -48.75 -1.69 7.56
N VAL C 101 -47.75 -2.48 7.22
CA VAL C 101 -46.84 -2.12 6.14
C VAL C 101 -47.03 -3.04 4.94
N GLY C 102 -47.10 -2.42 3.75
CA GLY C 102 -47.31 -3.16 2.51
C GLY C 102 -46.12 -3.06 1.57
N TRP C 103 -45.51 -4.20 1.29
CA TRP C 103 -44.33 -4.29 0.45
C TRP C 103 -44.75 -4.43 -1.02
N LEU C 104 -44.05 -3.70 -1.90
CA LEU C 104 -44.29 -3.76 -3.33
C LEU C 104 -42.97 -3.90 -4.07
N ALA C 105 -42.89 -4.86 -4.98
CA ALA C 105 -41.79 -4.95 -5.93
C ALA C 105 -41.99 -3.91 -7.03
N ALA C 106 -40.89 -3.36 -7.54
CA ALA C 106 -40.99 -2.26 -8.50
C ALA C 106 -40.06 -2.41 -9.69
N ASP C 107 -40.49 -1.86 -10.82
CA ASP C 107 -39.65 -1.75 -11.99
C ASP C 107 -38.99 -0.38 -11.99
N VAL C 108 -37.67 -0.36 -12.16
CA VAL C 108 -36.93 0.88 -12.27
C VAL C 108 -37.09 1.46 -13.69
N HIS C 109 -37.57 2.70 -13.77
CA HIS C 109 -37.62 3.46 -15.03
C HIS C 109 -36.64 4.63 -14.99
N PHE C 110 -36.04 4.92 -16.14
CA PHE C 110 -35.08 6.00 -16.29
C PHE C 110 -35.38 6.75 -17.61
N GLU C 111 -35.53 8.07 -17.51
CA GLU C 111 -35.76 8.92 -18.68
C GLU C 111 -36.94 8.42 -19.51
N GLY C 112 -37.96 7.93 -18.83
CA GLY C 112 -39.23 7.62 -19.46
C GLY C 112 -39.36 6.19 -19.95
N ARG C 113 -38.35 5.36 -19.68
CA ARG C 113 -38.46 3.96 -20.05
C ARG C 113 -37.86 2.97 -19.03
N PRO C 114 -38.32 1.71 -19.06
CA PRO C 114 -37.76 0.70 -18.15
C PRO C 114 -36.24 0.74 -18.25
N PHE C 115 -35.58 0.69 -17.10
CA PHE C 115 -34.12 0.78 -17.05
C PHE C 115 -33.50 -0.61 -17.25
N PRO C 116 -32.89 -0.84 -18.41
CA PRO C 116 -32.42 -2.19 -18.74
C PRO C 116 -31.38 -2.74 -17.75
N LYS C 117 -30.70 -1.88 -16.98
CA LYS C 117 -29.72 -2.37 -16.01
C LYS C 117 -30.35 -2.93 -14.72
N ALA C 118 -31.64 -2.67 -14.52
CA ALA C 118 -32.33 -3.17 -13.32
C ALA C 118 -32.78 -4.63 -13.49
N PRO C 119 -32.30 -5.53 -12.61
CA PRO C 119 -32.58 -6.96 -12.73
C PRO C 119 -34.02 -7.32 -13.09
N ARG C 120 -35.04 -6.77 -12.42
CA ARG C 120 -36.42 -7.16 -12.71
C ARG C 120 -36.83 -6.81 -14.13
N VAL C 121 -36.38 -5.65 -14.59
CA VAL C 121 -36.64 -5.21 -15.96
C VAL C 121 -35.94 -6.13 -16.97
N ALA C 122 -34.69 -6.49 -16.69
CA ALA C 122 -33.97 -7.38 -17.57
C ALA C 122 -34.69 -8.72 -17.65
N LEU C 123 -35.13 -9.23 -16.51
CA LEU C 123 -35.89 -10.48 -16.50
C LEU C 123 -37.18 -10.36 -17.31
N LYS C 124 -37.91 -9.26 -17.13
CA LYS C 124 -39.17 -9.09 -17.87
C LYS C 124 -38.92 -9.07 -19.40
N SER C 125 -37.79 -8.52 -19.82
CA SER C 125 -37.42 -8.50 -21.24
C SER C 125 -37.25 -9.91 -21.80
N VAL C 126 -36.41 -10.70 -21.14
CA VAL C 126 -36.20 -12.08 -21.56
C VAL C 126 -37.52 -12.86 -21.59
N LEU C 127 -38.34 -12.69 -20.55
CA LEU C 127 -39.64 -13.36 -20.49
C LEU C 127 -40.52 -12.98 -21.68
N ALA C 128 -40.53 -11.69 -22.04
CA ALA C 128 -41.32 -11.24 -23.19
C ALA C 128 -40.86 -11.86 -24.53
N ARG C 129 -39.55 -12.04 -24.72
CA ARG C 129 -39.07 -12.74 -25.91
C ARG C 129 -39.64 -14.16 -25.95
N ALA C 130 -39.38 -14.92 -24.89
CA ALA C 130 -39.90 -16.27 -24.76
C ALA C 130 -41.42 -16.31 -24.88
N ALA C 131 -42.10 -15.39 -24.22
CA ALA C 131 -43.56 -15.37 -24.25
C ALA C 131 -44.02 -15.23 -25.70
N GLY C 132 -43.29 -14.46 -26.47
CA GLY C 132 -43.59 -14.22 -27.87
C GLY C 132 -43.54 -15.47 -28.73
N LYS C 133 -42.94 -16.54 -28.20
CA LYS C 133 -42.90 -17.83 -28.89
C LYS C 133 -43.78 -18.81 -28.14
N ASP C 134 -44.70 -18.27 -27.34
CA ASP C 134 -45.58 -19.10 -26.51
C ASP C 134 -44.80 -20.07 -25.61
N MET C 135 -43.67 -19.58 -25.09
CA MET C 135 -42.90 -20.31 -24.09
C MET C 135 -42.83 -19.50 -22.79
N HIS C 136 -43.42 -20.03 -21.73
CA HIS C 136 -43.46 -19.33 -20.47
C HIS C 136 -42.65 -20.07 -19.41
N LEU C 137 -41.54 -19.46 -18.98
CA LEU C 137 -40.68 -20.08 -17.98
C LEU C 137 -41.36 -20.12 -16.61
N LYS C 138 -41.31 -21.28 -15.97
CA LYS C 138 -41.72 -21.41 -14.58
C LYS C 138 -40.54 -21.98 -13.81
N HIS C 139 -40.31 -21.45 -12.62
CA HIS C 139 -39.26 -22.02 -11.80
C HIS C 139 -39.56 -22.01 -10.30
N GLY C 140 -38.86 -22.87 -9.59
CA GLY C 140 -38.90 -22.91 -8.15
C GLY C 140 -37.47 -22.83 -7.67
N VAL C 141 -37.28 -22.31 -6.47
CA VAL C 141 -35.95 -22.10 -5.91
C VAL C 141 -35.78 -22.83 -4.60
N GLU C 142 -34.63 -23.44 -4.42
CA GLU C 142 -34.26 -24.03 -3.13
C GLU C 142 -33.27 -23.10 -2.41
N CYS C 143 -33.78 -22.05 -1.77
CA CYS C 143 -32.89 -21.09 -1.09
C CYS C 143 -32.49 -21.49 0.31
N GLU C 144 -31.44 -22.31 0.39
CA GLU C 144 -30.80 -22.64 1.64
C GLU C 144 -30.33 -21.38 2.34
N PHE C 145 -30.37 -21.38 3.67
CA PHE C 145 -29.82 -20.32 4.47
C PHE C 145 -29.34 -20.85 5.82
N PHE C 146 -28.42 -20.14 6.47
CA PHE C 146 -28.02 -20.47 7.83
C PHE C 146 -28.72 -19.58 8.83
N LEU C 147 -29.02 -20.12 10.00
CA LEU C 147 -29.42 -19.31 11.14
C LEU C 147 -28.21 -19.17 12.03
N ILE C 148 -27.84 -17.92 12.32
CA ILE C 148 -26.58 -17.62 12.98
C ILE C 148 -26.76 -16.59 14.11
N GLN C 149 -25.72 -16.43 14.91
CA GLN C 149 -25.69 -15.38 15.95
C GLN C 149 -25.81 -13.99 15.32
N PRO C 150 -26.40 -13.05 16.06
CA PRO C 150 -26.47 -11.68 15.50
C PRO C 150 -25.10 -11.14 15.07
N ASP C 151 -24.03 -11.45 15.79
CA ASP C 151 -22.73 -10.91 15.42
C ASP C 151 -22.08 -11.72 14.29
N GLY C 152 -22.77 -12.76 13.83
CA GLY C 152 -22.35 -13.50 12.65
C GLY C 152 -21.19 -14.46 12.88
N SER C 153 -20.76 -14.62 14.12
CA SER C 153 -19.53 -15.39 14.42
C SER C 153 -19.68 -16.91 14.49
N ALA C 154 -20.92 -17.39 14.67
CA ALA C 154 -21.19 -18.81 14.80
C ALA C 154 -22.65 -19.04 14.43
N ILE C 155 -23.04 -20.30 14.23
CA ILE C 155 -24.45 -20.60 14.01
C ILE C 155 -25.26 -20.29 15.27
N SER C 156 -26.56 -20.15 15.12
CA SER C 156 -27.45 -19.78 16.24
C SER C 156 -27.57 -20.86 17.32
N ASP C 157 -27.38 -22.12 16.94
CA ASP C 157 -27.58 -23.25 17.86
C ASP C 157 -26.27 -23.94 18.20
N PRO C 158 -25.69 -23.64 19.38
CA PRO C 158 -24.42 -24.25 19.79
C PRO C 158 -24.56 -25.76 20.00
N ALA C 159 -25.78 -26.27 20.09
CA ALA C 159 -26.00 -27.69 20.31
C ALA C 159 -26.11 -28.49 19.00
N ASP C 160 -26.15 -27.78 17.87
CA ASP C 160 -26.20 -28.42 16.54
C ASP C 160 -24.77 -28.76 16.07
N THR C 161 -24.27 -29.95 16.41
CA THR C 161 -22.82 -30.23 16.32
C THR C 161 -22.36 -31.50 15.58
N GLN C 162 -23.27 -32.43 15.36
CA GLN C 162 -22.90 -33.71 14.75
C GLN C 162 -22.41 -33.65 13.30
N ALA C 163 -21.61 -34.65 12.94
CA ALA C 163 -20.97 -34.74 11.63
C ALA C 163 -21.96 -34.75 10.47
N LYS C 164 -23.04 -35.50 10.62
CA LYS C 164 -24.09 -35.54 9.61
C LYS C 164 -25.37 -34.98 10.16
N PRO C 165 -25.53 -33.66 10.07
CA PRO C 165 -26.67 -33.00 10.70
C PRO C 165 -27.90 -32.92 9.79
N CYS C 166 -27.84 -33.43 8.57
CA CYS C 166 -28.95 -33.22 7.65
C CYS C 166 -30.24 -33.86 8.18
N TYR C 167 -31.33 -33.10 8.12
CA TYR C 167 -32.62 -33.57 8.60
C TYR C 167 -32.61 -33.89 10.09
N ASP C 168 -31.69 -33.30 10.85
CA ASP C 168 -31.62 -33.59 12.28
C ASP C 168 -32.89 -33.11 12.99
N GLN C 169 -33.66 -34.06 13.53
CA GLN C 169 -34.93 -33.78 14.21
C GLN C 169 -34.80 -32.82 15.40
N ASP C 170 -33.80 -33.05 16.23
CA ASP C 170 -33.60 -32.21 17.42
C ASP C 170 -33.36 -30.76 17.02
N ALA C 171 -32.36 -30.55 16.16
CA ALA C 171 -32.00 -29.19 15.73
C ALA C 171 -33.13 -28.52 14.96
N LEU C 172 -33.85 -29.30 14.15
CA LEU C 172 -35.00 -28.76 13.42
C LEU C 172 -36.00 -28.17 14.40
N MET C 173 -36.39 -28.97 15.40
CA MET C 173 -37.42 -28.55 16.35
C MET C 173 -36.91 -27.48 17.31
N ARG C 174 -35.60 -27.43 17.50
CA ARG C 174 -35.01 -26.39 18.35
C ARG C 174 -35.25 -25.02 17.71
N ARG C 175 -35.45 -25.00 16.40
CA ARG C 175 -35.75 -23.75 15.69
C ARG C 175 -37.19 -23.71 15.20
N PHE C 176 -38.04 -24.53 15.79
CA PHE C 176 -39.42 -24.60 15.35
C PHE C 176 -40.08 -23.23 15.30
N ASP C 177 -39.91 -22.44 16.35
CA ASP C 177 -40.67 -21.19 16.46
C ASP C 177 -40.42 -20.28 15.26
N VAL C 178 -39.15 -20.14 14.87
CA VAL C 178 -38.83 -19.29 13.74
C VAL C 178 -39.28 -19.92 12.41
N ILE C 179 -38.95 -21.20 12.22
CA ILE C 179 -39.29 -21.91 10.98
C ILE C 179 -40.81 -21.98 10.78
N ALA C 180 -41.51 -22.38 11.83
CA ALA C 180 -42.96 -22.51 11.79
C ALA C 180 -43.64 -21.17 11.50
N GLU C 181 -43.13 -20.10 12.08
CA GLU C 181 -43.71 -18.78 11.85
C GLU C 181 -43.58 -18.41 10.37
N ILE C 182 -42.38 -18.59 9.82
CA ILE C 182 -42.16 -18.23 8.44
C ILE C 182 -43.02 -19.08 7.49
N CYS C 183 -43.09 -20.38 7.76
CA CYS C 183 -43.86 -21.29 6.92
C CYS C 183 -45.34 -20.92 6.94
N SER C 184 -45.86 -20.63 8.12
CA SER C 184 -47.27 -20.28 8.24
C SER C 184 -47.57 -19.02 7.45
N TYR C 185 -46.62 -18.08 7.44
CA TYR C 185 -46.76 -16.89 6.60
C TYR C 185 -46.90 -17.30 5.14
N MET C 186 -46.04 -18.23 4.70
CA MET C 186 -46.07 -18.65 3.30
C MET C 186 -47.40 -19.35 2.96
N VAL C 187 -47.92 -20.14 3.91
CA VAL C 187 -49.27 -20.69 3.77
C VAL C 187 -50.28 -19.58 3.50
N ASP C 188 -50.32 -18.58 4.38
CA ASP C 188 -51.29 -17.49 4.29
C ASP C 188 -51.09 -16.68 3.02
N LEU C 189 -49.85 -16.50 2.60
CA LEU C 189 -49.55 -15.72 1.40
C LEU C 189 -49.90 -16.45 0.12
N GLY C 190 -50.22 -17.74 0.23
CA GLY C 190 -50.63 -18.51 -0.92
C GLY C 190 -49.50 -19.06 -1.77
N TRP C 191 -48.31 -19.21 -1.17
CA TRP C 191 -47.16 -19.71 -1.93
C TRP C 191 -47.15 -21.23 -2.04
N GLY C 192 -48.00 -21.91 -1.29
CA GLY C 192 -47.97 -23.36 -1.26
C GLY C 192 -46.64 -23.91 -0.76
N PRO C 193 -46.26 -23.57 0.47
CA PRO C 193 -45.10 -24.23 1.08
C PRO C 193 -45.45 -25.70 1.38
N TYR C 194 -44.47 -26.59 1.34
CA TYR C 194 -44.80 -28.00 1.52
C TYR C 194 -43.78 -28.77 2.37
N GLN C 195 -42.61 -28.18 2.61
CA GLN C 195 -41.63 -28.80 3.51
C GLN C 195 -40.61 -27.84 4.07
N ASN C 196 -40.17 -28.14 5.29
CA ASN C 196 -39.09 -27.42 5.94
C ASN C 196 -38.08 -28.43 6.42
N ASP C 197 -36.81 -28.23 6.05
CA ASP C 197 -35.77 -29.18 6.38
C ASP C 197 -34.62 -28.53 7.11
N HIS C 198 -33.97 -29.32 7.95
CA HIS C 198 -32.61 -28.99 8.36
C HIS C 198 -31.72 -29.53 7.24
N GLU C 199 -30.80 -28.69 6.75
CA GLU C 199 -29.94 -29.08 5.65
C GLU C 199 -28.64 -29.71 6.11
N ASP C 200 -27.74 -30.01 5.17
CA ASP C 200 -26.60 -30.88 5.49
C ASP C 200 -25.39 -30.21 6.13
N ALA C 201 -25.56 -28.94 6.50
CA ALA C 201 -24.57 -28.27 7.35
C ALA C 201 -25.22 -27.90 8.67
N ASN C 202 -24.44 -27.93 9.74
CA ASN C 202 -24.93 -27.46 11.04
C ASN C 202 -25.43 -26.03 10.90
N GLY C 203 -26.63 -25.79 11.42
CA GLY C 203 -27.18 -24.45 11.43
C GLY C 203 -27.87 -24.04 10.14
N GLN C 204 -27.88 -24.93 9.15
CA GLN C 204 -28.45 -24.65 7.84
C GLN C 204 -29.87 -25.22 7.69
N PHE C 205 -30.73 -24.47 7.03
CA PHE C 205 -32.13 -24.87 6.82
C PHE C 205 -32.61 -24.56 5.41
N GLU C 206 -33.71 -25.19 5.02
CA GLU C 206 -34.35 -24.92 3.75
C GLU C 206 -35.86 -25.05 3.87
N MET C 207 -36.57 -24.14 3.22
CA MET C 207 -38.02 -24.11 3.24
C MET C 207 -38.51 -23.98 1.82
N ASN C 208 -39.18 -25.01 1.31
CA ASN C 208 -39.65 -25.06 -0.07
C ASN C 208 -41.11 -24.65 -0.27
N TRP C 209 -41.39 -24.06 -1.43
CA TRP C 209 -42.77 -23.74 -1.79
C TRP C 209 -43.00 -23.98 -3.30
N ASP C 210 -44.27 -23.94 -3.73
CA ASP C 210 -44.58 -24.28 -5.13
C ASP C 210 -43.90 -23.38 -6.14
N TYR C 211 -43.46 -23.98 -7.23
CA TYR C 211 -42.96 -23.25 -8.38
C TYR C 211 -44.08 -22.43 -9.00
N ALA C 212 -43.71 -21.45 -9.81
CA ALA C 212 -44.69 -20.57 -10.44
C ALA C 212 -44.05 -19.89 -11.63
N ASP C 213 -44.83 -19.06 -12.32
CA ASP C 213 -44.28 -18.20 -13.36
C ASP C 213 -43.02 -17.52 -12.85
N ALA C 214 -41.99 -17.46 -13.69
CA ALA C 214 -40.70 -16.93 -13.28
C ALA C 214 -40.81 -15.61 -12.52
N LEU C 215 -41.65 -14.69 -12.98
CA LEU C 215 -41.71 -13.38 -12.36
C LEU C 215 -42.30 -13.47 -10.95
N VAL C 216 -43.30 -14.33 -10.79
CA VAL C 216 -43.91 -14.54 -9.48
C VAL C 216 -42.88 -15.13 -8.53
N THR C 217 -42.15 -16.14 -8.99
CA THR C 217 -41.16 -16.81 -8.16
C THR C 217 -39.99 -15.88 -7.81
N ALA C 218 -39.61 -15.04 -8.76
CA ALA C 218 -38.55 -14.08 -8.53
C ALA C 218 -38.93 -13.08 -7.42
N ASP C 219 -40.11 -12.46 -7.54
CA ASP C 219 -40.59 -11.53 -6.52
C ASP C 219 -40.65 -12.22 -5.15
N ARG C 220 -41.11 -13.47 -5.12
CA ARG C 220 -41.26 -14.23 -3.88
C ARG C 220 -39.90 -14.52 -3.31
N HIS C 221 -38.99 -14.93 -4.19
CA HIS C 221 -37.61 -15.17 -3.79
C HIS C 221 -37.04 -13.92 -3.12
N ALA C 222 -37.21 -12.77 -3.77
CA ALA C 222 -36.73 -11.51 -3.20
C ALA C 222 -37.39 -11.22 -1.85
N PHE C 223 -38.70 -11.40 -1.78
CA PHE C 223 -39.38 -11.14 -0.53
C PHE C 223 -38.98 -12.14 0.57
N PHE C 224 -38.77 -13.39 0.16
CA PHE C 224 -38.49 -14.48 1.10
C PHE C 224 -37.22 -14.22 1.90
N LYS C 225 -36.14 -13.84 1.21
CA LYS C 225 -34.90 -13.52 1.91
C LYS C 225 -35.12 -12.45 2.97
N PHE C 226 -35.88 -11.43 2.60
CA PHE C 226 -36.19 -10.33 3.50
C PHE C 226 -37.05 -10.80 4.67
N MET C 227 -38.00 -11.68 4.39
CA MET C 227 -38.84 -12.22 5.44
C MET C 227 -38.00 -13.03 6.42
N VAL C 228 -37.18 -13.93 5.89
CA VAL C 228 -36.37 -14.77 6.75
C VAL C 228 -35.41 -13.94 7.61
N LYS C 229 -34.74 -12.98 7.00
CA LYS C 229 -33.84 -12.09 7.74
C LYS C 229 -34.59 -11.34 8.83
N SER C 230 -35.76 -10.82 8.49
CA SER C 230 -36.55 -10.00 9.40
C SER C 230 -37.07 -10.80 10.57
N VAL C 231 -37.61 -11.98 10.28
CA VAL C 231 -38.17 -12.82 11.34
C VAL C 231 -37.09 -13.39 12.24
N ALA C 232 -35.98 -13.80 11.65
CA ALA C 232 -34.84 -14.25 12.43
C ALA C 232 -34.47 -13.17 13.45
N GLU C 233 -34.33 -11.94 12.97
CA GLU C 233 -33.93 -10.82 13.81
C GLU C 233 -34.93 -10.58 14.95
N ARG C 234 -36.21 -10.77 14.68
CA ARG C 234 -37.23 -10.59 15.71
C ARG C 234 -37.11 -11.68 16.79
N HIS C 235 -36.48 -12.80 16.44
CA HIS C 235 -36.25 -13.87 17.41
C HIS C 235 -34.86 -13.80 18.06
N GLY C 236 -34.16 -12.69 17.88
CA GLY C 236 -32.82 -12.55 18.41
C GLY C 236 -31.76 -13.34 17.66
N LEU C 237 -32.10 -13.78 16.46
CA LEU C 237 -31.17 -14.54 15.63
C LEU C 237 -30.86 -13.74 14.36
N ARG C 238 -30.22 -14.40 13.39
CA ARG C 238 -29.86 -13.74 12.14
C ARG C 238 -29.79 -14.79 11.03
N ALA C 239 -30.15 -14.39 9.82
CA ALA C 239 -30.14 -15.34 8.71
C ALA C 239 -29.09 -14.88 7.72
N THR C 240 -28.43 -15.83 7.07
CA THR C 240 -27.54 -15.46 5.97
C THR C 240 -27.69 -16.42 4.80
N PHE C 241 -27.70 -15.85 3.58
CA PHE C 241 -27.72 -16.64 2.36
C PHE C 241 -26.35 -16.64 1.71
N MET C 242 -25.35 -16.23 2.47
CA MET C 242 -23.97 -16.18 1.99
C MET C 242 -23.58 -17.55 1.44
N PRO C 243 -22.86 -17.57 0.30
CA PRO C 243 -22.53 -18.89 -0.28
C PRO C 243 -21.73 -19.81 0.64
N LYS C 244 -20.66 -19.31 1.26
CA LYS C 244 -19.86 -20.10 2.17
C LYS C 244 -19.49 -19.25 3.40
N PRO C 245 -20.40 -19.14 4.37
CA PRO C 245 -20.23 -18.28 5.56
C PRO C 245 -19.31 -18.87 6.63
N PHE C 246 -19.10 -20.17 6.65
CA PHE C 246 -18.22 -20.78 7.65
C PHE C 246 -17.13 -21.64 7.03
N ALA C 247 -15.90 -21.46 7.47
CA ALA C 247 -14.75 -22.18 6.91
C ALA C 247 -14.90 -23.68 7.04
N HIS C 248 -15.53 -24.14 8.11
CA HIS C 248 -15.55 -25.56 8.43
C HIS C 248 -16.85 -26.25 7.97
N LEU C 249 -17.73 -25.51 7.33
CA LEU C 249 -19.02 -26.10 6.89
C LEU C 249 -19.25 -25.88 5.42
N THR C 250 -20.11 -26.72 4.84
CA THR C 250 -20.50 -26.57 3.44
C THR C 250 -21.42 -25.35 3.32
N GLY C 251 -21.81 -25.02 2.09
CA GLY C 251 -22.45 -23.75 1.83
C GLY C 251 -23.91 -23.72 1.43
N ASN C 252 -24.37 -22.53 1.02
CA ASN C 252 -25.74 -22.28 0.63
C ASN C 252 -25.89 -22.37 -0.89
N GLY C 253 -26.65 -23.35 -1.36
CA GLY C 253 -27.04 -23.37 -2.76
C GLY C 253 -28.31 -22.57 -2.99
N CYS C 254 -28.58 -22.27 -4.26
CA CYS C 254 -29.93 -21.91 -4.67
C CYS C 254 -30.30 -22.75 -5.89
N HIS C 255 -30.38 -24.06 -5.70
CA HIS C 255 -30.72 -24.94 -6.82
C HIS C 255 -32.08 -24.56 -7.42
N THR C 256 -32.15 -24.54 -8.74
CA THR C 256 -33.32 -24.02 -9.43
C THR C 256 -33.98 -25.07 -10.34
N HIS C 257 -35.29 -25.20 -10.21
CA HIS C 257 -36.04 -26.14 -11.01
C HIS C 257 -36.79 -25.38 -12.10
N LEU C 258 -36.74 -25.92 -13.31
CA LEU C 258 -37.10 -25.18 -14.50
C LEU C 258 -37.99 -25.97 -15.44
N SER C 259 -39.05 -25.34 -15.93
CA SER C 259 -39.86 -25.89 -17.01
C SER C 259 -40.42 -24.77 -17.90
N MET C 260 -40.77 -25.10 -19.15
CA MET C 260 -41.37 -24.13 -20.06
C MET C 260 -42.78 -24.59 -20.44
N TRP C 261 -43.71 -23.63 -20.47
CA TRP C 261 -45.12 -23.94 -20.66
C TRP C 261 -45.75 -23.08 -21.75
N THR C 262 -46.75 -23.63 -22.43
CA THR C 262 -47.55 -22.86 -23.37
C THR C 262 -48.62 -22.10 -22.59
N ALA C 263 -49.20 -21.08 -23.20
CA ALA C 263 -50.31 -20.36 -22.58
C ALA C 263 -51.52 -21.28 -22.38
N ALA C 264 -51.74 -22.19 -23.33
CA ALA C 264 -52.80 -23.18 -23.22
C ALA C 264 -52.67 -23.92 -21.91
N GLY C 265 -51.43 -24.11 -21.47
CA GLY C 265 -51.17 -24.70 -20.17
C GLY C 265 -50.49 -26.04 -20.21
N ASP C 266 -49.74 -26.30 -21.29
CA ASP C 266 -48.99 -27.56 -21.38
C ASP C 266 -47.49 -27.38 -21.20
N ASN C 267 -46.88 -28.38 -20.55
CA ASN C 267 -45.47 -28.35 -20.21
C ASN C 267 -44.61 -28.84 -21.38
N LEU C 268 -44.02 -27.88 -22.10
CA LEU C 268 -43.18 -28.14 -23.26
C LEU C 268 -42.02 -29.10 -22.98
N PHE C 269 -41.63 -29.26 -21.71
CA PHE C 269 -40.51 -30.14 -21.37
C PHE C 269 -40.91 -31.62 -21.28
N GLU C 270 -42.22 -31.86 -21.13
CA GLU C 270 -42.76 -33.22 -21.12
C GLU C 270 -42.77 -33.80 -22.54
N GLY C 271 -42.16 -34.98 -22.70
CA GLY C 271 -42.09 -35.59 -24.02
C GLY C 271 -41.82 -37.08 -24.04
N ASP C 272 -41.49 -37.59 -25.23
CA ASP C 272 -41.32 -39.02 -25.42
C ASP C 272 -39.86 -39.46 -25.40
N GLY C 273 -38.96 -38.50 -25.55
CA GLY C 273 -37.54 -38.78 -25.46
C GLY C 273 -37.16 -39.40 -24.14
N GLU C 274 -35.86 -39.57 -23.91
CA GLU C 274 -35.38 -40.20 -22.68
C GLU C 274 -35.87 -39.51 -21.40
N LEU C 275 -36.14 -40.33 -20.37
CA LEU C 275 -36.53 -39.83 -19.06
C LEU C 275 -37.77 -38.95 -19.06
N GLY C 276 -38.59 -39.07 -20.10
CA GLY C 276 -39.84 -38.34 -20.16
C GLY C 276 -39.66 -36.88 -20.54
N LEU C 277 -38.55 -36.57 -21.18
CA LEU C 277 -38.27 -35.22 -21.63
C LEU C 277 -38.43 -35.10 -23.13
N SER C 278 -38.75 -33.90 -23.59
CA SER C 278 -38.99 -33.65 -25.00
C SER C 278 -37.72 -33.15 -25.67
N PRO C 279 -37.74 -33.03 -27.00
CA PRO C 279 -36.63 -32.40 -27.73
C PRO C 279 -36.44 -30.94 -27.31
N THR C 280 -37.53 -30.24 -27.02
CA THR C 280 -37.42 -28.87 -26.58
C THR C 280 -36.66 -28.78 -25.26
N ALA C 281 -37.01 -29.65 -24.32
CA ALA C 281 -36.31 -29.71 -23.06
C ALA C 281 -34.82 -29.95 -23.28
N TYR C 282 -34.48 -30.92 -24.14
CA TYR C 282 -33.09 -31.25 -24.34
C TYR C 282 -32.29 -30.14 -25.02
N ALA C 283 -32.92 -29.43 -25.94
CA ALA C 283 -32.27 -28.29 -26.57
C ALA C 283 -32.05 -27.16 -25.55
N PHE C 284 -33.01 -26.99 -24.63
CA PHE C 284 -32.88 -26.01 -23.54
C PHE C 284 -31.69 -26.40 -22.68
N LEU C 285 -31.61 -27.69 -22.35
CA LEU C 285 -30.50 -28.21 -21.59
C LEU C 285 -29.18 -27.93 -22.31
N GLY C 286 -29.19 -28.08 -23.62
CA GLY C 286 -28.00 -27.86 -24.42
C GLY C 286 -27.52 -26.43 -24.36
N GLY C 287 -28.46 -25.50 -24.22
CA GLY C 287 -28.12 -24.11 -24.00
C GLY C 287 -27.46 -23.90 -22.64
N LEU C 288 -27.98 -24.59 -21.62
CA LEU C 288 -27.38 -24.56 -20.29
C LEU C 288 -25.95 -25.06 -20.32
N ILE C 289 -25.74 -26.21 -20.98
CA ILE C 289 -24.41 -26.79 -21.10
C ILE C 289 -23.51 -25.87 -21.91
N GLY C 290 -24.04 -25.36 -23.01
CA GLY C 290 -23.28 -24.52 -23.92
C GLY C 290 -22.83 -23.20 -23.33
N HIS C 291 -23.64 -22.62 -22.44
CA HIS C 291 -23.36 -21.31 -21.85
C HIS C 291 -23.03 -21.38 -20.36
N ALA C 292 -22.63 -22.57 -19.91
CA ALA C 292 -22.43 -22.83 -18.49
C ALA C 292 -21.38 -21.90 -17.87
N LYS C 293 -20.30 -21.68 -18.60
CA LYS C 293 -19.19 -20.87 -18.08
C LYS C 293 -19.60 -19.43 -17.79
N GLY C 294 -20.19 -18.77 -18.77
CA GLY C 294 -20.67 -17.42 -18.59
C GLY C 294 -21.79 -17.36 -17.56
N LEU C 295 -22.61 -18.39 -17.54
CA LEU C 295 -23.72 -18.46 -16.61
C LEU C 295 -23.22 -18.43 -15.16
N THR C 296 -22.09 -19.09 -14.92
CA THR C 296 -21.48 -19.16 -13.59
C THR C 296 -21.26 -17.77 -12.97
N ALA C 297 -20.85 -16.79 -13.77
CA ALA C 297 -20.60 -15.46 -13.24
C ALA C 297 -21.86 -14.90 -12.63
N VAL C 298 -22.99 -15.08 -13.31
CA VAL C 298 -24.25 -14.54 -12.81
C VAL C 298 -24.80 -15.27 -11.58
N VAL C 299 -24.76 -16.60 -11.62
CA VAL C 299 -25.41 -17.40 -10.58
C VAL C 299 -24.46 -17.81 -9.45
N ASN C 300 -23.15 -17.56 -9.66
CA ASN C 300 -22.14 -17.57 -8.59
C ASN C 300 -21.46 -16.19 -8.54
N PRO C 301 -22.18 -15.17 -8.05
CA PRO C 301 -21.80 -13.78 -8.33
C PRO C 301 -20.83 -13.09 -7.35
N THR C 302 -20.22 -13.83 -6.42
CA THR C 302 -19.29 -13.21 -5.45
C THR C 302 -17.96 -13.94 -5.42
N VAL C 303 -16.92 -13.26 -4.95
CA VAL C 303 -15.64 -13.93 -4.69
C VAL C 303 -15.88 -15.20 -3.88
N ASN C 304 -16.62 -15.03 -2.78
CA ASN C 304 -16.89 -16.11 -1.85
C ASN C 304 -17.56 -17.32 -2.51
N SER C 305 -18.37 -17.06 -3.53
CA SER C 305 -19.03 -18.11 -4.30
C SER C 305 -18.11 -19.24 -4.77
N TYR C 306 -16.87 -18.89 -5.10
CA TYR C 306 -15.98 -19.85 -5.77
C TYR C 306 -15.37 -20.94 -4.87
N LYS C 307 -15.56 -20.78 -3.57
CA LYS C 307 -15.14 -21.80 -2.63
C LYS C 307 -15.87 -23.13 -2.88
N ARG C 308 -17.13 -23.04 -3.29
CA ARG C 308 -17.94 -24.23 -3.49
C ARG C 308 -17.54 -24.97 -4.78
N LEU C 309 -16.78 -24.30 -5.64
CA LEU C 309 -16.32 -24.94 -6.89
C LEU C 309 -14.90 -25.47 -6.81
N ASN C 310 -14.23 -25.24 -5.70
CA ASN C 310 -12.87 -25.73 -5.50
C ASN C 310 -12.80 -26.73 -4.34
N ALA C 311 -13.82 -26.72 -3.50
CA ALA C 311 -13.95 -27.69 -2.42
C ALA C 311 -13.71 -29.12 -2.90
N SER C 321 -13.44 -29.89 -6.71
CA SER C 321 -13.65 -31.17 -7.41
C SER C 321 -14.87 -31.18 -8.35
N PRO C 322 -16.08 -30.93 -7.81
CA PRO C 322 -17.29 -31.04 -8.63
C PRO C 322 -17.52 -29.78 -9.42
N ASN C 323 -16.68 -29.55 -10.42
CA ASN C 323 -16.70 -28.28 -11.12
C ASN C 323 -16.62 -28.43 -12.63
N THR C 324 -17.06 -29.57 -13.14
CA THR C 324 -17.14 -29.76 -14.57
C THR C 324 -18.59 -29.71 -15.06
N ILE C 325 -18.74 -29.60 -16.37
CA ILE C 325 -20.04 -29.36 -16.99
C ILE C 325 -20.60 -30.66 -17.57
N THR C 326 -21.62 -31.22 -16.90
CA THR C 326 -22.30 -32.44 -17.32
C THR C 326 -23.72 -32.54 -16.75
N TYR C 327 -24.55 -33.41 -17.33
CA TYR C 327 -25.82 -33.83 -16.72
C TYR C 327 -25.77 -35.36 -16.73
N GLY C 328 -26.63 -36.07 -16.01
CA GLY C 328 -27.90 -35.62 -15.48
C GLY C 328 -28.61 -36.90 -15.11
N GLY C 329 -29.93 -36.94 -15.23
CA GLY C 329 -30.67 -38.07 -14.69
C GLY C 329 -31.12 -37.69 -13.30
N ASN C 330 -31.82 -38.57 -12.60
CA ASN C 330 -32.21 -38.28 -11.23
C ASN C 330 -31.03 -38.48 -10.28
N ASN C 331 -30.08 -37.54 -10.38
CA ASN C 331 -28.73 -37.71 -9.89
C ASN C 331 -28.16 -36.36 -9.44
N ARG C 332 -27.94 -36.21 -8.14
CA ARG C 332 -27.53 -34.93 -7.56
C ARG C 332 -26.01 -34.73 -7.60
N THR C 333 -25.37 -35.23 -8.64
CA THR C 333 -23.92 -35.20 -8.69
C THR C 333 -23.44 -34.42 -9.92
N HIS C 334 -24.40 -33.89 -10.67
CA HIS C 334 -24.07 -33.17 -11.90
C HIS C 334 -24.48 -31.70 -11.83
N MET C 335 -23.96 -30.91 -12.76
CA MET C 335 -24.36 -29.52 -12.88
C MET C 335 -25.85 -29.39 -13.19
N VAL C 336 -26.36 -30.31 -14.00
CA VAL C 336 -27.79 -30.36 -14.27
C VAL C 336 -28.33 -31.72 -13.91
N ARG C 337 -29.45 -31.74 -13.20
CA ARG C 337 -30.10 -33.00 -12.85
C ARG C 337 -31.50 -33.05 -13.45
N ILE C 338 -31.91 -34.25 -13.89
CA ILE C 338 -33.26 -34.49 -14.36
C ILE C 338 -34.03 -35.24 -13.27
N PRO C 339 -34.87 -34.52 -12.52
CA PRO C 339 -35.50 -35.08 -11.33
C PRO C 339 -36.67 -35.97 -11.69
N ASP C 340 -37.24 -35.71 -12.86
CA ASP C 340 -38.52 -36.28 -13.23
C ASP C 340 -38.88 -35.74 -14.60
N ALA C 341 -39.91 -36.31 -15.22
CA ALA C 341 -40.34 -35.85 -16.53
C ALA C 341 -40.81 -34.39 -16.44
N GLY C 342 -40.57 -33.63 -17.50
CA GLY C 342 -41.03 -32.26 -17.60
C GLY C 342 -40.34 -31.25 -16.70
N ARG C 343 -39.07 -31.50 -16.38
CA ARG C 343 -38.36 -30.66 -15.40
C ARG C 343 -36.84 -30.83 -15.47
N LEU C 344 -36.13 -29.71 -15.43
CA LEU C 344 -34.68 -29.72 -15.29
C LEU C 344 -34.28 -29.01 -13.99
N GLU C 345 -33.28 -29.53 -13.29
CA GLU C 345 -32.77 -28.84 -12.12
C GLU C 345 -31.37 -28.31 -12.39
N LEU C 346 -31.20 -26.99 -12.35
CA LEU C 346 -29.86 -26.43 -12.47
C LEU C 346 -29.25 -26.35 -11.06
N ARG C 347 -28.22 -27.15 -10.83
CA ARG C 347 -27.62 -27.24 -9.52
C ARG C 347 -26.38 -26.34 -9.44
N LEU C 348 -26.46 -25.18 -10.04
CA LEU C 348 -25.28 -24.32 -10.14
C LEU C 348 -25.39 -23.05 -9.26
N PRO C 349 -26.55 -22.39 -9.26
CA PRO C 349 -26.68 -21.11 -8.54
C PRO C 349 -26.44 -21.26 -7.03
N ASP C 350 -25.83 -20.25 -6.40
CA ASP C 350 -25.64 -20.26 -4.95
C ASP C 350 -26.56 -19.27 -4.26
N GLY C 351 -26.41 -19.15 -2.94
CA GLY C 351 -27.30 -18.32 -2.14
C GLY C 351 -27.22 -16.84 -2.46
N ALA C 352 -26.16 -16.44 -3.14
CA ALA C 352 -25.97 -15.03 -3.52
C ALA C 352 -26.67 -14.68 -4.85
N ALA C 353 -27.18 -15.67 -5.55
CA ALA C 353 -27.74 -15.43 -6.89
C ALA C 353 -28.85 -14.39 -6.88
N ASN C 354 -28.77 -13.42 -7.76
CA ASN C 354 -29.82 -12.42 -7.87
C ASN C 354 -31.16 -13.08 -8.27
N PRO C 355 -32.23 -12.83 -7.50
CA PRO C 355 -33.51 -13.51 -7.77
C PRO C 355 -34.08 -13.17 -9.15
N TYR C 356 -33.64 -12.06 -9.75
CA TYR C 356 -34.11 -11.70 -11.10
C TYR C 356 -33.09 -12.03 -12.19
N LEU C 357 -31.83 -11.66 -11.97
CA LEU C 357 -30.78 -11.94 -12.95
C LEU C 357 -30.58 -13.43 -13.21
N MET C 358 -30.75 -14.25 -12.17
CA MET C 358 -30.53 -15.69 -12.32
C MET C 358 -31.49 -16.38 -13.30
N PRO C 359 -32.81 -16.26 -13.07
CA PRO C 359 -33.74 -16.82 -14.06
C PRO C 359 -33.56 -16.16 -15.43
N ALA C 360 -33.30 -14.86 -15.47
CA ALA C 360 -33.09 -14.17 -16.74
C ALA C 360 -31.93 -14.77 -17.52
N ALA C 361 -30.81 -15.00 -16.83
CA ALA C 361 -29.62 -15.51 -17.48
C ALA C 361 -29.84 -16.96 -17.88
N ILE C 362 -30.52 -17.70 -17.02
CA ILE C 362 -30.84 -19.08 -17.33
C ILE C 362 -31.74 -19.16 -18.56
N LEU C 363 -32.74 -18.30 -18.61
CA LEU C 363 -33.68 -18.29 -19.72
C LEU C 363 -33.00 -17.88 -21.01
N ALA C 364 -32.12 -16.88 -20.93
CA ALA C 364 -31.34 -16.46 -22.09
C ALA C 364 -30.58 -17.64 -22.69
N ALA C 365 -29.88 -18.38 -21.83
CA ALA C 365 -29.10 -19.53 -22.28
C ALA C 365 -30.00 -20.62 -22.87
N GLY C 366 -31.12 -20.87 -22.19
CA GLY C 366 -32.00 -21.96 -22.59
C GLY C 366 -32.66 -21.70 -23.92
N LEU C 367 -33.19 -20.48 -24.07
CA LEU C 367 -33.81 -20.04 -25.32
C LEU C 367 -32.85 -20.20 -26.48
N ASP C 368 -31.58 -19.88 -26.24
CA ASP C 368 -30.59 -20.02 -27.28
C ASP C 368 -30.42 -21.48 -27.63
N GLY C 369 -30.43 -22.33 -26.60
CA GLY C 369 -30.35 -23.76 -26.81
C GLY C 369 -31.47 -24.19 -27.73
N ILE C 370 -32.67 -23.67 -27.47
CA ILE C 370 -33.83 -24.04 -28.26
C ILE C 370 -33.76 -23.51 -29.69
N GLU C 371 -33.35 -22.26 -29.86
CA GLU C 371 -33.26 -21.67 -31.19
C GLU C 371 -32.17 -22.30 -32.06
N THR C 372 -31.07 -22.70 -31.43
CA THR C 372 -29.96 -23.31 -32.18
C THR C 372 -30.00 -24.84 -32.15
N GLN C 373 -31.08 -25.41 -31.64
CA GLN C 373 -31.20 -26.86 -31.51
C GLN C 373 -29.96 -27.45 -30.86
N ALA C 374 -29.53 -26.88 -29.75
CA ALA C 374 -28.27 -27.27 -29.12
C ALA C 374 -28.28 -28.73 -28.66
N ASP C 375 -27.14 -29.39 -28.80
CA ASP C 375 -26.99 -30.77 -28.37
C ASP C 375 -26.26 -30.81 -27.02
N PRO C 376 -26.94 -31.30 -25.98
CA PRO C 376 -26.37 -31.33 -24.63
C PRO C 376 -25.35 -32.44 -24.42
N GLY C 377 -25.27 -33.36 -25.37
CA GLY C 377 -24.36 -34.49 -25.25
C GLY C 377 -25.01 -35.67 -24.55
N GLN C 378 -24.19 -36.64 -24.16
CA GLN C 378 -24.69 -37.85 -23.51
C GLN C 378 -24.95 -37.65 -22.02
N ARG C 379 -26.11 -38.11 -21.56
CA ARG C 379 -26.37 -38.17 -20.12
C ARG C 379 -25.40 -39.13 -19.45
N LEU C 380 -24.77 -38.68 -18.38
CA LEU C 380 -23.87 -39.51 -17.59
C LEU C 380 -24.61 -40.03 -16.36
N ASP C 381 -24.83 -41.35 -16.31
CA ASP C 381 -25.54 -41.94 -15.18
C ASP C 381 -24.58 -42.37 -14.07
N ILE C 382 -23.57 -41.57 -13.80
CA ILE C 382 -22.55 -41.95 -12.84
C ILE C 382 -22.48 -41.00 -11.65
N ASP C 383 -21.78 -41.44 -10.61
CA ASP C 383 -21.49 -40.62 -9.45
C ASP C 383 -20.25 -39.81 -9.75
N MET C 384 -20.44 -38.51 -9.99
CA MET C 384 -19.31 -37.64 -10.31
C MET C 384 -18.33 -37.53 -9.15
N TYR C 385 -18.81 -37.72 -7.93
CA TYR C 385 -17.94 -37.66 -6.75
C TYR C 385 -16.95 -38.81 -6.68
N VAL C 386 -17.28 -39.94 -7.33
CA VAL C 386 -16.41 -41.10 -7.33
C VAL C 386 -15.70 -41.29 -8.67
N GLU C 387 -16.45 -41.21 -9.76
CA GLU C 387 -15.92 -41.46 -11.10
C GLU C 387 -15.78 -40.21 -11.96
N GLY C 388 -15.96 -39.04 -11.36
CA GLY C 388 -15.97 -37.79 -12.11
C GLY C 388 -14.61 -37.38 -12.66
N HIS C 389 -13.55 -37.81 -11.98
CA HIS C 389 -12.17 -37.48 -12.36
C HIS C 389 -11.76 -38.10 -13.70
N SER C 390 -12.44 -39.18 -14.09
CA SER C 390 -12.06 -39.92 -15.28
C SER C 390 -12.87 -39.53 -16.51
N VAL C 391 -13.81 -38.62 -16.33
CA VAL C 391 -14.66 -38.18 -17.44
C VAL C 391 -14.03 -36.98 -18.14
N GLU C 392 -14.22 -36.90 -19.45
CA GLU C 392 -13.77 -35.74 -20.20
C GLU C 392 -14.92 -34.75 -20.35
N ALA C 393 -14.77 -33.59 -19.71
CA ALA C 393 -15.81 -32.57 -19.67
C ALA C 393 -15.20 -31.19 -19.52
N GLU C 394 -15.91 -30.18 -20.00
CA GLU C 394 -15.46 -28.80 -19.85
C GLU C 394 -15.58 -28.38 -18.37
N GLN C 395 -14.61 -27.59 -17.91
CA GLN C 395 -14.61 -27.16 -16.53
C GLN C 395 -15.12 -25.73 -16.39
N LEU C 396 -16.00 -25.51 -15.41
CA LEU C 396 -16.48 -24.18 -15.03
C LEU C 396 -15.31 -23.29 -14.61
N PRO C 397 -15.50 -21.96 -14.69
CA PRO C 397 -14.46 -21.04 -14.19
C PRO C 397 -14.35 -21.15 -12.66
N LEU C 398 -13.14 -21.00 -12.13
CA LEU C 398 -12.88 -21.39 -10.73
C LEU C 398 -12.68 -20.20 -9.79
N ASN C 399 -12.78 -18.99 -10.33
CA ASN C 399 -12.74 -17.78 -9.53
C ASN C 399 -13.57 -16.70 -10.21
N LEU C 400 -13.93 -15.66 -9.46
CA LEU C 400 -14.83 -14.62 -9.95
C LEU C 400 -14.31 -13.95 -11.22
N LEU C 401 -13.01 -13.65 -11.23
CA LEU C 401 -12.38 -12.97 -12.36
C LEU C 401 -12.55 -13.79 -13.63
N ASP C 402 -12.17 -15.06 -13.57
CA ASP C 402 -12.31 -15.94 -14.74
C ASP C 402 -13.77 -16.09 -15.14
N ALA C 403 -14.68 -16.05 -14.16
CA ALA C 403 -16.10 -16.25 -14.47
C ALA C 403 -16.63 -15.02 -15.20
N VAL C 404 -16.18 -13.84 -14.76
CA VAL C 404 -16.55 -12.62 -15.44
C VAL C 404 -16.01 -12.61 -16.87
N ARG C 405 -14.75 -13.00 -17.04
CA ARG C 405 -14.18 -13.11 -18.38
C ARG C 405 -15.07 -14.00 -19.26
N ALA C 406 -15.58 -15.08 -18.70
CA ALA C 406 -16.39 -15.99 -19.49
C ALA C 406 -17.70 -15.33 -19.88
N LEU C 407 -18.28 -14.57 -18.94
CA LEU C 407 -19.52 -13.84 -19.19
C LEU C 407 -19.32 -12.88 -20.36
N GLU C 408 -18.22 -12.15 -20.32
CA GLU C 408 -17.88 -11.18 -21.34
C GLU C 408 -17.61 -11.84 -22.71
N ALA C 409 -17.09 -13.06 -22.70
CA ALA C 409 -16.75 -13.76 -23.94
C ALA C 409 -17.99 -14.38 -24.55
N ASP C 410 -19.02 -14.52 -23.74
CA ASP C 410 -20.23 -15.18 -24.19
C ASP C 410 -21.24 -14.12 -24.63
N GLU C 411 -21.06 -13.64 -25.86
CA GLU C 411 -21.85 -12.51 -26.35
C GLU C 411 -23.32 -12.86 -26.53
N VAL C 412 -23.61 -14.14 -26.70
CA VAL C 412 -24.99 -14.54 -26.82
C VAL C 412 -25.67 -14.36 -25.47
N LEU C 413 -25.01 -14.83 -24.42
CA LEU C 413 -25.51 -14.67 -23.07
C LEU C 413 -25.53 -13.20 -22.66
N ALA C 414 -24.43 -12.49 -22.90
CA ALA C 414 -24.37 -11.08 -22.56
C ALA C 414 -25.48 -10.31 -23.28
N GLY C 415 -25.62 -10.58 -24.58
CA GLY C 415 -26.63 -9.92 -25.37
C GLY C 415 -28.03 -10.22 -24.87
N GLY C 416 -28.23 -11.42 -24.34
CA GLY C 416 -29.52 -11.82 -23.82
C GLY C 416 -29.92 -11.12 -22.54
N LEU C 417 -28.93 -10.70 -21.76
CA LEU C 417 -29.19 -9.96 -20.51
C LEU C 417 -29.13 -8.46 -20.72
N GLY C 418 -28.67 -8.03 -21.89
CA GLY C 418 -28.60 -6.62 -22.19
C GLY C 418 -27.57 -5.90 -21.33
N ALA C 419 -27.75 -4.59 -21.19
CA ALA C 419 -26.85 -3.74 -20.42
C ALA C 419 -26.61 -4.21 -18.98
N ALA C 420 -27.52 -5.00 -18.43
CA ALA C 420 -27.32 -5.55 -17.09
C ALA C 420 -26.00 -6.33 -17.03
N ALA C 421 -25.71 -7.08 -18.08
CA ALA C 421 -24.51 -7.92 -18.14
C ALA C 421 -23.21 -7.12 -17.95
N ALA C 422 -23.04 -6.08 -18.75
CA ALA C 422 -21.82 -5.26 -18.68
C ALA C 422 -21.70 -4.50 -17.37
N ALA C 423 -22.83 -4.07 -16.81
CA ALA C 423 -22.79 -3.33 -15.54
C ALA C 423 -22.42 -4.28 -14.39
N PHE C 424 -23.03 -5.47 -14.43
CA PHE C 424 -22.72 -6.55 -13.52
C PHE C 424 -21.23 -6.87 -13.55
N ALA C 425 -20.69 -7.14 -14.74
CA ALA C 425 -19.28 -7.46 -14.87
C ALA C 425 -18.40 -6.34 -14.33
N LYS C 426 -18.79 -5.10 -14.60
CA LYS C 426 -18.05 -3.96 -14.07
C LYS C 426 -17.97 -3.99 -12.54
N PHE C 427 -19.12 -4.14 -11.88
CA PHE C 427 -19.14 -4.20 -10.43
C PHE C 427 -18.31 -5.38 -9.90
N LYS C 428 -18.48 -6.54 -10.50
CA LYS C 428 -17.77 -7.73 -10.03
C LYS C 428 -16.24 -7.62 -10.19
N ARG C 429 -15.80 -6.98 -11.27
CA ARG C 429 -14.39 -6.77 -11.46
C ARG C 429 -13.88 -5.88 -10.36
N ALA C 430 -14.71 -4.93 -9.93
CA ALA C 430 -14.34 -4.01 -8.85
C ALA C 430 -14.29 -4.73 -7.50
N GLU C 431 -15.27 -5.59 -7.25
CA GLU C 431 -15.28 -6.42 -6.05
C GLU C 431 -14.04 -7.28 -6.00
N TRP C 432 -13.69 -7.86 -7.14
CA TRP C 432 -12.48 -8.68 -7.23
C TRP C 432 -11.23 -7.89 -6.83
N ALA C 433 -11.06 -6.71 -7.42
CA ALA C 433 -9.90 -5.88 -7.08
C ALA C 433 -9.88 -5.48 -5.61
N ASP C 434 -11.05 -5.21 -5.04
CA ASP C 434 -11.19 -4.85 -3.62
C ASP C 434 -10.74 -6.02 -2.75
N TYR C 435 -11.28 -7.20 -3.03
CA TYR C 435 -10.84 -8.43 -2.38
C TYR C 435 -9.32 -8.61 -2.43
N LYS C 436 -8.73 -8.56 -3.62
CA LYS C 436 -7.32 -8.83 -3.76
C LYS C 436 -6.46 -7.80 -2.99
N SER C 437 -6.98 -6.59 -2.83
CA SER C 437 -6.25 -5.53 -2.15
C SER C 437 -6.18 -5.70 -0.62
N GLN C 438 -7.04 -6.53 -0.05
CA GLN C 438 -6.99 -6.86 1.38
C GLN C 438 -5.73 -7.69 1.71
N LEU C 439 -5.01 -7.27 2.74
CA LEU C 439 -3.88 -8.00 3.31
C LEU C 439 -4.43 -9.06 4.25
N THR C 440 -4.30 -10.32 3.88
CA THR C 440 -4.85 -11.40 4.67
C THR C 440 -3.80 -11.97 5.62
N GLU C 441 -4.25 -12.57 6.71
CA GLU C 441 -3.32 -13.21 7.62
C GLU C 441 -2.56 -14.36 6.94
N TRP C 442 -3.23 -15.10 6.06
CA TRP C 442 -2.56 -16.13 5.28
C TRP C 442 -1.33 -15.54 4.57
N GLU C 443 -1.50 -14.39 3.91
CA GLU C 443 -0.35 -13.76 3.25
C GLU C 443 0.81 -13.52 4.19
N ARG C 444 0.52 -12.93 5.35
CA ARG C 444 1.55 -12.61 6.33
C ARG C 444 2.20 -13.88 6.91
N ARG C 445 1.38 -14.85 7.27
CA ARG C 445 1.91 -16.09 7.80
C ARG C 445 2.84 -16.78 6.80
N THR C 446 2.45 -16.80 5.53
CA THR C 446 3.22 -17.52 4.55
C THR C 446 4.28 -16.69 3.81
N THR C 447 4.34 -15.37 4.02
CA THR C 447 5.29 -14.58 3.24
C THR C 447 6.27 -13.74 4.08
N LEU C 448 5.93 -13.50 5.35
CA LEU C 448 6.80 -12.71 6.23
C LEU C 448 8.26 -13.19 6.19
N ASP C 449 8.49 -14.48 5.97
CA ASP C 449 9.84 -15.03 6.00
C ASP C 449 10.44 -15.36 4.64
N CYS C 450 9.88 -14.78 3.57
CA CYS C 450 10.36 -15.10 2.21
C CYS C 450 11.85 -14.74 1.99
PB ADP D . 20.07 38.92 25.58
O1B ADP D . 19.33 40.07 25.01
O2B ADP D . 20.87 39.46 26.72
O3B ADP D . 19.12 37.81 25.96
PA ADP D . 22.23 37.39 24.76
O1A ADP D . 23.47 38.14 25.23
O2A ADP D . 21.79 36.25 25.72
O3A ADP D . 21.07 38.46 24.47
O5' ADP D . 22.59 36.78 23.31
C5' ADP D . 21.63 36.07 22.57
C4' ADP D . 22.17 35.59 21.31
O4' ADP D . 22.52 36.77 20.49
C3' ADP D . 23.43 34.86 21.59
O3' ADP D . 23.49 33.73 20.81
C2' ADP D . 24.46 35.85 21.25
O2' ADP D . 25.70 35.35 20.96
C1' ADP D . 23.85 36.58 20.10
N9 ADP D . 24.52 37.82 19.81
C8 ADP D . 25.21 38.59 20.65
N7 ADP D . 25.68 39.63 19.96
C5 ADP D . 25.30 39.52 18.68
C6 ADP D . 25.51 40.29 17.54
N6 ADP D . 26.29 41.54 17.64
N1 ADP D . 24.98 39.88 16.38
C2 ADP D . 24.27 38.75 16.29
N3 ADP D . 24.04 37.99 17.37
C4 ADP D . 24.55 38.35 18.56
PB ADP E . 21.37 4.58 -8.61
O1B ADP E . 21.08 4.83 -10.08
O2B ADP E . 20.15 4.23 -7.79
O3B ADP E . 22.29 5.58 -7.97
PA ADP E . 23.37 2.95 -7.53
O1A ADP E . 24.60 3.73 -7.93
O2A ADP E . 22.77 3.13 -6.16
O3A ADP E . 22.22 3.22 -8.62
O5' ADP E . 23.68 1.39 -7.74
C5' ADP E . 22.64 0.42 -7.67
C4' ADP E . 23.25 -0.97 -7.76
O4' ADP E . 23.58 -1.27 -9.11
C3' ADP E . 24.54 -1.05 -6.95
O3' ADP E . 24.51 -2.22 -6.13
C2' ADP E . 25.64 -1.18 -7.97
O2' ADP E . 26.67 -2.05 -7.52
C1' ADP E . 24.93 -1.74 -9.20
N9 ADP E . 25.59 -1.31 -10.44
C8 ADP E . 26.24 -0.15 -10.65
N7 ADP E . 26.73 -0.08 -11.92
C5 ADP E . 26.39 -1.21 -12.54
C6 ADP E . 26.58 -1.80 -13.89
N6 ADP E . 27.26 -1.13 -14.85
N1 ADP E . 26.06 -3.02 -14.13
C2 ADP E . 25.37 -3.71 -13.19
N3 ADP E . 25.17 -3.24 -11.94
C4 ADP E . 25.63 -2.02 -11.57
PB ADP F . -36.87 -32.80 -5.56
O1B ADP F . -36.09 -31.75 -4.80
O2B ADP F . -37.52 -33.84 -4.69
O3B ADP F . -36.16 -33.35 -6.76
PA ADP F . -39.14 -31.19 -5.24
O1A ADP F . -40.48 -31.89 -5.29
O2A ADP F . -38.48 -30.94 -3.91
O3A ADP F . -38.11 -32.00 -6.18
O5' ADP F . -39.30 -29.78 -5.99
C5' ADP F . -38.22 -28.85 -6.01
C4' ADP F . -38.75 -27.49 -6.45
O4' ADP F . -38.99 -27.49 -7.87
C3' ADP F . -40.07 -27.18 -5.77
O3' ADP F . -40.02 -25.87 -5.19
C2' ADP F . -41.11 -27.20 -6.87
O2' ADP F . -42.05 -26.14 -6.70
C1' ADP F . -40.31 -27.00 -8.14
N9 ADP F . -40.93 -27.72 -9.28
C8 ADP F . -41.61 -28.87 -9.22
N7 ADP F . -42.05 -29.25 -10.45
C5 ADP F . -41.65 -28.32 -11.32
C6 ADP F . -41.78 -28.09 -12.77
N6 ADP F . -42.44 -28.96 -13.58
N1 ADP F . -41.20 -26.98 -13.30
C2 ADP F . -40.54 -26.10 -12.52
N3 ADP F . -40.39 -26.23 -11.20
C4 ADP F . -40.91 -27.30 -10.55
#